data_2OT9
# 
_entry.id   2OT9 
# 
_audit_conform.dict_name       mmcif_pdbx.dic 
_audit_conform.dict_version    5.399 
_audit_conform.dict_location   http://mmcif.pdb.org/dictionaries/ascii/mmcif_pdbx.dic 
# 
loop_
_database_2.database_id 
_database_2.database_code 
_database_2.pdbx_database_accession 
_database_2.pdbx_DOI 
PDB   2OT9         pdb_00002ot9 10.2210/pdb2ot9/pdb 
RCSB  RCSB041557   ?            ?                   
WWPDB D_1000041557 ?            ?                   
# 
loop_
_pdbx_audit_revision_history.ordinal 
_pdbx_audit_revision_history.data_content_type 
_pdbx_audit_revision_history.major_revision 
_pdbx_audit_revision_history.minor_revision 
_pdbx_audit_revision_history.revision_date 
1 'Structure model' 1 0 2007-03-13 
2 'Structure model' 1 1 2008-05-01 
3 'Structure model' 1 2 2011-07-13 
4 'Structure model' 1 3 2024-11-20 
# 
_pdbx_audit_revision_details.ordinal             1 
_pdbx_audit_revision_details.revision_ordinal    1 
_pdbx_audit_revision_details.data_content_type   'Structure model' 
_pdbx_audit_revision_details.provider            repository 
_pdbx_audit_revision_details.type                'Initial release' 
_pdbx_audit_revision_details.description         ? 
_pdbx_audit_revision_details.details             ? 
# 
loop_
_pdbx_audit_revision_group.ordinal 
_pdbx_audit_revision_group.revision_ordinal 
_pdbx_audit_revision_group.data_content_type 
_pdbx_audit_revision_group.group 
1 2 'Structure model' 'Version format compliance' 
2 3 'Structure model' Advisory                    
3 3 'Structure model' 'Source and taxonomy'       
4 3 'Structure model' 'Version format compliance' 
5 4 'Structure model' 'Data collection'           
6 4 'Structure model' 'Database references'       
7 4 'Structure model' 'Derived calculations'      
8 4 'Structure model' 'Structure summary'         
# 
loop_
_pdbx_audit_revision_category.ordinal 
_pdbx_audit_revision_category.revision_ordinal 
_pdbx_audit_revision_category.data_content_type 
_pdbx_audit_revision_category.category 
1 4 'Structure model' chem_comp_atom            
2 4 'Structure model' chem_comp_bond            
3 4 'Structure model' database_2                
4 4 'Structure model' pdbx_entry_details        
5 4 'Structure model' pdbx_modification_feature 
6 4 'Structure model' struct_conn               
7 4 'Structure model' struct_ref_seq_dif        
8 4 'Structure model' struct_site               
# 
loop_
_pdbx_audit_revision_item.ordinal 
_pdbx_audit_revision_item.revision_ordinal 
_pdbx_audit_revision_item.data_content_type 
_pdbx_audit_revision_item.item 
1 4 'Structure model' '_database_2.pdbx_DOI'                
2 4 'Structure model' '_database_2.pdbx_database_accession' 
3 4 'Structure model' '_struct_conn.pdbx_leaving_atom_flag' 
4 4 'Structure model' '_struct_ref_seq_dif.details'         
5 4 'Structure model' '_struct_site.pdbx_auth_asym_id'      
6 4 'Structure model' '_struct_site.pdbx_auth_comp_id'      
7 4 'Structure model' '_struct_site.pdbx_auth_seq_id'       
# 
_pdbx_database_status.status_code                     REL 
_pdbx_database_status.entry_id                        2OT9 
_pdbx_database_status.recvd_initial_deposition_date   2007-02-07 
_pdbx_database_status.deposit_site                    RCSB 
_pdbx_database_status.process_site                    RCSB 
_pdbx_database_status.status_code_sf                  REL 
_pdbx_database_status.status_code_mr                  ? 
_pdbx_database_status.SG_entry                        Y 
_pdbx_database_status.pdb_format_compatible           Y 
_pdbx_database_status.status_code_cs                  ? 
_pdbx_database_status.status_code_nmr_data            ? 
_pdbx_database_status.methods_development_category    ? 
# 
_pdbx_database_related.db_name        TargetDB 
_pdbx_database_related.db_id          APC84959 
_pdbx_database_related.details        . 
_pdbx_database_related.content_type   unspecified 
# 
loop_
_audit_author.name 
_audit_author.pdbx_ordinal 
'Wu, R.'                                        1 
'Clancy, S.'                                    2 
'Joachimiak, A.'                                3 
'Midwest Center for Structural Genomics (MCSG)' 4 
# 
_citation.id                        primary 
_citation.title                     'The crystal structure of YaeQ protein from Pseudomonas syringae' 
_citation.journal_abbrev            'To be Published' 
_citation.journal_volume            ? 
_citation.page_first                ? 
_citation.page_last                 ? 
_citation.year                      ? 
_citation.journal_id_ASTM           ? 
_citation.country                   ? 
_citation.journal_id_ISSN           ? 
_citation.journal_id_CSD            0353 
_citation.book_publisher            ? 
_citation.pdbx_database_id_PubMed   ? 
_citation.pdbx_database_id_DOI      ? 
# 
loop_
_citation_author.citation_id 
_citation_author.name 
_citation_author.ordinal 
_citation_author.identifier_ORCID 
primary 'Wu, R.'         1 ? 
primary 'Clancy, S.'     2 ? 
primary 'Joachimiak, A.' 3 ? 
# 
loop_
_entity.id 
_entity.type 
_entity.src_method 
_entity.pdbx_description 
_entity.formula_weight 
_entity.pdbx_number_of_molecules 
_entity.pdbx_ec 
_entity.pdbx_mutation 
_entity.pdbx_fragment 
_entity.details 
1 polymer     man 'Hypothetical protein'   20899.182 1   ? ? ? ? 
2 non-polymer syn 'SODIUM ION'             22.990    1   ? ? ? ? 
3 non-polymer syn 'S,R MESO-TARTARIC ACID' 150.087   1   ? ? ? ? 
4 water       nat water                    18.015    111 ? ? ? ? 
# 
_entity_poly.entity_id                      1 
_entity_poly.type                           'polypeptide(L)' 
_entity_poly.nstd_linkage                   no 
_entity_poly.nstd_monomer                   yes 
_entity_poly.pdbx_seq_one_letter_code       
;MAQPSTTYKFELNLTDLDRGVYESVKQTIARHPSETEER(MSE)TVRLLAYAFWYNEQLAFGRGLSDVDEPALWEKSLDD
RVLHWIEVGQPDADRLTWCSRRTERTSLLAYGSLRVWEGKVIPAIKNLKNVNIAAVPQDVLEVLAKD(MSE)PRVIKWDV
(MSE)ISEGTVFVTDDRGQHEVQLQWLTGERG
;
_entity_poly.pdbx_seq_one_letter_code_can   
;MAQPSTTYKFELNLTDLDRGVYESVKQTIARHPSETEERMTVRLLAYAFWYNEQLAFGRGLSDVDEPALWEKSLDDRVLH
WIEVGQPDADRLTWCSRRTERTSLLAYGSLRVWEGKVIPAIKNLKNVNIAAVPQDVLEVLAKDMPRVIKWDVMISEGTVF
VTDDRGQHEVQLQWLTGERG
;
_entity_poly.pdbx_strand_id                 A 
_entity_poly.pdbx_target_identifier         APC84959 
# 
loop_
_pdbx_entity_nonpoly.entity_id 
_pdbx_entity_nonpoly.name 
_pdbx_entity_nonpoly.comp_id 
2 'SODIUM ION'             NA  
3 'S,R MESO-TARTARIC ACID' SRT 
4 water                    HOH 
# 
loop_
_entity_poly_seq.entity_id 
_entity_poly_seq.num 
_entity_poly_seq.mon_id 
_entity_poly_seq.hetero 
1 1   MET n 
1 2   ALA n 
1 3   GLN n 
1 4   PRO n 
1 5   SER n 
1 6   THR n 
1 7   THR n 
1 8   TYR n 
1 9   LYS n 
1 10  PHE n 
1 11  GLU n 
1 12  LEU n 
1 13  ASN n 
1 14  LEU n 
1 15  THR n 
1 16  ASP n 
1 17  LEU n 
1 18  ASP n 
1 19  ARG n 
1 20  GLY n 
1 21  VAL n 
1 22  TYR n 
1 23  GLU n 
1 24  SER n 
1 25  VAL n 
1 26  LYS n 
1 27  GLN n 
1 28  THR n 
1 29  ILE n 
1 30  ALA n 
1 31  ARG n 
1 32  HIS n 
1 33  PRO n 
1 34  SER n 
1 35  GLU n 
1 36  THR n 
1 37  GLU n 
1 38  GLU n 
1 39  ARG n 
1 40  MSE n 
1 41  THR n 
1 42  VAL n 
1 43  ARG n 
1 44  LEU n 
1 45  LEU n 
1 46  ALA n 
1 47  TYR n 
1 48  ALA n 
1 49  PHE n 
1 50  TRP n 
1 51  TYR n 
1 52  ASN n 
1 53  GLU n 
1 54  GLN n 
1 55  LEU n 
1 56  ALA n 
1 57  PHE n 
1 58  GLY n 
1 59  ARG n 
1 60  GLY n 
1 61  LEU n 
1 62  SER n 
1 63  ASP n 
1 64  VAL n 
1 65  ASP n 
1 66  GLU n 
1 67  PRO n 
1 68  ALA n 
1 69  LEU n 
1 70  TRP n 
1 71  GLU n 
1 72  LYS n 
1 73  SER n 
1 74  LEU n 
1 75  ASP n 
1 76  ASP n 
1 77  ARG n 
1 78  VAL n 
1 79  LEU n 
1 80  HIS n 
1 81  TRP n 
1 82  ILE n 
1 83  GLU n 
1 84  VAL n 
1 85  GLY n 
1 86  GLN n 
1 87  PRO n 
1 88  ASP n 
1 89  ALA n 
1 90  ASP n 
1 91  ARG n 
1 92  LEU n 
1 93  THR n 
1 94  TRP n 
1 95  CYS n 
1 96  SER n 
1 97  ARG n 
1 98  ARG n 
1 99  THR n 
1 100 GLU n 
1 101 ARG n 
1 102 THR n 
1 103 SER n 
1 104 LEU n 
1 105 LEU n 
1 106 ALA n 
1 107 TYR n 
1 108 GLY n 
1 109 SER n 
1 110 LEU n 
1 111 ARG n 
1 112 VAL n 
1 113 TRP n 
1 114 GLU n 
1 115 GLY n 
1 116 LYS n 
1 117 VAL n 
1 118 ILE n 
1 119 PRO n 
1 120 ALA n 
1 121 ILE n 
1 122 LYS n 
1 123 ASN n 
1 124 LEU n 
1 125 LYS n 
1 126 ASN n 
1 127 VAL n 
1 128 ASN n 
1 129 ILE n 
1 130 ALA n 
1 131 ALA n 
1 132 VAL n 
1 133 PRO n 
1 134 GLN n 
1 135 ASP n 
1 136 VAL n 
1 137 LEU n 
1 138 GLU n 
1 139 VAL n 
1 140 LEU n 
1 141 ALA n 
1 142 LYS n 
1 143 ASP n 
1 144 MSE n 
1 145 PRO n 
1 146 ARG n 
1 147 VAL n 
1 148 ILE n 
1 149 LYS n 
1 150 TRP n 
1 151 ASP n 
1 152 VAL n 
1 153 MSE n 
1 154 ILE n 
1 155 SER n 
1 156 GLU n 
1 157 GLY n 
1 158 THR n 
1 159 VAL n 
1 160 PHE n 
1 161 VAL n 
1 162 THR n 
1 163 ASP n 
1 164 ASP n 
1 165 ARG n 
1 166 GLY n 
1 167 GLN n 
1 168 HIS n 
1 169 GLU n 
1 170 VAL n 
1 171 GLN n 
1 172 LEU n 
1 173 GLN n 
1 174 TRP n 
1 175 LEU n 
1 176 THR n 
1 177 GLY n 
1 178 GLU n 
1 179 ARG n 
1 180 GLY n 
# 
_entity_src_gen.entity_id                          1 
_entity_src_gen.pdbx_src_id                        1 
_entity_src_gen.pdbx_alt_source_flag               sample 
_entity_src_gen.pdbx_seq_type                      ? 
_entity_src_gen.pdbx_beg_seq_num                   ? 
_entity_src_gen.pdbx_end_seq_num                   ? 
_entity_src_gen.gene_src_common_name               ? 
_entity_src_gen.gene_src_genus                     Pseudomonas 
_entity_src_gen.pdbx_gene_src_gene                 PSPTO_1487 
_entity_src_gen.gene_src_species                   'Pseudomonas syringae group genomosp. 3' 
_entity_src_gen.gene_src_strain                    DC3000 
_entity_src_gen.gene_src_tissue                    ? 
_entity_src_gen.gene_src_tissue_fraction           ? 
_entity_src_gen.gene_src_details                   ? 
_entity_src_gen.pdbx_gene_src_fragment             ? 
_entity_src_gen.pdbx_gene_src_scientific_name      'Pseudomonas syringae pv. tomato' 
_entity_src_gen.pdbx_gene_src_ncbi_taxonomy_id     223283 
_entity_src_gen.pdbx_gene_src_variant              ? 
_entity_src_gen.pdbx_gene_src_cell_line            ? 
_entity_src_gen.pdbx_gene_src_atcc                 ? 
_entity_src_gen.pdbx_gene_src_organ                ? 
_entity_src_gen.pdbx_gene_src_organelle            ? 
_entity_src_gen.pdbx_gene_src_cell                 ? 
_entity_src_gen.pdbx_gene_src_cellular_location    ? 
_entity_src_gen.host_org_common_name               ? 
_entity_src_gen.pdbx_host_org_scientific_name      'Escherichia coli BL21' 
_entity_src_gen.pdbx_host_org_ncbi_taxonomy_id     511693 
_entity_src_gen.host_org_genus                     Escherichia 
_entity_src_gen.pdbx_host_org_gene                 ? 
_entity_src_gen.pdbx_host_org_organ                ? 
_entity_src_gen.host_org_species                   'Escherichia coli' 
_entity_src_gen.pdbx_host_org_tissue               ? 
_entity_src_gen.pdbx_host_org_tissue_fraction      ? 
_entity_src_gen.pdbx_host_org_strain               BL21 
_entity_src_gen.pdbx_host_org_variant              ? 
_entity_src_gen.pdbx_host_org_cell_line            ? 
_entity_src_gen.pdbx_host_org_atcc                 ? 
_entity_src_gen.pdbx_host_org_culture_collection   ? 
_entity_src_gen.pdbx_host_org_cell                 ? 
_entity_src_gen.pdbx_host_org_organelle            ? 
_entity_src_gen.pdbx_host_org_cellular_location    ? 
_entity_src_gen.pdbx_host_org_vector_type          Plasmid 
_entity_src_gen.pdbx_host_org_vector               ? 
_entity_src_gen.host_org_details                   ? 
_entity_src_gen.expression_system_id               ? 
_entity_src_gen.plasmid_name                       PDM68 
_entity_src_gen.plasmid_details                    ? 
_entity_src_gen.pdbx_description                   ? 
# 
loop_
_chem_comp.id 
_chem_comp.type 
_chem_comp.mon_nstd_flag 
_chem_comp.name 
_chem_comp.pdbx_synonyms 
_chem_comp.formula 
_chem_comp.formula_weight 
ALA 'L-peptide linking' y ALANINE                  ? 'C3 H7 N O2'     89.093  
ARG 'L-peptide linking' y ARGININE                 ? 'C6 H15 N4 O2 1' 175.209 
ASN 'L-peptide linking' y ASPARAGINE               ? 'C4 H8 N2 O3'    132.118 
ASP 'L-peptide linking' y 'ASPARTIC ACID'          ? 'C4 H7 N O4'     133.103 
CYS 'L-peptide linking' y CYSTEINE                 ? 'C3 H7 N O2 S'   121.158 
GLN 'L-peptide linking' y GLUTAMINE                ? 'C5 H10 N2 O3'   146.144 
GLU 'L-peptide linking' y 'GLUTAMIC ACID'          ? 'C5 H9 N O4'     147.129 
GLY 'peptide linking'   y GLYCINE                  ? 'C2 H5 N O2'     75.067  
HIS 'L-peptide linking' y HISTIDINE                ? 'C6 H10 N3 O2 1' 156.162 
HOH non-polymer         . WATER                    ? 'H2 O'           18.015  
ILE 'L-peptide linking' y ISOLEUCINE               ? 'C6 H13 N O2'    131.173 
LEU 'L-peptide linking' y LEUCINE                  ? 'C6 H13 N O2'    131.173 
LYS 'L-peptide linking' y LYSINE                   ? 'C6 H15 N2 O2 1' 147.195 
MET 'L-peptide linking' y METHIONINE               ? 'C5 H11 N O2 S'  149.211 
MSE 'L-peptide linking' n SELENOMETHIONINE         ? 'C5 H11 N O2 Se' 196.106 
NA  non-polymer         . 'SODIUM ION'             ? 'Na 1'           22.990  
PHE 'L-peptide linking' y PHENYLALANINE            ? 'C9 H11 N O2'    165.189 
PRO 'L-peptide linking' y PROLINE                  ? 'C5 H9 N O2'     115.130 
SER 'L-peptide linking' y SERINE                   ? 'C3 H7 N O3'     105.093 
SRT non-polymer         . 'S,R MESO-TARTARIC ACID' ? 'C4 H6 O6'       150.087 
THR 'L-peptide linking' y THREONINE                ? 'C4 H9 N O3'     119.119 
TRP 'L-peptide linking' y TRYPTOPHAN               ? 'C11 H12 N2 O2'  204.225 
TYR 'L-peptide linking' y TYROSINE                 ? 'C9 H11 N O3'    181.189 
VAL 'L-peptide linking' y VALINE                   ? 'C5 H11 N O2'    117.146 
# 
loop_
_pdbx_poly_seq_scheme.asym_id 
_pdbx_poly_seq_scheme.entity_id 
_pdbx_poly_seq_scheme.seq_id 
_pdbx_poly_seq_scheme.mon_id 
_pdbx_poly_seq_scheme.ndb_seq_num 
_pdbx_poly_seq_scheme.pdb_seq_num 
_pdbx_poly_seq_scheme.auth_seq_num 
_pdbx_poly_seq_scheme.pdb_mon_id 
_pdbx_poly_seq_scheme.auth_mon_id 
_pdbx_poly_seq_scheme.pdb_strand_id 
_pdbx_poly_seq_scheme.pdb_ins_code 
_pdbx_poly_seq_scheme.hetero 
A 1 1   MET 1   1   ?   ?   ?   A . n 
A 1 2   ALA 2   2   2   ALA ALA A . n 
A 1 3   GLN 3   3   3   GLN GLN A . n 
A 1 4   PRO 4   4   4   PRO PRO A . n 
A 1 5   SER 5   5   5   SER SER A . n 
A 1 6   THR 6   6   6   THR THR A . n 
A 1 7   THR 7   7   7   THR THR A . n 
A 1 8   TYR 8   8   8   TYR TYR A . n 
A 1 9   LYS 9   9   9   LYS LYS A . n 
A 1 10  PHE 10  10  10  PHE PHE A . n 
A 1 11  GLU 11  11  11  GLU GLU A . n 
A 1 12  LEU 12  12  12  LEU LEU A . n 
A 1 13  ASN 13  13  13  ASN ASN A . n 
A 1 14  LEU 14  14  14  LEU LEU A . n 
A 1 15  THR 15  15  15  THR THR A . n 
A 1 16  ASP 16  16  16  ASP ASP A . n 
A 1 17  LEU 17  17  17  LEU LEU A . n 
A 1 18  ASP 18  18  18  ASP ASP A . n 
A 1 19  ARG 19  19  19  ARG ARG A . n 
A 1 20  GLY 20  20  20  GLY GLY A . n 
A 1 21  VAL 21  21  21  VAL VAL A . n 
A 1 22  TYR 22  22  22  TYR TYR A . n 
A 1 23  GLU 23  23  23  GLU GLU A . n 
A 1 24  SER 24  24  24  SER SER A . n 
A 1 25  VAL 25  25  25  VAL VAL A . n 
A 1 26  LYS 26  26  26  LYS LYS A . n 
A 1 27  GLN 27  27  27  GLN GLN A . n 
A 1 28  THR 28  28  28  THR THR A . n 
A 1 29  ILE 29  29  29  ILE ILE A . n 
A 1 30  ALA 30  30  30  ALA ALA A . n 
A 1 31  ARG 31  31  31  ARG ARG A . n 
A 1 32  HIS 32  32  32  HIS HIS A . n 
A 1 33  PRO 33  33  33  PRO PRO A . n 
A 1 34  SER 34  34  34  SER SER A . n 
A 1 35  GLU 35  35  35  GLU GLU A . n 
A 1 36  THR 36  36  36  THR THR A . n 
A 1 37  GLU 37  37  37  GLU GLU A . n 
A 1 38  GLU 38  38  38  GLU GLU A . n 
A 1 39  ARG 39  39  39  ARG ARG A . n 
A 1 40  MSE 40  40  40  MSE MSE A . n 
A 1 41  THR 41  41  41  THR THR A . n 
A 1 42  VAL 42  42  42  VAL VAL A . n 
A 1 43  ARG 43  43  43  ARG ARG A . n 
A 1 44  LEU 44  44  44  LEU LEU A . n 
A 1 45  LEU 45  45  45  LEU LEU A . n 
A 1 46  ALA 46  46  46  ALA ALA A . n 
A 1 47  TYR 47  47  47  TYR TYR A . n 
A 1 48  ALA 48  48  48  ALA ALA A . n 
A 1 49  PHE 49  49  49  PHE PHE A . n 
A 1 50  TRP 50  50  50  TRP TRP A . n 
A 1 51  TYR 51  51  51  TYR TYR A . n 
A 1 52  ASN 52  52  52  ASN ASN A . n 
A 1 53  GLU 53  53  53  GLU GLU A . n 
A 1 54  GLN 54  54  54  GLN GLN A . n 
A 1 55  LEU 55  55  55  LEU LEU A . n 
A 1 56  ALA 56  56  56  ALA ALA A . n 
A 1 57  PHE 57  57  57  PHE PHE A . n 
A 1 58  GLY 58  58  58  GLY GLY A . n 
A 1 59  ARG 59  59  59  ARG ARG A . n 
A 1 60  GLY 60  60  60  GLY GLY A . n 
A 1 61  LEU 61  61  61  LEU LEU A . n 
A 1 62  SER 62  62  62  SER SER A . n 
A 1 63  ASP 63  63  63  ASP ASP A . n 
A 1 64  VAL 64  64  64  VAL VAL A . n 
A 1 65  ASP 65  65  65  ASP ASP A . n 
A 1 66  GLU 66  66  66  GLU GLU A . n 
A 1 67  PRO 67  67  67  PRO PRO A . n 
A 1 68  ALA 68  68  68  ALA ALA A . n 
A 1 69  LEU 69  69  69  LEU LEU A . n 
A 1 70  TRP 70  70  70  TRP TRP A . n 
A 1 71  GLU 71  71  71  GLU GLU A . n 
A 1 72  LYS 72  72  72  LYS LYS A . n 
A 1 73  SER 73  73  73  SER SER A . n 
A 1 74  LEU 74  74  74  LEU LEU A . n 
A 1 75  ASP 75  75  75  ASP ASP A . n 
A 1 76  ASP 76  76  76  ASP ASP A . n 
A 1 77  ARG 77  77  77  ARG ARG A . n 
A 1 78  VAL 78  78  78  VAL VAL A . n 
A 1 79  LEU 79  79  79  LEU LEU A . n 
A 1 80  HIS 80  80  80  HIS HIS A . n 
A 1 81  TRP 81  81  81  TRP TRP A . n 
A 1 82  ILE 82  82  82  ILE ILE A . n 
A 1 83  GLU 83  83  83  GLU GLU A . n 
A 1 84  VAL 84  84  84  VAL VAL A . n 
A 1 85  GLY 85  85  85  GLY GLY A . n 
A 1 86  GLN 86  86  86  GLN GLN A . n 
A 1 87  PRO 87  87  87  PRO PRO A . n 
A 1 88  ASP 88  88  88  ASP ASP A . n 
A 1 89  ALA 89  89  89  ALA ALA A . n 
A 1 90  ASP 90  90  90  ASP ASP A . n 
A 1 91  ARG 91  91  91  ARG ARG A . n 
A 1 92  LEU 92  92  92  LEU LEU A . n 
A 1 93  THR 93  93  93  THR THR A . n 
A 1 94  TRP 94  94  94  TRP TRP A . n 
A 1 95  CYS 95  95  95  CYS CYS A . n 
A 1 96  SER 96  96  96  SER SER A . n 
A 1 97  ARG 97  97  97  ARG ARG A . n 
A 1 98  ARG 98  98  98  ARG ARG A . n 
A 1 99  THR 99  99  99  THR THR A . n 
A 1 100 GLU 100 100 100 GLU GLU A . n 
A 1 101 ARG 101 101 101 ARG ARG A . n 
A 1 102 THR 102 102 102 THR THR A . n 
A 1 103 SER 103 103 103 SER SER A . n 
A 1 104 LEU 104 104 104 LEU LEU A . n 
A 1 105 LEU 105 105 105 LEU LEU A . n 
A 1 106 ALA 106 106 106 ALA ALA A . n 
A 1 107 TYR 107 107 107 TYR TYR A . n 
A 1 108 GLY 108 108 108 GLY GLY A . n 
A 1 109 SER 109 109 109 SER SER A . n 
A 1 110 LEU 110 110 110 LEU LEU A . n 
A 1 111 ARG 111 111 111 ARG ARG A . n 
A 1 112 VAL 112 112 112 VAL VAL A . n 
A 1 113 TRP 113 113 113 TRP TRP A . n 
A 1 114 GLU 114 114 114 GLU GLU A . n 
A 1 115 GLY 115 115 115 GLY GLY A . n 
A 1 116 LYS 116 116 116 LYS LYS A . n 
A 1 117 VAL 117 117 117 VAL VAL A . n 
A 1 118 ILE 118 118 118 ILE ILE A . n 
A 1 119 PRO 119 119 119 PRO PRO A . n 
A 1 120 ALA 120 120 120 ALA ALA A . n 
A 1 121 ILE 121 121 121 ILE ILE A . n 
A 1 122 LYS 122 122 122 LYS LYS A . n 
A 1 123 ASN 123 123 123 ASN ASN A . n 
A 1 124 LEU 124 124 124 LEU LEU A . n 
A 1 125 LYS 125 125 125 LYS LYS A . n 
A 1 126 ASN 126 126 126 ASN ASN A . n 
A 1 127 VAL 127 127 127 VAL VAL A . n 
A 1 128 ASN 128 128 128 ASN ASN A . n 
A 1 129 ILE 129 129 129 ILE ILE A . n 
A 1 130 ALA 130 130 130 ALA ALA A . n 
A 1 131 ALA 131 131 131 ALA ALA A . n 
A 1 132 VAL 132 132 132 VAL VAL A . n 
A 1 133 PRO 133 133 133 PRO PRO A . n 
A 1 134 GLN 134 134 134 GLN GLN A . n 
A 1 135 ASP 135 135 135 ASP ASP A . n 
A 1 136 VAL 136 136 136 VAL VAL A . n 
A 1 137 LEU 137 137 137 LEU LEU A . n 
A 1 138 GLU 138 138 138 GLU GLU A . n 
A 1 139 VAL 139 139 139 VAL VAL A . n 
A 1 140 LEU 140 140 140 LEU LEU A . n 
A 1 141 ALA 141 141 141 ALA ALA A . n 
A 1 142 LYS 142 142 142 LYS LYS A . n 
A 1 143 ASP 143 143 143 ASP ASP A . n 
A 1 144 MSE 144 144 144 MSE MSE A . n 
A 1 145 PRO 145 145 145 PRO PRO A . n 
A 1 146 ARG 146 146 146 ARG ARG A . n 
A 1 147 VAL 147 147 147 VAL VAL A . n 
A 1 148 ILE 148 148 148 ILE ILE A . n 
A 1 149 LYS 149 149 149 LYS LYS A . n 
A 1 150 TRP 150 150 150 TRP TRP A . n 
A 1 151 ASP 151 151 151 ASP ASP A . n 
A 1 152 VAL 152 152 152 VAL VAL A . n 
A 1 153 MSE 153 153 153 MSE MSE A . n 
A 1 154 ILE 154 154 154 ILE ILE A . n 
A 1 155 SER 155 155 155 SER SER A . n 
A 1 156 GLU 156 156 156 GLU GLU A . n 
A 1 157 GLY 157 157 157 GLY GLY A . n 
A 1 158 THR 158 158 158 THR THR A . n 
A 1 159 VAL 159 159 159 VAL VAL A . n 
A 1 160 PHE 160 160 160 PHE PHE A . n 
A 1 161 VAL 161 161 161 VAL VAL A . n 
A 1 162 THR 162 162 162 THR THR A . n 
A 1 163 ASP 163 163 163 ASP ASP A . n 
A 1 164 ASP 164 164 164 ASP ASP A . n 
A 1 165 ARG 165 165 165 ARG ARG A . n 
A 1 166 GLY 166 166 166 GLY GLY A . n 
A 1 167 GLN 167 167 167 GLN GLN A . n 
A 1 168 HIS 168 168 168 HIS HIS A . n 
A 1 169 GLU 169 169 169 GLU GLU A . n 
A 1 170 VAL 170 170 170 VAL VAL A . n 
A 1 171 GLN 171 171 171 GLN GLN A . n 
A 1 172 LEU 172 172 172 LEU LEU A . n 
A 1 173 GLN 173 173 173 GLN GLN A . n 
A 1 174 TRP 174 174 174 TRP TRP A . n 
A 1 175 LEU 175 175 175 LEU LEU A . n 
A 1 176 THR 176 176 176 THR THR A . n 
A 1 177 GLY 177 177 177 GLY GLY A . n 
A 1 178 GLU 178 178 178 GLU GLU A . n 
A 1 179 ARG 179 179 179 ARG ARG A . n 
A 1 180 GLY 180 180 180 GLY GLY A . n 
# 
loop_
_pdbx_nonpoly_scheme.asym_id 
_pdbx_nonpoly_scheme.entity_id 
_pdbx_nonpoly_scheme.mon_id 
_pdbx_nonpoly_scheme.ndb_seq_num 
_pdbx_nonpoly_scheme.pdb_seq_num 
_pdbx_nonpoly_scheme.auth_seq_num 
_pdbx_nonpoly_scheme.pdb_mon_id 
_pdbx_nonpoly_scheme.auth_mon_id 
_pdbx_nonpoly_scheme.pdb_strand_id 
_pdbx_nonpoly_scheme.pdb_ins_code 
B 2 NA  1   181 1   NA  NA  A . 
C 3 SRT 1   201 1   SRT SRT A . 
D 4 HOH 1   202 2   HOH HOH A . 
D 4 HOH 2   203 3   HOH HOH A . 
D 4 HOH 3   204 4   HOH HOH A . 
D 4 HOH 4   205 5   HOH HOH A . 
D 4 HOH 5   206 6   HOH HOH A . 
D 4 HOH 6   207 7   HOH HOH A . 
D 4 HOH 7   208 8   HOH HOH A . 
D 4 HOH 8   209 9   HOH HOH A . 
D 4 HOH 9   210 10  HOH HOH A . 
D 4 HOH 10  211 11  HOH HOH A . 
D 4 HOH 11  212 12  HOH HOH A . 
D 4 HOH 12  213 13  HOH HOH A . 
D 4 HOH 13  214 14  HOH HOH A . 
D 4 HOH 14  215 15  HOH HOH A . 
D 4 HOH 15  216 16  HOH HOH A . 
D 4 HOH 16  217 17  HOH HOH A . 
D 4 HOH 17  218 18  HOH HOH A . 
D 4 HOH 18  219 19  HOH HOH A . 
D 4 HOH 19  220 20  HOH HOH A . 
D 4 HOH 20  221 21  HOH HOH A . 
D 4 HOH 21  222 22  HOH HOH A . 
D 4 HOH 22  223 23  HOH HOH A . 
D 4 HOH 23  224 24  HOH HOH A . 
D 4 HOH 24  225 25  HOH HOH A . 
D 4 HOH 25  226 26  HOH HOH A . 
D 4 HOH 26  227 27  HOH HOH A . 
D 4 HOH 27  228 28  HOH HOH A . 
D 4 HOH 28  229 29  HOH HOH A . 
D 4 HOH 29  230 30  HOH HOH A . 
D 4 HOH 30  231 31  HOH HOH A . 
D 4 HOH 31  232 32  HOH HOH A . 
D 4 HOH 32  233 33  HOH HOH A . 
D 4 HOH 33  234 34  HOH HOH A . 
D 4 HOH 34  235 35  HOH HOH A . 
D 4 HOH 35  236 36  HOH HOH A . 
D 4 HOH 36  237 37  HOH HOH A . 
D 4 HOH 37  238 38  HOH HOH A . 
D 4 HOH 38  239 39  HOH HOH A . 
D 4 HOH 39  240 41  HOH HOH A . 
D 4 HOH 40  241 42  HOH HOH A . 
D 4 HOH 41  242 43  HOH HOH A . 
D 4 HOH 42  243 44  HOH HOH A . 
D 4 HOH 43  244 45  HOH HOH A . 
D 4 HOH 44  245 46  HOH HOH A . 
D 4 HOH 45  246 48  HOH HOH A . 
D 4 HOH 46  247 49  HOH HOH A . 
D 4 HOH 47  248 50  HOH HOH A . 
D 4 HOH 48  249 51  HOH HOH A . 
D 4 HOH 49  250 52  HOH HOH A . 
D 4 HOH 50  251 53  HOH HOH A . 
D 4 HOH 51  252 54  HOH HOH A . 
D 4 HOH 52  253 55  HOH HOH A . 
D 4 HOH 53  254 56  HOH HOH A . 
D 4 HOH 54  255 57  HOH HOH A . 
D 4 HOH 55  256 58  HOH HOH A . 
D 4 HOH 56  257 60  HOH HOH A . 
D 4 HOH 57  258 61  HOH HOH A . 
D 4 HOH 58  259 62  HOH HOH A . 
D 4 HOH 59  260 63  HOH HOH A . 
D 4 HOH 60  261 66  HOH HOH A . 
D 4 HOH 61  262 67  HOH HOH A . 
D 4 HOH 62  263 68  HOH HOH A . 
D 4 HOH 63  264 70  HOH HOH A . 
D 4 HOH 64  265 71  HOH HOH A . 
D 4 HOH 65  266 72  HOH HOH A . 
D 4 HOH 66  267 75  HOH HOH A . 
D 4 HOH 67  268 78  HOH HOH A . 
D 4 HOH 68  269 80  HOH HOH A . 
D 4 HOH 69  270 81  HOH HOH A . 
D 4 HOH 70  271 82  HOH HOH A . 
D 4 HOH 71  272 83  HOH HOH A . 
D 4 HOH 72  273 85  HOH HOH A . 
D 4 HOH 73  274 87  HOH HOH A . 
D 4 HOH 74  275 89  HOH HOH A . 
D 4 HOH 75  276 90  HOH HOH A . 
D 4 HOH 76  277 91  HOH HOH A . 
D 4 HOH 77  278 92  HOH HOH A . 
D 4 HOH 78  279 93  HOH HOH A . 
D 4 HOH 79  280 100 HOH HOH A . 
D 4 HOH 80  281 104 HOH HOH A . 
D 4 HOH 81  282 107 HOH HOH A . 
D 4 HOH 82  283 111 HOH HOH A . 
D 4 HOH 83  284 112 HOH HOH A . 
D 4 HOH 84  285 113 HOH HOH A . 
D 4 HOH 85  286 116 HOH HOH A . 
D 4 HOH 86  287 117 HOH HOH A . 
D 4 HOH 87  288 122 HOH HOH A . 
D 4 HOH 88  289 129 HOH HOH A . 
D 4 HOH 89  290 134 HOH HOH A . 
D 4 HOH 90  291 135 HOH HOH A . 
D 4 HOH 91  292 136 HOH HOH A . 
D 4 HOH 92  293 139 HOH HOH A . 
D 4 HOH 93  294 141 HOH HOH A . 
D 4 HOH 94  295 145 HOH HOH A . 
D 4 HOH 95  296 147 HOH HOH A . 
D 4 HOH 96  297 148 HOH HOH A . 
D 4 HOH 97  298 149 HOH HOH A . 
D 4 HOH 98  299 150 HOH HOH A . 
D 4 HOH 99  300 151 HOH HOH A . 
D 4 HOH 100 301 153 HOH HOH A . 
D 4 HOH 101 302 158 HOH HOH A . 
D 4 HOH 102 303 162 HOH HOH A . 
D 4 HOH 103 304 163 HOH HOH A . 
D 4 HOH 104 305 164 HOH HOH A . 
D 4 HOH 105 306 165 HOH HOH A . 
D 4 HOH 106 307 7   HOH HOH A . 
D 4 HOH 107 308 12  HOH HOH A . 
D 4 HOH 108 309 16  HOH HOH A . 
D 4 HOH 109 310 22  HOH HOH A . 
D 4 HOH 110 311 24  HOH HOH A . 
D 4 HOH 111 312 27  HOH HOH A . 
# 
loop_
_software.name 
_software.classification 
_software.version 
_software.citation_id 
_software.pdbx_ordinal 
REFMAC   refinement        5.2.0019 ? 1 
HKL-3000 'data collection' .        ? 2 
HKL-3000 'data reduction'  .        ? 3 
HKL-3000 'data scaling'    .        ? 4 
HKL-3000 phasing           .        ? 5 
# 
_cell.entry_id           2OT9 
_cell.length_a           40.311 
_cell.length_b           61.405 
_cell.length_c           77.828 
_cell.angle_alpha        90.00 
_cell.angle_beta         90.00 
_cell.angle_gamma        90.00 
_cell.Z_PDB              4 
_cell.pdbx_unique_axis   ? 
_cell.length_a_esd       ? 
_cell.length_b_esd       ? 
_cell.length_c_esd       ? 
_cell.angle_alpha_esd    ? 
_cell.angle_beta_esd     ? 
_cell.angle_gamma_esd    ? 
# 
_symmetry.entry_id                         2OT9 
_symmetry.space_group_name_H-M             'P 21 21 21' 
_symmetry.pdbx_full_space_group_name_H-M   ? 
_symmetry.cell_setting                     ? 
_symmetry.Int_Tables_number                19 
_symmetry.space_group_name_Hall            ? 
# 
_exptl.entry_id          2OT9 
_exptl.method            'X-RAY DIFFRACTION' 
_exptl.crystals_number   1 
# 
_exptl_crystal.id                    1 
_exptl_crystal.density_meas          ? 
_exptl_crystal.density_Matthews      2.32 
_exptl_crystal.density_percent_sol   46.94 
_exptl_crystal.description           ? 
_exptl_crystal.F_000                 ? 
_exptl_crystal.preparation           ? 
# 
_exptl_crystal_grow.crystal_id      1 
_exptl_crystal_grow.method          'VAPOR DIFFUSION, SITTING DROP' 
_exptl_crystal_grow.temp            298 
_exptl_crystal_grow.temp_details    ? 
_exptl_crystal_grow.pH              7.6 
_exptl_crystal_grow.pdbx_details    
'0.5M K/Na Tartrate, 0.2M LiSO4, 10% PEG3350, pH 7.6, VAPOR DIFFUSION, SITTING DROP, temperature 298K' 
_exptl_crystal_grow.pdbx_pH_range   . 
# 
_diffrn.id                     1 
_diffrn.ambient_temp           100 
_diffrn.ambient_temp_details   ? 
_diffrn.crystal_id             1 
# 
_diffrn_detector.diffrn_id              1 
_diffrn_detector.detector               CCD 
_diffrn_detector.type                   'ADSC QUANTUM 315' 
_diffrn_detector.pdbx_collection_date   2006-10-12 
_diffrn_detector.details                mirrors 
# 
_diffrn_radiation.diffrn_id                        1 
_diffrn_radiation.wavelength_id                    1 
_diffrn_radiation.pdbx_monochromatic_or_laue_m_l   M 
_diffrn_radiation.monochromator                    'Si 111 channel' 
_diffrn_radiation.pdbx_diffrn_protocol             'SINGLE WAVELENGTH' 
_diffrn_radiation.pdbx_scattering_type             x-ray 
# 
_diffrn_radiation_wavelength.id           1 
_diffrn_radiation_wavelength.wavelength   0.97980 
_diffrn_radiation_wavelength.wt           1.0 
# 
_diffrn_source.diffrn_id                   1 
_diffrn_source.source                      SYNCHROTRON 
_diffrn_source.type                        'APS BEAMLINE 19-ID' 
_diffrn_source.pdbx_synchrotron_site       APS 
_diffrn_source.pdbx_synchrotron_beamline   19-ID 
_diffrn_source.pdbx_wavelength             ? 
_diffrn_source.pdbx_wavelength_list        0.97980 
# 
_reflns.entry_id                     2OT9 
_reflns.observed_criterion_sigma_F   ? 
_reflns.observed_criterion_sigma_I   -3 
_reflns.d_resolution_high            1.97 
_reflns.d_resolution_low             50 
_reflns.number_all                   14451 
_reflns.number_obs                   14144 
_reflns.percent_possible_obs         99.9 
_reflns.pdbx_Rmerge_I_obs            0.077 
_reflns.pdbx_Rsym_value              ? 
_reflns.pdbx_netI_over_sigmaI        43.8 
_reflns.B_iso_Wilson_estimate        ? 
_reflns.pdbx_redundancy              8.9 
_reflns.R_free_details               ? 
_reflns.limit_h_max                  ? 
_reflns.limit_h_min                  ? 
_reflns.limit_k_max                  ? 
_reflns.limit_k_min                  ? 
_reflns.limit_l_max                  ? 
_reflns.limit_l_min                  ? 
_reflns.observed_criterion_F_max     ? 
_reflns.observed_criterion_F_min     ? 
_reflns.pdbx_chi_squared             ? 
_reflns.pdbx_scaling_rejects         ? 
_reflns.pdbx_ordinal                 1 
_reflns.pdbx_diffrn_id               1 
# 
_reflns_shell.d_res_high             1.97 
_reflns_shell.d_res_low              2.03 
_reflns_shell.percent_possible_all   99.2 
_reflns_shell.Rmerge_I_obs           0.284 
_reflns_shell.pdbx_Rsym_value        ? 
_reflns_shell.meanI_over_sigI_obs    6.4 
_reflns_shell.pdbx_redundancy        6.8 
_reflns_shell.percent_possible_obs   ? 
_reflns_shell.number_unique_all      1421 
_reflns_shell.number_measured_all    ? 
_reflns_shell.number_measured_obs    ? 
_reflns_shell.number_unique_obs      ? 
_reflns_shell.pdbx_chi_squared       ? 
_reflns_shell.pdbx_ordinal           1 
_reflns_shell.pdbx_diffrn_id         1 
# 
_refine.entry_id                                 2OT9 
_refine.ls_number_reflns_obs                     13493 
_refine.ls_number_reflns_all                     13493 
_refine.pdbx_ls_sigma_I                          ? 
_refine.pdbx_ls_sigma_F                          0 
_refine.pdbx_data_cutoff_high_absF               ? 
_refine.pdbx_data_cutoff_low_absF                ? 
_refine.pdbx_data_cutoff_high_rms_absF           ? 
_refine.ls_d_res_low                             48.22 
_refine.ls_d_res_high                            1.97 
_refine.ls_percent_reflns_obs                    99.85 
_refine.ls_R_factor_obs                          0.18034 
_refine.ls_R_factor_all                          0.18034 
_refine.ls_R_factor_R_work                       0.1776 
_refine.ls_R_factor_R_free                       0.23911 
_refine.ls_R_factor_R_free_error                 ? 
_refine.ls_R_factor_R_free_error_details         ? 
_refine.ls_percent_reflns_R_free                 5.0 
_refine.ls_number_reflns_R_free                  713 
_refine.ls_number_parameters                     ? 
_refine.ls_number_restraints                     ? 
_refine.occupancy_min                            ? 
_refine.occupancy_max                            ? 
_refine.correlation_coeff_Fo_to_Fc               0.960 
_refine.correlation_coeff_Fo_to_Fc_free          0.932 
_refine.B_iso_mean                               28.673 
_refine.aniso_B[1][1]                            0.37 
_refine.aniso_B[2][2]                            0.16 
_refine.aniso_B[3][3]                            -0.52 
_refine.aniso_B[1][2]                            0.00 
_refine.aniso_B[1][3]                            0.00 
_refine.aniso_B[2][3]                            0.00 
_refine.solvent_model_details                    MASK 
_refine.solvent_model_param_ksol                 ? 
_refine.solvent_model_param_bsol                 ? 
_refine.pdbx_solvent_vdw_probe_radii             1.20 
_refine.pdbx_solvent_ion_probe_radii             0.80 
_refine.pdbx_solvent_shrinkage_radii             0.80 
_refine.pdbx_ls_cross_valid_method               THROUGHOUT 
_refine.details                                  'HYDROGENS HAVE BEEN ADDED IN THE RIDING POSITIONS' 
_refine.pdbx_starting_model                      ? 
_refine.pdbx_method_to_determine_struct          SAD 
_refine.pdbx_isotropic_thermal_model             ? 
_refine.pdbx_stereochemistry_target_values       'MAXIMUM LIKELIHOOD WITH PHASES' 
_refine.pdbx_stereochem_target_val_spec_case     ? 
_refine.pdbx_R_Free_selection_details            RANDOM 
_refine.pdbx_overall_ESU_R                       0.168 
_refine.pdbx_overall_ESU_R_Free                  0.164 
_refine.overall_SU_ML                            0.105 
_refine.overall_SU_B                             7.254 
_refine.ls_redundancy_reflns_obs                 ? 
_refine.B_iso_min                                ? 
_refine.B_iso_max                                ? 
_refine.overall_SU_R_Cruickshank_DPI             ? 
_refine.overall_SU_R_free                        ? 
_refine.ls_wR_factor_R_free                      ? 
_refine.ls_wR_factor_R_work                      ? 
_refine.overall_FOM_free_R_set                   ? 
_refine.overall_FOM_work_R_set                   ? 
_refine.pdbx_refine_id                           'X-RAY DIFFRACTION' 
_refine.pdbx_TLS_residual_ADP_flag               'LIKELY RESIDUAL' 
_refine.pdbx_diffrn_id                           1 
_refine.pdbx_overall_phase_error                 ? 
_refine.pdbx_overall_SU_R_free_Cruickshank_DPI   ? 
_refine.pdbx_overall_SU_R_Blow_DPI               ? 
_refine.pdbx_overall_SU_R_free_Blow_DPI          ? 
# 
_refine_hist.pdbx_refine_id                   'X-RAY DIFFRACTION' 
_refine_hist.cycle_id                         LAST 
_refine_hist.pdbx_number_atoms_protein        1454 
_refine_hist.pdbx_number_atoms_nucleic_acid   0 
_refine_hist.pdbx_number_atoms_ligand         11 
_refine_hist.number_atoms_solvent             111 
_refine_hist.number_atoms_total               1576 
_refine_hist.d_res_high                       1.97 
_refine_hist.d_res_low                        48.22 
# 
loop_
_refine_ls_restr.type 
_refine_ls_restr.dev_ideal 
_refine_ls_restr.dev_ideal_target 
_refine_ls_restr.weight 
_refine_ls_restr.number 
_refine_ls_restr.pdbx_refine_id 
_refine_ls_restr.pdbx_restraint_function 
r_bond_refined_d             0.010  0.022  ? 1507 'X-RAY DIFFRACTION' ? 
r_bond_other_d               ?      ?      ? ?    'X-RAY DIFFRACTION' ? 
r_angle_refined_deg          1.270  1.953  ? 2050 'X-RAY DIFFRACTION' ? 
r_angle_other_deg            ?      ?      ? ?    'X-RAY DIFFRACTION' ? 
r_dihedral_angle_1_deg       5.770  5.000  ? 180  'X-RAY DIFFRACTION' ? 
r_dihedral_angle_2_deg       33.744 23.467 ? 75   'X-RAY DIFFRACTION' ? 
r_dihedral_angle_3_deg       14.227 15.000 ? 260  'X-RAY DIFFRACTION' ? 
r_dihedral_angle_4_deg       13.631 15.000 ? 15   'X-RAY DIFFRACTION' ? 
r_chiral_restr               0.092  0.200  ? 227  'X-RAY DIFFRACTION' ? 
r_gen_planes_refined         0.005  0.020  ? 1155 'X-RAY DIFFRACTION' ? 
r_gen_planes_other           ?      ?      ? ?    'X-RAY DIFFRACTION' ? 
r_nbd_refined                0.217  0.200  ? 627  'X-RAY DIFFRACTION' ? 
r_nbd_other                  ?      ?      ? ?    'X-RAY DIFFRACTION' ? 
r_nbtor_refined              0.310  0.200  ? 986  'X-RAY DIFFRACTION' ? 
r_nbtor_other                ?      ?      ? ?    'X-RAY DIFFRACTION' ? 
r_xyhbond_nbd_refined        0.184  0.200  ? 114  'X-RAY DIFFRACTION' ? 
r_xyhbond_nbd_other          ?      ?      ? ?    'X-RAY DIFFRACTION' ? 
r_metal_ion_refined          ?      ?      ? ?    'X-RAY DIFFRACTION' ? 
r_metal_ion_other            ?      ?      ? ?    'X-RAY DIFFRACTION' ? 
r_symmetry_vdw_refined       0.258  0.200  ? 49   'X-RAY DIFFRACTION' ? 
r_symmetry_vdw_other         ?      ?      ? ?    'X-RAY DIFFRACTION' ? 
r_symmetry_hbond_refined     0.155  0.200  ? 18   'X-RAY DIFFRACTION' ? 
r_symmetry_hbond_other       ?      ?      ? ?    'X-RAY DIFFRACTION' ? 
r_symmetry_metal_ion_refined ?      ?      ? ?    'X-RAY DIFFRACTION' ? 
r_symmetry_metal_ion_other   ?      ?      ? ?    'X-RAY DIFFRACTION' ? 
r_mcbond_it                  0.670  1.500  ? 898  'X-RAY DIFFRACTION' ? 
r_mcbond_other               ?      ?      ? ?    'X-RAY DIFFRACTION' ? 
r_mcangle_it                 1.259  2.000  ? 1457 'X-RAY DIFFRACTION' ? 
r_scbond_it                  1.953  3.000  ? 649  'X-RAY DIFFRACTION' ? 
r_scangle_it                 3.192  4.500  ? 593  'X-RAY DIFFRACTION' ? 
r_rigid_bond_restr           ?      ?      ? ?    'X-RAY DIFFRACTION' ? 
r_sphericity_free            ?      ?      ? ?    'X-RAY DIFFRACTION' ? 
r_sphericity_bonded          ?      ?      ? ?    'X-RAY DIFFRACTION' ? 
# 
_refine_ls_shell.pdbx_total_number_of_bins_used   20 
_refine_ls_shell.d_res_high                       1.970 
_refine_ls_shell.d_res_low                        2.021 
_refine_ls_shell.number_reflns_R_work             969 
_refine_ls_shell.R_factor_R_work                  0.205 
_refine_ls_shell.percent_reflns_obs               99.04 
_refine_ls_shell.R_factor_R_free                  0.281 
_refine_ls_shell.R_factor_R_free_error            ? 
_refine_ls_shell.percent_reflns_R_free            ? 
_refine_ls_shell.number_reflns_R_free             67 
_refine_ls_shell.number_reflns_all                ? 
_refine_ls_shell.R_factor_all                     ? 
_refine_ls_shell.number_reflns_obs                1036 
_refine_ls_shell.redundancy_reflns_obs            ? 
_refine_ls_shell.pdbx_refine_id                   'X-RAY DIFFRACTION' 
# 
_struct.entry_id                  2OT9 
_struct.title                     'Crystal structure of YaeQ protein from Pseudomonas syringae' 
_struct.pdbx_model_details        ? 
_struct.pdbx_CASP_flag            ? 
_struct.pdbx_model_type_details   ? 
# 
_struct_keywords.entry_id        2OT9 
_struct_keywords.pdbx_keywords   'STRUCTURAL GENOMICS, UNKNOWN FUNCTION' 
_struct_keywords.text            
;YaeQ protein, Pseudomonas syringae, PSI-2, Protein Structure Initiative, MCSG, Structural Genomics, Midwest Center for Structural Genomics, UNKNOWN FUNCTION
;
# 
loop_
_struct_asym.id 
_struct_asym.pdbx_blank_PDB_chainid_flag 
_struct_asym.pdbx_modified 
_struct_asym.entity_id 
_struct_asym.details 
A N N 1 ? 
B N N 2 ? 
C N N 3 ? 
D N N 4 ? 
# 
_struct_ref.id                         1 
_struct_ref.db_name                    UNP 
_struct_ref.db_code                    Q886T9_PSESM 
_struct_ref.pdbx_db_accession          Q886T9 
_struct_ref.entity_id                  1 
_struct_ref.pdbx_seq_one_letter_code   
;MAQPSTTYKFELNLTDLDRGVYESVKQTIARHPSETEERMTVRLLAYAFWYNEQLAFGRGLSDVDEPALWEKSLDDRVLH
WIEVGQPDADRLTWCSRRTERTSLLAYGSLRVWEGKVIPAIKNLKNVNIAAVPQDVLEVLAKDMPRVIKWDVMISEGTVF
VTDDRGQHEVQLQWLTGERG
;
_struct_ref.pdbx_align_begin           1 
_struct_ref.pdbx_db_isoform            ? 
# 
_struct_ref_seq.align_id                      1 
_struct_ref_seq.ref_id                        1 
_struct_ref_seq.pdbx_PDB_id_code              2OT9 
_struct_ref_seq.pdbx_strand_id                A 
_struct_ref_seq.seq_align_beg                 1 
_struct_ref_seq.pdbx_seq_align_beg_ins_code   ? 
_struct_ref_seq.seq_align_end                 180 
_struct_ref_seq.pdbx_seq_align_end_ins_code   ? 
_struct_ref_seq.pdbx_db_accession             Q886T9 
_struct_ref_seq.db_align_beg                  1 
_struct_ref_seq.pdbx_db_align_beg_ins_code    ? 
_struct_ref_seq.db_align_end                  180 
_struct_ref_seq.pdbx_db_align_end_ins_code    ? 
_struct_ref_seq.pdbx_auth_seq_align_beg       1 
_struct_ref_seq.pdbx_auth_seq_align_end       180 
# 
loop_
_struct_ref_seq_dif.align_id 
_struct_ref_seq_dif.pdbx_pdb_id_code 
_struct_ref_seq_dif.mon_id 
_struct_ref_seq_dif.pdbx_pdb_strand_id 
_struct_ref_seq_dif.seq_num 
_struct_ref_seq_dif.pdbx_pdb_ins_code 
_struct_ref_seq_dif.pdbx_seq_db_name 
_struct_ref_seq_dif.pdbx_seq_db_accession_code 
_struct_ref_seq_dif.db_mon_id 
_struct_ref_seq_dif.pdbx_seq_db_seq_num 
_struct_ref_seq_dif.details 
_struct_ref_seq_dif.pdbx_auth_seq_num 
_struct_ref_seq_dif.pdbx_ordinal 
1 2OT9 MSE A 40  ? UNP Q886T9 MET 40  'modified residue' 40  1 
1 2OT9 MSE A 144 ? UNP Q886T9 MET 144 'modified residue' 144 2 
1 2OT9 MSE A 153 ? UNP Q886T9 MET 153 'modified residue' 153 3 
# 
_pdbx_struct_assembly.id                   1 
_pdbx_struct_assembly.details              author_defined_assembly 
_pdbx_struct_assembly.method_details       ? 
_pdbx_struct_assembly.oligomeric_details   monomeric 
_pdbx_struct_assembly.oligomeric_count     1 
# 
_pdbx_struct_assembly_gen.assembly_id       1 
_pdbx_struct_assembly_gen.oper_expression   1 
_pdbx_struct_assembly_gen.asym_id_list      A,B,C,D 
# 
_pdbx_struct_oper_list.id                   1 
_pdbx_struct_oper_list.type                 'identity operation' 
_pdbx_struct_oper_list.name                 1_555 
_pdbx_struct_oper_list.symmetry_operation   x,y,z 
_pdbx_struct_oper_list.matrix[1][1]         1.0000000000 
_pdbx_struct_oper_list.matrix[1][2]         0.0000000000 
_pdbx_struct_oper_list.matrix[1][3]         0.0000000000 
_pdbx_struct_oper_list.vector[1]            0.0000000000 
_pdbx_struct_oper_list.matrix[2][1]         0.0000000000 
_pdbx_struct_oper_list.matrix[2][2]         1.0000000000 
_pdbx_struct_oper_list.matrix[2][3]         0.0000000000 
_pdbx_struct_oper_list.vector[2]            0.0000000000 
_pdbx_struct_oper_list.matrix[3][1]         0.0000000000 
_pdbx_struct_oper_list.matrix[3][2]         0.0000000000 
_pdbx_struct_oper_list.matrix[3][3]         1.0000000000 
_pdbx_struct_oper_list.vector[3]            0.0000000000 
# 
_struct_biol.id                    1 
_struct_biol.details               'This protein exists as a monomer' 
_struct_biol.pdbx_parent_biol_id   ? 
# 
loop_
_struct_conf.conf_type_id 
_struct_conf.id 
_struct_conf.pdbx_PDB_helix_id 
_struct_conf.beg_label_comp_id 
_struct_conf.beg_label_asym_id 
_struct_conf.beg_label_seq_id 
_struct_conf.pdbx_beg_PDB_ins_code 
_struct_conf.end_label_comp_id 
_struct_conf.end_label_asym_id 
_struct_conf.end_label_seq_id 
_struct_conf.pdbx_end_PDB_ins_code 
_struct_conf.beg_auth_comp_id 
_struct_conf.beg_auth_asym_id 
_struct_conf.beg_auth_seq_id 
_struct_conf.end_auth_comp_id 
_struct_conf.end_auth_asym_id 
_struct_conf.end_auth_seq_id 
_struct_conf.pdbx_PDB_helix_class 
_struct_conf.details 
_struct_conf.pdbx_PDB_helix_length 
HELX_P HELX_P1 1 THR A 36  ? TRP A 50  ? THR A 36  TRP A 50  1 ? 15 
HELX_P HELX_P2 2 ARG A 59  ? ASP A 63  ? ARG A 59  ASP A 63  5 ? 5  
HELX_P HELX_P3 3 ASP A 88  ? ARG A 97  ? ASP A 88  ARG A 97  1 ? 10 
HELX_P HELX_P4 4 LEU A 110 ? ILE A 118 ? LEU A 110 ILE A 118 1 ? 9  
HELX_P HELX_P5 5 PRO A 119 ? ILE A 121 ? PRO A 119 ILE A 121 5 ? 3  
HELX_P HELX_P6 6 PRO A 133 ? LYS A 142 ? PRO A 133 LYS A 142 1 ? 10 
# 
_struct_conf_type.id          HELX_P 
_struct_conf_type.criteria    ? 
_struct_conf_type.reference   ? 
# 
loop_
_struct_conn.id 
_struct_conn.conn_type_id 
_struct_conn.pdbx_leaving_atom_flag 
_struct_conn.pdbx_PDB_id 
_struct_conn.ptnr1_label_asym_id 
_struct_conn.ptnr1_label_comp_id 
_struct_conn.ptnr1_label_seq_id 
_struct_conn.ptnr1_label_atom_id 
_struct_conn.pdbx_ptnr1_label_alt_id 
_struct_conn.pdbx_ptnr1_PDB_ins_code 
_struct_conn.pdbx_ptnr1_standard_comp_id 
_struct_conn.ptnr1_symmetry 
_struct_conn.ptnr2_label_asym_id 
_struct_conn.ptnr2_label_comp_id 
_struct_conn.ptnr2_label_seq_id 
_struct_conn.ptnr2_label_atom_id 
_struct_conn.pdbx_ptnr2_label_alt_id 
_struct_conn.pdbx_ptnr2_PDB_ins_code 
_struct_conn.ptnr1_auth_asym_id 
_struct_conn.ptnr1_auth_comp_id 
_struct_conn.ptnr1_auth_seq_id 
_struct_conn.ptnr2_auth_asym_id 
_struct_conn.ptnr2_auth_comp_id 
_struct_conn.ptnr2_auth_seq_id 
_struct_conn.ptnr2_symmetry 
_struct_conn.pdbx_ptnr3_label_atom_id 
_struct_conn.pdbx_ptnr3_label_seq_id 
_struct_conn.pdbx_ptnr3_label_comp_id 
_struct_conn.pdbx_ptnr3_label_asym_id 
_struct_conn.pdbx_ptnr3_label_alt_id 
_struct_conn.pdbx_ptnr3_PDB_ins_code 
_struct_conn.details 
_struct_conn.pdbx_dist_value 
_struct_conn.pdbx_value_order 
_struct_conn.pdbx_role 
covale1 covale both ? A ARG 39  C ? ? ? 1_555 A MSE 40  N ? ? A ARG 39  A MSE 40  1_555 ? ? ? ? ? ? ? 1.328 ? ? 
covale2 covale both ? A MSE 40  C ? ? ? 1_555 A THR 41  N ? ? A MSE 40  A THR 41  1_555 ? ? ? ? ? ? ? 1.329 ? ? 
covale3 covale both ? A ASP 143 C ? ? ? 1_555 A MSE 144 N ? ? A ASP 143 A MSE 144 1_555 ? ? ? ? ? ? ? 1.322 ? ? 
covale4 covale both ? A MSE 144 C ? ? ? 1_555 A PRO 145 N ? ? A MSE 144 A PRO 145 1_555 ? ? ? ? ? ? ? 1.344 ? ? 
covale5 covale both ? A VAL 152 C ? ? ? 1_555 A MSE 153 N ? ? A VAL 152 A MSE 153 1_555 ? ? ? ? ? ? ? 1.332 ? ? 
covale6 covale both ? A MSE 153 C ? ? ? 1_555 A ILE 154 N ? ? A MSE 153 A ILE 154 1_555 ? ? ? ? ? ? ? 1.329 ? ? 
# 
_struct_conn_type.id          covale 
_struct_conn_type.criteria    ? 
_struct_conn_type.reference   ? 
# 
loop_
_pdbx_modification_feature.ordinal 
_pdbx_modification_feature.label_comp_id 
_pdbx_modification_feature.label_asym_id 
_pdbx_modification_feature.label_seq_id 
_pdbx_modification_feature.label_alt_id 
_pdbx_modification_feature.modified_residue_label_comp_id 
_pdbx_modification_feature.modified_residue_label_asym_id 
_pdbx_modification_feature.modified_residue_label_seq_id 
_pdbx_modification_feature.modified_residue_label_alt_id 
_pdbx_modification_feature.auth_comp_id 
_pdbx_modification_feature.auth_asym_id 
_pdbx_modification_feature.auth_seq_id 
_pdbx_modification_feature.PDB_ins_code 
_pdbx_modification_feature.symmetry 
_pdbx_modification_feature.modified_residue_auth_comp_id 
_pdbx_modification_feature.modified_residue_auth_asym_id 
_pdbx_modification_feature.modified_residue_auth_seq_id 
_pdbx_modification_feature.modified_residue_PDB_ins_code 
_pdbx_modification_feature.modified_residue_symmetry 
_pdbx_modification_feature.comp_id_linking_atom 
_pdbx_modification_feature.modified_residue_id_linking_atom 
_pdbx_modification_feature.modified_residue_id 
_pdbx_modification_feature.ref_pcm_id 
_pdbx_modification_feature.ref_comp_id 
_pdbx_modification_feature.type 
_pdbx_modification_feature.category 
1 MSE A 40  ? . . . . MSE A 40  ? 1_555 . . . . . . . MET 1 MSE Selenomethionine 'Named protein modification' 
2 MSE A 144 ? . . . . MSE A 144 ? 1_555 . . . . . . . MET 1 MSE Selenomethionine 'Named protein modification' 
3 MSE A 153 ? . . . . MSE A 153 ? 1_555 . . . . . . . MET 1 MSE Selenomethionine 'Named protein modification' 
# 
loop_
_struct_mon_prot_cis.pdbx_id 
_struct_mon_prot_cis.label_comp_id 
_struct_mon_prot_cis.label_seq_id 
_struct_mon_prot_cis.label_asym_id 
_struct_mon_prot_cis.label_alt_id 
_struct_mon_prot_cis.pdbx_PDB_ins_code 
_struct_mon_prot_cis.auth_comp_id 
_struct_mon_prot_cis.auth_seq_id 
_struct_mon_prot_cis.auth_asym_id 
_struct_mon_prot_cis.pdbx_label_comp_id_2 
_struct_mon_prot_cis.pdbx_label_seq_id_2 
_struct_mon_prot_cis.pdbx_label_asym_id_2 
_struct_mon_prot_cis.pdbx_PDB_ins_code_2 
_struct_mon_prot_cis.pdbx_auth_comp_id_2 
_struct_mon_prot_cis.pdbx_auth_seq_id_2 
_struct_mon_prot_cis.pdbx_auth_asym_id_2 
_struct_mon_prot_cis.pdbx_PDB_model_num 
_struct_mon_prot_cis.pdbx_omega_angle 
1 ALA 2 A . ? ALA 2 A GLN 3 A ? GLN 3 A 1 -4.34 
2 GLN 3 A . ? GLN 3 A PRO 4 A ? PRO 4 A 1 4.14  
# 
loop_
_struct_sheet.id 
_struct_sheet.type 
_struct_sheet.number_strands 
_struct_sheet.details 
A ? 5 ? 
B ? 6 ? 
# 
loop_
_struct_sheet_order.sheet_id 
_struct_sheet_order.range_id_1 
_struct_sheet_order.range_id_2 
_struct_sheet_order.offset 
_struct_sheet_order.sense 
A 1 2 ? anti-parallel 
A 2 3 ? parallel      
A 3 4 ? anti-parallel 
A 4 5 ? anti-parallel 
B 1 2 ? anti-parallel 
B 2 3 ? anti-parallel 
B 3 4 ? parallel      
B 4 5 ? parallel      
B 5 6 ? anti-parallel 
# 
loop_
_struct_sheet_range.sheet_id 
_struct_sheet_range.id 
_struct_sheet_range.beg_label_comp_id 
_struct_sheet_range.beg_label_asym_id 
_struct_sheet_range.beg_label_seq_id 
_struct_sheet_range.pdbx_beg_PDB_ins_code 
_struct_sheet_range.end_label_comp_id 
_struct_sheet_range.end_label_asym_id 
_struct_sheet_range.end_label_seq_id 
_struct_sheet_range.pdbx_end_PDB_ins_code 
_struct_sheet_range.beg_auth_comp_id 
_struct_sheet_range.beg_auth_asym_id 
_struct_sheet_range.beg_auth_seq_id 
_struct_sheet_range.end_auth_comp_id 
_struct_sheet_range.end_auth_asym_id 
_struct_sheet_range.end_auth_seq_id 
A 1 VAL A 21  ? ARG A 31  ? VAL A 21  ARG A 31  
A 2 THR A 6   ? ASP A 16  ? THR A 6   ASP A 16  
A 3 VAL A 147 ? SER A 155 ? VAL A 147 SER A 155 
A 4 THR A 158 ? ASP A 163 ? THR A 158 ASP A 163 
A 5 GLY A 166 ? VAL A 170 ? GLY A 166 VAL A 170 
B 1 LEU A 55  ? PHE A 57  ? LEU A 55  PHE A 57  
B 2 LEU A 69  ? LYS A 72  ? LEU A 69  LYS A 72  
B 3 VAL A 78  ? VAL A 84  ? VAL A 78  VAL A 84  
B 4 THR A 99  ? ALA A 106 ? THR A 99  ALA A 106 
B 5 VAL A 127 ? ALA A 131 ? VAL A 127 ALA A 131 
B 6 GLN A 173 ? THR A 176 ? GLN A 173 THR A 176 
# 
loop_
_pdbx_struct_sheet_hbond.sheet_id 
_pdbx_struct_sheet_hbond.range_id_1 
_pdbx_struct_sheet_hbond.range_id_2 
_pdbx_struct_sheet_hbond.range_1_label_atom_id 
_pdbx_struct_sheet_hbond.range_1_label_comp_id 
_pdbx_struct_sheet_hbond.range_1_label_asym_id 
_pdbx_struct_sheet_hbond.range_1_label_seq_id 
_pdbx_struct_sheet_hbond.range_1_PDB_ins_code 
_pdbx_struct_sheet_hbond.range_1_auth_atom_id 
_pdbx_struct_sheet_hbond.range_1_auth_comp_id 
_pdbx_struct_sheet_hbond.range_1_auth_asym_id 
_pdbx_struct_sheet_hbond.range_1_auth_seq_id 
_pdbx_struct_sheet_hbond.range_2_label_atom_id 
_pdbx_struct_sheet_hbond.range_2_label_comp_id 
_pdbx_struct_sheet_hbond.range_2_label_asym_id 
_pdbx_struct_sheet_hbond.range_2_label_seq_id 
_pdbx_struct_sheet_hbond.range_2_PDB_ins_code 
_pdbx_struct_sheet_hbond.range_2_auth_atom_id 
_pdbx_struct_sheet_hbond.range_2_auth_comp_id 
_pdbx_struct_sheet_hbond.range_2_auth_asym_id 
_pdbx_struct_sheet_hbond.range_2_auth_seq_id 
A 1 2 O VAL A 21  ? O VAL A 21  N ASP A 16  ? N ASP A 16  
A 2 3 N GLU A 11  ? N GLU A 11  O ILE A 148 ? O ILE A 148 
A 3 4 N ASP A 151 ? N ASP A 151 O THR A 162 ? O THR A 162 
A 4 5 N VAL A 159 ? N VAL A 159 O VAL A 170 ? O VAL A 170 
B 1 2 N ALA A 56  ? N ALA A 56  O TRP A 70  ? O TRP A 70  
B 2 3 N GLU A 71  ? N GLU A 71  O LEU A 79  ? O LEU A 79  
B 3 4 N TRP A 81  ? N TRP A 81  O SER A 103 ? O SER A 103 
B 4 5 N ALA A 106 ? N ALA A 106 O ALA A 130 ? O ALA A 130 
B 5 6 N ILE A 129 ? N ILE A 129 O LEU A 175 ? O LEU A 175 
# 
loop_
_struct_site.id 
_struct_site.pdbx_evidence_code 
_struct_site.pdbx_auth_asym_id 
_struct_site.pdbx_auth_comp_id 
_struct_site.pdbx_auth_seq_id 
_struct_site.pdbx_auth_ins_code 
_struct_site.pdbx_num_residues 
_struct_site.details 
AC1 Software A NA  181 ? 2  'BINDING SITE FOR RESIDUE NA A 181'  
AC2 Software A SRT 201 ? 11 'BINDING SITE FOR RESIDUE SRT A 201' 
# 
loop_
_struct_site_gen.id 
_struct_site_gen.site_id 
_struct_site_gen.pdbx_num_res 
_struct_site_gen.label_comp_id 
_struct_site_gen.label_asym_id 
_struct_site_gen.label_seq_id 
_struct_site_gen.pdbx_auth_ins_code 
_struct_site_gen.auth_comp_id 
_struct_site_gen.auth_asym_id 
_struct_site_gen.auth_seq_id 
_struct_site_gen.label_atom_id 
_struct_site_gen.label_alt_id 
_struct_site_gen.symmetry 
_struct_site_gen.details 
1  AC1 2  MSE A 40  ? MSE A 40  . ? 1_555 ? 
2  AC1 2  MSE A 144 ? MSE A 144 . ? 1_555 ? 
3  AC2 11 ARG A 39  ? ARG A 39  . ? 1_555 ? 
4  AC2 11 LEU A 61  ? LEU A 61  . ? 1_555 ? 
5  AC2 11 VAL A 84  ? VAL A 84  . ? 1_555 ? 
6  AC2 11 GLY A 85  ? GLY A 85  . ? 1_555 ? 
7  AC2 11 GLN A 86  ? GLN A 86  . ? 1_555 ? 
8  AC2 11 ARG A 91  ? ARG A 91  . ? 1_555 ? 
9  AC2 11 TRP A 94  ? TRP A 94  . ? 4_465 ? 
10 AC2 11 ARG A 97  ? ARG A 97  . ? 4_465 ? 
11 AC2 11 HOH D .   ? HOH A 216 . ? 1_555 ? 
12 AC2 11 HOH D .   ? HOH A 265 . ? 1_555 ? 
13 AC2 11 HOH D .   ? HOH A 270 . ? 1_555 ? 
# 
_pdbx_entry_details.entry_id                   2OT9 
_pdbx_entry_details.compound_details           ? 
_pdbx_entry_details.source_details             ? 
_pdbx_entry_details.nonpolymer_details         ? 
_pdbx_entry_details.sequence_details           ? 
_pdbx_entry_details.has_ligand_of_interest     ? 
_pdbx_entry_details.has_protein_modification   Y 
# 
_pdbx_validate_close_contact.id               1 
_pdbx_validate_close_contact.PDB_model_num    1 
_pdbx_validate_close_contact.auth_atom_id_1   O 
_pdbx_validate_close_contact.auth_asym_id_1   A 
_pdbx_validate_close_contact.auth_comp_id_1   GLY 
_pdbx_validate_close_contact.auth_seq_id_1    60 
_pdbx_validate_close_contact.PDB_ins_code_1   ? 
_pdbx_validate_close_contact.label_alt_id_1   ? 
_pdbx_validate_close_contact.auth_atom_id_2   O 
_pdbx_validate_close_contact.auth_asym_id_2   A 
_pdbx_validate_close_contact.auth_comp_id_2   HOH 
_pdbx_validate_close_contact.auth_seq_id_2    300 
_pdbx_validate_close_contact.PDB_ins_code_2   ? 
_pdbx_validate_close_contact.label_alt_id_2   ? 
_pdbx_validate_close_contact.dist             2.14 
# 
_pdbx_validate_torsion.id              1 
_pdbx_validate_torsion.PDB_model_num   1 
_pdbx_validate_torsion.auth_comp_id    ASP 
_pdbx_validate_torsion.auth_asym_id    A 
_pdbx_validate_torsion.auth_seq_id     163 
_pdbx_validate_torsion.PDB_ins_code    ? 
_pdbx_validate_torsion.label_alt_id    ? 
_pdbx_validate_torsion.phi             -125.24 
_pdbx_validate_torsion.psi             -161.03 
# 
loop_
_pdbx_validate_chiral.id 
_pdbx_validate_chiral.PDB_model_num 
_pdbx_validate_chiral.auth_atom_id 
_pdbx_validate_chiral.label_alt_id 
_pdbx_validate_chiral.auth_asym_id 
_pdbx_validate_chiral.auth_comp_id 
_pdbx_validate_chiral.auth_seq_id 
_pdbx_validate_chiral.PDB_ins_code 
_pdbx_validate_chiral.details 
_pdbx_validate_chiral.omega 
1 1 C2 ? A SRT 201 ? 'WRONG HAND' . 
2 1 C3 ? A SRT 201 ? 'WRONG HAND' . 
# 
_pdbx_SG_project.id                    1 
_pdbx_SG_project.project_name          'PSI, Protein Structure Initiative' 
_pdbx_SG_project.full_name_of_center   'Midwest Center for Structural Genomics' 
_pdbx_SG_project.initial_of_center     MCSG 
# 
loop_
_pdbx_struct_mod_residue.id 
_pdbx_struct_mod_residue.label_asym_id 
_pdbx_struct_mod_residue.label_comp_id 
_pdbx_struct_mod_residue.label_seq_id 
_pdbx_struct_mod_residue.auth_asym_id 
_pdbx_struct_mod_residue.auth_comp_id 
_pdbx_struct_mod_residue.auth_seq_id 
_pdbx_struct_mod_residue.PDB_ins_code 
_pdbx_struct_mod_residue.parent_comp_id 
_pdbx_struct_mod_residue.details 
1 A MSE 40  A MSE 40  ? MET SELENOMETHIONINE 
2 A MSE 144 A MSE 144 ? MET SELENOMETHIONINE 
3 A MSE 153 A MSE 153 ? MET SELENOMETHIONINE 
# 
_pdbx_refine_tls.id               1 
_pdbx_refine_tls.details          ? 
_pdbx_refine_tls.method           refined 
_pdbx_refine_tls.origin_x         0.0635 
_pdbx_refine_tls.origin_y         0.1884 
_pdbx_refine_tls.origin_z         -0.0419 
_pdbx_refine_tls.T[1][1]          -0.0686 
_pdbx_refine_tls.T[2][2]          -0.0854 
_pdbx_refine_tls.T[3][3]          -0.0791 
_pdbx_refine_tls.T[1][2]          0.0072 
_pdbx_refine_tls.T[1][3]          -0.0228 
_pdbx_refine_tls.T[2][3]          0.0120 
_pdbx_refine_tls.L[1][1]          1.4800 
_pdbx_refine_tls.L[2][2]          1.4418 
_pdbx_refine_tls.L[3][3]          2.7163 
_pdbx_refine_tls.L[1][2]          0.1496 
_pdbx_refine_tls.L[1][3]          -0.7418 
_pdbx_refine_tls.L[2][3]          -0.8497 
_pdbx_refine_tls.S[1][1]          0.0489 
_pdbx_refine_tls.S[1][2]          -0.0200 
_pdbx_refine_tls.S[1][3]          -0.0213 
_pdbx_refine_tls.S[2][1]          0.0487 
_pdbx_refine_tls.S[2][2]          -0.0989 
_pdbx_refine_tls.S[2][3]          -0.1164 
_pdbx_refine_tls.S[3][1]          -0.1133 
_pdbx_refine_tls.S[3][2]          0.0013 
_pdbx_refine_tls.S[3][3]          0.0501 
_pdbx_refine_tls.pdbx_refine_id   'X-RAY DIFFRACTION' 
# 
_pdbx_refine_tls_group.id                  1 
_pdbx_refine_tls_group.refine_tls_id       1 
_pdbx_refine_tls_group.beg_auth_asym_id    A 
_pdbx_refine_tls_group.beg_auth_seq_id     3 
_pdbx_refine_tls_group.beg_label_asym_id   A 
_pdbx_refine_tls_group.beg_label_seq_id    3 
_pdbx_refine_tls_group.end_auth_asym_id    A 
_pdbx_refine_tls_group.end_auth_seq_id     180 
_pdbx_refine_tls_group.end_label_asym_id   A 
_pdbx_refine_tls_group.end_label_seq_id    180 
_pdbx_refine_tls_group.selection           ? 
_pdbx_refine_tls_group.pdbx_refine_id      'X-RAY DIFFRACTION' 
_pdbx_refine_tls_group.selection_details   ? 
# 
_pdbx_unobs_or_zero_occ_residues.id               1 
_pdbx_unobs_or_zero_occ_residues.PDB_model_num    1 
_pdbx_unobs_or_zero_occ_residues.polymer_flag     Y 
_pdbx_unobs_or_zero_occ_residues.occupancy_flag   1 
_pdbx_unobs_or_zero_occ_residues.auth_asym_id     A 
_pdbx_unobs_or_zero_occ_residues.auth_comp_id     MET 
_pdbx_unobs_or_zero_occ_residues.auth_seq_id      1 
_pdbx_unobs_or_zero_occ_residues.PDB_ins_code     ? 
_pdbx_unobs_or_zero_occ_residues.label_asym_id    A 
_pdbx_unobs_or_zero_occ_residues.label_comp_id    MET 
_pdbx_unobs_or_zero_occ_residues.label_seq_id     1 
# 
loop_
_chem_comp_atom.comp_id 
_chem_comp_atom.atom_id 
_chem_comp_atom.type_symbol 
_chem_comp_atom.pdbx_aromatic_flag 
_chem_comp_atom.pdbx_stereo_config 
_chem_comp_atom.pdbx_ordinal 
ALA N    N  N N 1   
ALA CA   C  N S 2   
ALA C    C  N N 3   
ALA O    O  N N 4   
ALA CB   C  N N 5   
ALA OXT  O  N N 6   
ALA H    H  N N 7   
ALA H2   H  N N 8   
ALA HA   H  N N 9   
ALA HB1  H  N N 10  
ALA HB2  H  N N 11  
ALA HB3  H  N N 12  
ALA HXT  H  N N 13  
ARG N    N  N N 14  
ARG CA   C  N S 15  
ARG C    C  N N 16  
ARG O    O  N N 17  
ARG CB   C  N N 18  
ARG CG   C  N N 19  
ARG CD   C  N N 20  
ARG NE   N  N N 21  
ARG CZ   C  N N 22  
ARG NH1  N  N N 23  
ARG NH2  N  N N 24  
ARG OXT  O  N N 25  
ARG H    H  N N 26  
ARG H2   H  N N 27  
ARG HA   H  N N 28  
ARG HB2  H  N N 29  
ARG HB3  H  N N 30  
ARG HG2  H  N N 31  
ARG HG3  H  N N 32  
ARG HD2  H  N N 33  
ARG HD3  H  N N 34  
ARG HE   H  N N 35  
ARG HH11 H  N N 36  
ARG HH12 H  N N 37  
ARG HH21 H  N N 38  
ARG HH22 H  N N 39  
ARG HXT  H  N N 40  
ASN N    N  N N 41  
ASN CA   C  N S 42  
ASN C    C  N N 43  
ASN O    O  N N 44  
ASN CB   C  N N 45  
ASN CG   C  N N 46  
ASN OD1  O  N N 47  
ASN ND2  N  N N 48  
ASN OXT  O  N N 49  
ASN H    H  N N 50  
ASN H2   H  N N 51  
ASN HA   H  N N 52  
ASN HB2  H  N N 53  
ASN HB3  H  N N 54  
ASN HD21 H  N N 55  
ASN HD22 H  N N 56  
ASN HXT  H  N N 57  
ASP N    N  N N 58  
ASP CA   C  N S 59  
ASP C    C  N N 60  
ASP O    O  N N 61  
ASP CB   C  N N 62  
ASP CG   C  N N 63  
ASP OD1  O  N N 64  
ASP OD2  O  N N 65  
ASP OXT  O  N N 66  
ASP H    H  N N 67  
ASP H2   H  N N 68  
ASP HA   H  N N 69  
ASP HB2  H  N N 70  
ASP HB3  H  N N 71  
ASP HD2  H  N N 72  
ASP HXT  H  N N 73  
CYS N    N  N N 74  
CYS CA   C  N R 75  
CYS C    C  N N 76  
CYS O    O  N N 77  
CYS CB   C  N N 78  
CYS SG   S  N N 79  
CYS OXT  O  N N 80  
CYS H    H  N N 81  
CYS H2   H  N N 82  
CYS HA   H  N N 83  
CYS HB2  H  N N 84  
CYS HB3  H  N N 85  
CYS HG   H  N N 86  
CYS HXT  H  N N 87  
GLN N    N  N N 88  
GLN CA   C  N S 89  
GLN C    C  N N 90  
GLN O    O  N N 91  
GLN CB   C  N N 92  
GLN CG   C  N N 93  
GLN CD   C  N N 94  
GLN OE1  O  N N 95  
GLN NE2  N  N N 96  
GLN OXT  O  N N 97  
GLN H    H  N N 98  
GLN H2   H  N N 99  
GLN HA   H  N N 100 
GLN HB2  H  N N 101 
GLN HB3  H  N N 102 
GLN HG2  H  N N 103 
GLN HG3  H  N N 104 
GLN HE21 H  N N 105 
GLN HE22 H  N N 106 
GLN HXT  H  N N 107 
GLU N    N  N N 108 
GLU CA   C  N S 109 
GLU C    C  N N 110 
GLU O    O  N N 111 
GLU CB   C  N N 112 
GLU CG   C  N N 113 
GLU CD   C  N N 114 
GLU OE1  O  N N 115 
GLU OE2  O  N N 116 
GLU OXT  O  N N 117 
GLU H    H  N N 118 
GLU H2   H  N N 119 
GLU HA   H  N N 120 
GLU HB2  H  N N 121 
GLU HB3  H  N N 122 
GLU HG2  H  N N 123 
GLU HG3  H  N N 124 
GLU HE2  H  N N 125 
GLU HXT  H  N N 126 
GLY N    N  N N 127 
GLY CA   C  N N 128 
GLY C    C  N N 129 
GLY O    O  N N 130 
GLY OXT  O  N N 131 
GLY H    H  N N 132 
GLY H2   H  N N 133 
GLY HA2  H  N N 134 
GLY HA3  H  N N 135 
GLY HXT  H  N N 136 
HIS N    N  N N 137 
HIS CA   C  N S 138 
HIS C    C  N N 139 
HIS O    O  N N 140 
HIS CB   C  N N 141 
HIS CG   C  Y N 142 
HIS ND1  N  Y N 143 
HIS CD2  C  Y N 144 
HIS CE1  C  Y N 145 
HIS NE2  N  Y N 146 
HIS OXT  O  N N 147 
HIS H    H  N N 148 
HIS H2   H  N N 149 
HIS HA   H  N N 150 
HIS HB2  H  N N 151 
HIS HB3  H  N N 152 
HIS HD1  H  N N 153 
HIS HD2  H  N N 154 
HIS HE1  H  N N 155 
HIS HE2  H  N N 156 
HIS HXT  H  N N 157 
HOH O    O  N N 158 
HOH H1   H  N N 159 
HOH H2   H  N N 160 
ILE N    N  N N 161 
ILE CA   C  N S 162 
ILE C    C  N N 163 
ILE O    O  N N 164 
ILE CB   C  N S 165 
ILE CG1  C  N N 166 
ILE CG2  C  N N 167 
ILE CD1  C  N N 168 
ILE OXT  O  N N 169 
ILE H    H  N N 170 
ILE H2   H  N N 171 
ILE HA   H  N N 172 
ILE HB   H  N N 173 
ILE HG12 H  N N 174 
ILE HG13 H  N N 175 
ILE HG21 H  N N 176 
ILE HG22 H  N N 177 
ILE HG23 H  N N 178 
ILE HD11 H  N N 179 
ILE HD12 H  N N 180 
ILE HD13 H  N N 181 
ILE HXT  H  N N 182 
LEU N    N  N N 183 
LEU CA   C  N S 184 
LEU C    C  N N 185 
LEU O    O  N N 186 
LEU CB   C  N N 187 
LEU CG   C  N N 188 
LEU CD1  C  N N 189 
LEU CD2  C  N N 190 
LEU OXT  O  N N 191 
LEU H    H  N N 192 
LEU H2   H  N N 193 
LEU HA   H  N N 194 
LEU HB2  H  N N 195 
LEU HB3  H  N N 196 
LEU HG   H  N N 197 
LEU HD11 H  N N 198 
LEU HD12 H  N N 199 
LEU HD13 H  N N 200 
LEU HD21 H  N N 201 
LEU HD22 H  N N 202 
LEU HD23 H  N N 203 
LEU HXT  H  N N 204 
LYS N    N  N N 205 
LYS CA   C  N S 206 
LYS C    C  N N 207 
LYS O    O  N N 208 
LYS CB   C  N N 209 
LYS CG   C  N N 210 
LYS CD   C  N N 211 
LYS CE   C  N N 212 
LYS NZ   N  N N 213 
LYS OXT  O  N N 214 
LYS H    H  N N 215 
LYS H2   H  N N 216 
LYS HA   H  N N 217 
LYS HB2  H  N N 218 
LYS HB3  H  N N 219 
LYS HG2  H  N N 220 
LYS HG3  H  N N 221 
LYS HD2  H  N N 222 
LYS HD3  H  N N 223 
LYS HE2  H  N N 224 
LYS HE3  H  N N 225 
LYS HZ1  H  N N 226 
LYS HZ2  H  N N 227 
LYS HZ3  H  N N 228 
LYS HXT  H  N N 229 
MET N    N  N N 230 
MET CA   C  N S 231 
MET C    C  N N 232 
MET O    O  N N 233 
MET CB   C  N N 234 
MET CG   C  N N 235 
MET SD   S  N N 236 
MET CE   C  N N 237 
MET OXT  O  N N 238 
MET H    H  N N 239 
MET H2   H  N N 240 
MET HA   H  N N 241 
MET HB2  H  N N 242 
MET HB3  H  N N 243 
MET HG2  H  N N 244 
MET HG3  H  N N 245 
MET HE1  H  N N 246 
MET HE2  H  N N 247 
MET HE3  H  N N 248 
MET HXT  H  N N 249 
MSE N    N  N N 250 
MSE CA   C  N S 251 
MSE C    C  N N 252 
MSE O    O  N N 253 
MSE OXT  O  N N 254 
MSE CB   C  N N 255 
MSE CG   C  N N 256 
MSE SE   SE N N 257 
MSE CE   C  N N 258 
MSE H    H  N N 259 
MSE H2   H  N N 260 
MSE HA   H  N N 261 
MSE HXT  H  N N 262 
MSE HB2  H  N N 263 
MSE HB3  H  N N 264 
MSE HG2  H  N N 265 
MSE HG3  H  N N 266 
MSE HE1  H  N N 267 
MSE HE2  H  N N 268 
MSE HE3  H  N N 269 
NA  NA   NA N N 270 
PHE N    N  N N 271 
PHE CA   C  N S 272 
PHE C    C  N N 273 
PHE O    O  N N 274 
PHE CB   C  N N 275 
PHE CG   C  Y N 276 
PHE CD1  C  Y N 277 
PHE CD2  C  Y N 278 
PHE CE1  C  Y N 279 
PHE CE2  C  Y N 280 
PHE CZ   C  Y N 281 
PHE OXT  O  N N 282 
PHE H    H  N N 283 
PHE H2   H  N N 284 
PHE HA   H  N N 285 
PHE HB2  H  N N 286 
PHE HB3  H  N N 287 
PHE HD1  H  N N 288 
PHE HD2  H  N N 289 
PHE HE1  H  N N 290 
PHE HE2  H  N N 291 
PHE HZ   H  N N 292 
PHE HXT  H  N N 293 
PRO N    N  N N 294 
PRO CA   C  N S 295 
PRO C    C  N N 296 
PRO O    O  N N 297 
PRO CB   C  N N 298 
PRO CG   C  N N 299 
PRO CD   C  N N 300 
PRO OXT  O  N N 301 
PRO H    H  N N 302 
PRO HA   H  N N 303 
PRO HB2  H  N N 304 
PRO HB3  H  N N 305 
PRO HG2  H  N N 306 
PRO HG3  H  N N 307 
PRO HD2  H  N N 308 
PRO HD3  H  N N 309 
PRO HXT  H  N N 310 
SER N    N  N N 311 
SER CA   C  N S 312 
SER C    C  N N 313 
SER O    O  N N 314 
SER CB   C  N N 315 
SER OG   O  N N 316 
SER OXT  O  N N 317 
SER H    H  N N 318 
SER H2   H  N N 319 
SER HA   H  N N 320 
SER HB2  H  N N 321 
SER HB3  H  N N 322 
SER HG   H  N N 323 
SER HXT  H  N N 324 
SRT O1   O  N N 325 
SRT O11  O  N N 326 
SRT C1   C  N N 327 
SRT C2   C  N S 328 
SRT O2   O  N N 329 
SRT C3   C  N R 330 
SRT O3   O  N N 331 
SRT C4   C  N N 332 
SRT O4   O  N N 333 
SRT O41  O  N N 334 
SRT H1   H  N N 335 
SRT H2   H  N N 336 
SRT HA   H  N N 337 
SRT H3   H  N N 338 
SRT HB   H  N N 339 
SRT H41  H  N N 340 
THR N    N  N N 341 
THR CA   C  N S 342 
THR C    C  N N 343 
THR O    O  N N 344 
THR CB   C  N R 345 
THR OG1  O  N N 346 
THR CG2  C  N N 347 
THR OXT  O  N N 348 
THR H    H  N N 349 
THR H2   H  N N 350 
THR HA   H  N N 351 
THR HB   H  N N 352 
THR HG1  H  N N 353 
THR HG21 H  N N 354 
THR HG22 H  N N 355 
THR HG23 H  N N 356 
THR HXT  H  N N 357 
TRP N    N  N N 358 
TRP CA   C  N S 359 
TRP C    C  N N 360 
TRP O    O  N N 361 
TRP CB   C  N N 362 
TRP CG   C  Y N 363 
TRP CD1  C  Y N 364 
TRP CD2  C  Y N 365 
TRP NE1  N  Y N 366 
TRP CE2  C  Y N 367 
TRP CE3  C  Y N 368 
TRP CZ2  C  Y N 369 
TRP CZ3  C  Y N 370 
TRP CH2  C  Y N 371 
TRP OXT  O  N N 372 
TRP H    H  N N 373 
TRP H2   H  N N 374 
TRP HA   H  N N 375 
TRP HB2  H  N N 376 
TRP HB3  H  N N 377 
TRP HD1  H  N N 378 
TRP HE1  H  N N 379 
TRP HE3  H  N N 380 
TRP HZ2  H  N N 381 
TRP HZ3  H  N N 382 
TRP HH2  H  N N 383 
TRP HXT  H  N N 384 
TYR N    N  N N 385 
TYR CA   C  N S 386 
TYR C    C  N N 387 
TYR O    O  N N 388 
TYR CB   C  N N 389 
TYR CG   C  Y N 390 
TYR CD1  C  Y N 391 
TYR CD2  C  Y N 392 
TYR CE1  C  Y N 393 
TYR CE2  C  Y N 394 
TYR CZ   C  Y N 395 
TYR OH   O  N N 396 
TYR OXT  O  N N 397 
TYR H    H  N N 398 
TYR H2   H  N N 399 
TYR HA   H  N N 400 
TYR HB2  H  N N 401 
TYR HB3  H  N N 402 
TYR HD1  H  N N 403 
TYR HD2  H  N N 404 
TYR HE1  H  N N 405 
TYR HE2  H  N N 406 
TYR HH   H  N N 407 
TYR HXT  H  N N 408 
VAL N    N  N N 409 
VAL CA   C  N S 410 
VAL C    C  N N 411 
VAL O    O  N N 412 
VAL CB   C  N N 413 
VAL CG1  C  N N 414 
VAL CG2  C  N N 415 
VAL OXT  O  N N 416 
VAL H    H  N N 417 
VAL H2   H  N N 418 
VAL HA   H  N N 419 
VAL HB   H  N N 420 
VAL HG11 H  N N 421 
VAL HG12 H  N N 422 
VAL HG13 H  N N 423 
VAL HG21 H  N N 424 
VAL HG22 H  N N 425 
VAL HG23 H  N N 426 
VAL HXT  H  N N 427 
# 
loop_
_chem_comp_bond.comp_id 
_chem_comp_bond.atom_id_1 
_chem_comp_bond.atom_id_2 
_chem_comp_bond.value_order 
_chem_comp_bond.pdbx_aromatic_flag 
_chem_comp_bond.pdbx_stereo_config 
_chem_comp_bond.pdbx_ordinal 
ALA N   CA   sing N N 1   
ALA N   H    sing N N 2   
ALA N   H2   sing N N 3   
ALA CA  C    sing N N 4   
ALA CA  CB   sing N N 5   
ALA CA  HA   sing N N 6   
ALA C   O    doub N N 7   
ALA C   OXT  sing N N 8   
ALA CB  HB1  sing N N 9   
ALA CB  HB2  sing N N 10  
ALA CB  HB3  sing N N 11  
ALA OXT HXT  sing N N 12  
ARG N   CA   sing N N 13  
ARG N   H    sing N N 14  
ARG N   H2   sing N N 15  
ARG CA  C    sing N N 16  
ARG CA  CB   sing N N 17  
ARG CA  HA   sing N N 18  
ARG C   O    doub N N 19  
ARG C   OXT  sing N N 20  
ARG CB  CG   sing N N 21  
ARG CB  HB2  sing N N 22  
ARG CB  HB3  sing N N 23  
ARG CG  CD   sing N N 24  
ARG CG  HG2  sing N N 25  
ARG CG  HG3  sing N N 26  
ARG CD  NE   sing N N 27  
ARG CD  HD2  sing N N 28  
ARG CD  HD3  sing N N 29  
ARG NE  CZ   sing N N 30  
ARG NE  HE   sing N N 31  
ARG CZ  NH1  sing N N 32  
ARG CZ  NH2  doub N N 33  
ARG NH1 HH11 sing N N 34  
ARG NH1 HH12 sing N N 35  
ARG NH2 HH21 sing N N 36  
ARG NH2 HH22 sing N N 37  
ARG OXT HXT  sing N N 38  
ASN N   CA   sing N N 39  
ASN N   H    sing N N 40  
ASN N   H2   sing N N 41  
ASN CA  C    sing N N 42  
ASN CA  CB   sing N N 43  
ASN CA  HA   sing N N 44  
ASN C   O    doub N N 45  
ASN C   OXT  sing N N 46  
ASN CB  CG   sing N N 47  
ASN CB  HB2  sing N N 48  
ASN CB  HB3  sing N N 49  
ASN CG  OD1  doub N N 50  
ASN CG  ND2  sing N N 51  
ASN ND2 HD21 sing N N 52  
ASN ND2 HD22 sing N N 53  
ASN OXT HXT  sing N N 54  
ASP N   CA   sing N N 55  
ASP N   H    sing N N 56  
ASP N   H2   sing N N 57  
ASP CA  C    sing N N 58  
ASP CA  CB   sing N N 59  
ASP CA  HA   sing N N 60  
ASP C   O    doub N N 61  
ASP C   OXT  sing N N 62  
ASP CB  CG   sing N N 63  
ASP CB  HB2  sing N N 64  
ASP CB  HB3  sing N N 65  
ASP CG  OD1  doub N N 66  
ASP CG  OD2  sing N N 67  
ASP OD2 HD2  sing N N 68  
ASP OXT HXT  sing N N 69  
CYS N   CA   sing N N 70  
CYS N   H    sing N N 71  
CYS N   H2   sing N N 72  
CYS CA  C    sing N N 73  
CYS CA  CB   sing N N 74  
CYS CA  HA   sing N N 75  
CYS C   O    doub N N 76  
CYS C   OXT  sing N N 77  
CYS CB  SG   sing N N 78  
CYS CB  HB2  sing N N 79  
CYS CB  HB3  sing N N 80  
CYS SG  HG   sing N N 81  
CYS OXT HXT  sing N N 82  
GLN N   CA   sing N N 83  
GLN N   H    sing N N 84  
GLN N   H2   sing N N 85  
GLN CA  C    sing N N 86  
GLN CA  CB   sing N N 87  
GLN CA  HA   sing N N 88  
GLN C   O    doub N N 89  
GLN C   OXT  sing N N 90  
GLN CB  CG   sing N N 91  
GLN CB  HB2  sing N N 92  
GLN CB  HB3  sing N N 93  
GLN CG  CD   sing N N 94  
GLN CG  HG2  sing N N 95  
GLN CG  HG3  sing N N 96  
GLN CD  OE1  doub N N 97  
GLN CD  NE2  sing N N 98  
GLN NE2 HE21 sing N N 99  
GLN NE2 HE22 sing N N 100 
GLN OXT HXT  sing N N 101 
GLU N   CA   sing N N 102 
GLU N   H    sing N N 103 
GLU N   H2   sing N N 104 
GLU CA  C    sing N N 105 
GLU CA  CB   sing N N 106 
GLU CA  HA   sing N N 107 
GLU C   O    doub N N 108 
GLU C   OXT  sing N N 109 
GLU CB  CG   sing N N 110 
GLU CB  HB2  sing N N 111 
GLU CB  HB3  sing N N 112 
GLU CG  CD   sing N N 113 
GLU CG  HG2  sing N N 114 
GLU CG  HG3  sing N N 115 
GLU CD  OE1  doub N N 116 
GLU CD  OE2  sing N N 117 
GLU OE2 HE2  sing N N 118 
GLU OXT HXT  sing N N 119 
GLY N   CA   sing N N 120 
GLY N   H    sing N N 121 
GLY N   H2   sing N N 122 
GLY CA  C    sing N N 123 
GLY CA  HA2  sing N N 124 
GLY CA  HA3  sing N N 125 
GLY C   O    doub N N 126 
GLY C   OXT  sing N N 127 
GLY OXT HXT  sing N N 128 
HIS N   CA   sing N N 129 
HIS N   H    sing N N 130 
HIS N   H2   sing N N 131 
HIS CA  C    sing N N 132 
HIS CA  CB   sing N N 133 
HIS CA  HA   sing N N 134 
HIS C   O    doub N N 135 
HIS C   OXT  sing N N 136 
HIS CB  CG   sing N N 137 
HIS CB  HB2  sing N N 138 
HIS CB  HB3  sing N N 139 
HIS CG  ND1  sing Y N 140 
HIS CG  CD2  doub Y N 141 
HIS ND1 CE1  doub Y N 142 
HIS ND1 HD1  sing N N 143 
HIS CD2 NE2  sing Y N 144 
HIS CD2 HD2  sing N N 145 
HIS CE1 NE2  sing Y N 146 
HIS CE1 HE1  sing N N 147 
HIS NE2 HE2  sing N N 148 
HIS OXT HXT  sing N N 149 
HOH O   H1   sing N N 150 
HOH O   H2   sing N N 151 
ILE N   CA   sing N N 152 
ILE N   H    sing N N 153 
ILE N   H2   sing N N 154 
ILE CA  C    sing N N 155 
ILE CA  CB   sing N N 156 
ILE CA  HA   sing N N 157 
ILE C   O    doub N N 158 
ILE C   OXT  sing N N 159 
ILE CB  CG1  sing N N 160 
ILE CB  CG2  sing N N 161 
ILE CB  HB   sing N N 162 
ILE CG1 CD1  sing N N 163 
ILE CG1 HG12 sing N N 164 
ILE CG1 HG13 sing N N 165 
ILE CG2 HG21 sing N N 166 
ILE CG2 HG22 sing N N 167 
ILE CG2 HG23 sing N N 168 
ILE CD1 HD11 sing N N 169 
ILE CD1 HD12 sing N N 170 
ILE CD1 HD13 sing N N 171 
ILE OXT HXT  sing N N 172 
LEU N   CA   sing N N 173 
LEU N   H    sing N N 174 
LEU N   H2   sing N N 175 
LEU CA  C    sing N N 176 
LEU CA  CB   sing N N 177 
LEU CA  HA   sing N N 178 
LEU C   O    doub N N 179 
LEU C   OXT  sing N N 180 
LEU CB  CG   sing N N 181 
LEU CB  HB2  sing N N 182 
LEU CB  HB3  sing N N 183 
LEU CG  CD1  sing N N 184 
LEU CG  CD2  sing N N 185 
LEU CG  HG   sing N N 186 
LEU CD1 HD11 sing N N 187 
LEU CD1 HD12 sing N N 188 
LEU CD1 HD13 sing N N 189 
LEU CD2 HD21 sing N N 190 
LEU CD2 HD22 sing N N 191 
LEU CD2 HD23 sing N N 192 
LEU OXT HXT  sing N N 193 
LYS N   CA   sing N N 194 
LYS N   H    sing N N 195 
LYS N   H2   sing N N 196 
LYS CA  C    sing N N 197 
LYS CA  CB   sing N N 198 
LYS CA  HA   sing N N 199 
LYS C   O    doub N N 200 
LYS C   OXT  sing N N 201 
LYS CB  CG   sing N N 202 
LYS CB  HB2  sing N N 203 
LYS CB  HB3  sing N N 204 
LYS CG  CD   sing N N 205 
LYS CG  HG2  sing N N 206 
LYS CG  HG3  sing N N 207 
LYS CD  CE   sing N N 208 
LYS CD  HD2  sing N N 209 
LYS CD  HD3  sing N N 210 
LYS CE  NZ   sing N N 211 
LYS CE  HE2  sing N N 212 
LYS CE  HE3  sing N N 213 
LYS NZ  HZ1  sing N N 214 
LYS NZ  HZ2  sing N N 215 
LYS NZ  HZ3  sing N N 216 
LYS OXT HXT  sing N N 217 
MET N   CA   sing N N 218 
MET N   H    sing N N 219 
MET N   H2   sing N N 220 
MET CA  C    sing N N 221 
MET CA  CB   sing N N 222 
MET CA  HA   sing N N 223 
MET C   O    doub N N 224 
MET C   OXT  sing N N 225 
MET CB  CG   sing N N 226 
MET CB  HB2  sing N N 227 
MET CB  HB3  sing N N 228 
MET CG  SD   sing N N 229 
MET CG  HG2  sing N N 230 
MET CG  HG3  sing N N 231 
MET SD  CE   sing N N 232 
MET CE  HE1  sing N N 233 
MET CE  HE2  sing N N 234 
MET CE  HE3  sing N N 235 
MET OXT HXT  sing N N 236 
MSE N   CA   sing N N 237 
MSE N   H    sing N N 238 
MSE N   H2   sing N N 239 
MSE CA  C    sing N N 240 
MSE CA  CB   sing N N 241 
MSE CA  HA   sing N N 242 
MSE C   O    doub N N 243 
MSE C   OXT  sing N N 244 
MSE OXT HXT  sing N N 245 
MSE CB  CG   sing N N 246 
MSE CB  HB2  sing N N 247 
MSE CB  HB3  sing N N 248 
MSE CG  SE   sing N N 249 
MSE CG  HG2  sing N N 250 
MSE CG  HG3  sing N N 251 
MSE SE  CE   sing N N 252 
MSE CE  HE1  sing N N 253 
MSE CE  HE2  sing N N 254 
MSE CE  HE3  sing N N 255 
PHE N   CA   sing N N 256 
PHE N   H    sing N N 257 
PHE N   H2   sing N N 258 
PHE CA  C    sing N N 259 
PHE CA  CB   sing N N 260 
PHE CA  HA   sing N N 261 
PHE C   O    doub N N 262 
PHE C   OXT  sing N N 263 
PHE CB  CG   sing N N 264 
PHE CB  HB2  sing N N 265 
PHE CB  HB3  sing N N 266 
PHE CG  CD1  doub Y N 267 
PHE CG  CD2  sing Y N 268 
PHE CD1 CE1  sing Y N 269 
PHE CD1 HD1  sing N N 270 
PHE CD2 CE2  doub Y N 271 
PHE CD2 HD2  sing N N 272 
PHE CE1 CZ   doub Y N 273 
PHE CE1 HE1  sing N N 274 
PHE CE2 CZ   sing Y N 275 
PHE CE2 HE2  sing N N 276 
PHE CZ  HZ   sing N N 277 
PHE OXT HXT  sing N N 278 
PRO N   CA   sing N N 279 
PRO N   CD   sing N N 280 
PRO N   H    sing N N 281 
PRO CA  C    sing N N 282 
PRO CA  CB   sing N N 283 
PRO CA  HA   sing N N 284 
PRO C   O    doub N N 285 
PRO C   OXT  sing N N 286 
PRO CB  CG   sing N N 287 
PRO CB  HB2  sing N N 288 
PRO CB  HB3  sing N N 289 
PRO CG  CD   sing N N 290 
PRO CG  HG2  sing N N 291 
PRO CG  HG3  sing N N 292 
PRO CD  HD2  sing N N 293 
PRO CD  HD3  sing N N 294 
PRO OXT HXT  sing N N 295 
SER N   CA   sing N N 296 
SER N   H    sing N N 297 
SER N   H2   sing N N 298 
SER CA  C    sing N N 299 
SER CA  CB   sing N N 300 
SER CA  HA   sing N N 301 
SER C   O    doub N N 302 
SER C   OXT  sing N N 303 
SER CB  OG   sing N N 304 
SER CB  HB2  sing N N 305 
SER CB  HB3  sing N N 306 
SER OG  HG   sing N N 307 
SER OXT HXT  sing N N 308 
SRT O1  C1   sing N N 309 
SRT O1  H1   sing N N 310 
SRT O11 C1   doub N N 311 
SRT C1  C2   sing N N 312 
SRT C2  O2   sing N N 313 
SRT C2  C3   sing N N 314 
SRT C2  H2   sing N N 315 
SRT O2  HA   sing N N 316 
SRT C3  O3   sing N N 317 
SRT C3  C4   sing N N 318 
SRT C3  H3   sing N N 319 
SRT O3  HB   sing N N 320 
SRT C4  O4   doub N N 321 
SRT C4  O41  sing N N 322 
SRT O41 H41  sing N N 323 
THR N   CA   sing N N 324 
THR N   H    sing N N 325 
THR N   H2   sing N N 326 
THR CA  C    sing N N 327 
THR CA  CB   sing N N 328 
THR CA  HA   sing N N 329 
THR C   O    doub N N 330 
THR C   OXT  sing N N 331 
THR CB  OG1  sing N N 332 
THR CB  CG2  sing N N 333 
THR CB  HB   sing N N 334 
THR OG1 HG1  sing N N 335 
THR CG2 HG21 sing N N 336 
THR CG2 HG22 sing N N 337 
THR CG2 HG23 sing N N 338 
THR OXT HXT  sing N N 339 
TRP N   CA   sing N N 340 
TRP N   H    sing N N 341 
TRP N   H2   sing N N 342 
TRP CA  C    sing N N 343 
TRP CA  CB   sing N N 344 
TRP CA  HA   sing N N 345 
TRP C   O    doub N N 346 
TRP C   OXT  sing N N 347 
TRP CB  CG   sing N N 348 
TRP CB  HB2  sing N N 349 
TRP CB  HB3  sing N N 350 
TRP CG  CD1  doub Y N 351 
TRP CG  CD2  sing Y N 352 
TRP CD1 NE1  sing Y N 353 
TRP CD1 HD1  sing N N 354 
TRP CD2 CE2  doub Y N 355 
TRP CD2 CE3  sing Y N 356 
TRP NE1 CE2  sing Y N 357 
TRP NE1 HE1  sing N N 358 
TRP CE2 CZ2  sing Y N 359 
TRP CE3 CZ3  doub Y N 360 
TRP CE3 HE3  sing N N 361 
TRP CZ2 CH2  doub Y N 362 
TRP CZ2 HZ2  sing N N 363 
TRP CZ3 CH2  sing Y N 364 
TRP CZ3 HZ3  sing N N 365 
TRP CH2 HH2  sing N N 366 
TRP OXT HXT  sing N N 367 
TYR N   CA   sing N N 368 
TYR N   H    sing N N 369 
TYR N   H2   sing N N 370 
TYR CA  C    sing N N 371 
TYR CA  CB   sing N N 372 
TYR CA  HA   sing N N 373 
TYR C   O    doub N N 374 
TYR C   OXT  sing N N 375 
TYR CB  CG   sing N N 376 
TYR CB  HB2  sing N N 377 
TYR CB  HB3  sing N N 378 
TYR CG  CD1  doub Y N 379 
TYR CG  CD2  sing Y N 380 
TYR CD1 CE1  sing Y N 381 
TYR CD1 HD1  sing N N 382 
TYR CD2 CE2  doub Y N 383 
TYR CD2 HD2  sing N N 384 
TYR CE1 CZ   doub Y N 385 
TYR CE1 HE1  sing N N 386 
TYR CE2 CZ   sing Y N 387 
TYR CE2 HE2  sing N N 388 
TYR CZ  OH   sing N N 389 
TYR OH  HH   sing N N 390 
TYR OXT HXT  sing N N 391 
VAL N   CA   sing N N 392 
VAL N   H    sing N N 393 
VAL N   H2   sing N N 394 
VAL CA  C    sing N N 395 
VAL CA  CB   sing N N 396 
VAL CA  HA   sing N N 397 
VAL C   O    doub N N 398 
VAL C   OXT  sing N N 399 
VAL CB  CG1  sing N N 400 
VAL CB  CG2  sing N N 401 
VAL CB  HB   sing N N 402 
VAL CG1 HG11 sing N N 403 
VAL CG1 HG12 sing N N 404 
VAL CG1 HG13 sing N N 405 
VAL CG2 HG21 sing N N 406 
VAL CG2 HG22 sing N N 407 
VAL CG2 HG23 sing N N 408 
VAL OXT HXT  sing N N 409 
# 
_atom_sites.entry_id                    2OT9 
_atom_sites.fract_transf_matrix[1][1]   0.00156999 
_atom_sites.fract_transf_matrix[1][2]   0.01913561 
_atom_sites.fract_transf_matrix[1][3]   0.01570830 
_atom_sites.fract_transf_matrix[2][1]   0.00946108 
_atom_sites.fract_transf_matrix[2][2]   0.00793770 
_atom_sites.fract_transf_matrix[2][3]   -0.01061519 
_atom_sites.fract_transf_matrix[3][1]   -0.01042647 
_atom_sites.fract_transf_matrix[3][2]   0.00525698 
_atom_sites.fract_transf_matrix[3][3]   -0.00536188 
_atom_sites.fract_transf_vector[1]      0.508518 
_atom_sites.fract_transf_vector[2]      0.947721 
_atom_sites.fract_transf_vector[3]      0.096944 
# 
loop_
_atom_type.symbol 
C  
N  
NA 
O  
S  
SE 
# 
loop_
_atom_site.group_PDB 
_atom_site.id 
_atom_site.type_symbol 
_atom_site.label_atom_id 
_atom_site.label_alt_id 
_atom_site.label_comp_id 
_atom_site.label_asym_id 
_atom_site.label_entity_id 
_atom_site.label_seq_id 
_atom_site.pdbx_PDB_ins_code 
_atom_site.Cartn_x 
_atom_site.Cartn_y 
_atom_site.Cartn_z 
_atom_site.occupancy 
_atom_site.B_iso_or_equiv 
_atom_site.pdbx_formal_charge 
_atom_site.auth_seq_id 
_atom_site.auth_comp_id 
_atom_site.auth_asym_id 
_atom_site.auth_atom_id 
_atom_site.pdbx_PDB_model_num 
ATOM   1    N  N   . ALA A 1 2   ? 17.355  -8.717  4.736   1.00 56.73 ? 2   ALA A N   1 
ATOM   2    C  CA  . ALA A 1 2   ? 18.613  -9.515  4.686   1.00 56.61 ? 2   ALA A CA  1 
ATOM   3    C  C   . ALA A 1 2   ? 18.530  -10.730 5.611   1.00 56.38 ? 2   ALA A C   1 
ATOM   4    O  O   . ALA A 1 2   ? 18.369  -10.563 6.822   1.00 56.78 ? 2   ALA A O   1 
ATOM   5    C  CB  . ALA A 1 2   ? 19.821  -8.632  5.052   1.00 56.57 ? 2   ALA A CB  1 
ATOM   6    N  N   . GLN A 1 3   ? 18.624  -11.950 5.076   1.00 55.87 ? 3   GLN A N   1 
ATOM   7    C  CA  . GLN A 1 3   ? 18.713  -12.261 3.641   1.00 55.13 ? 3   GLN A CA  1 
ATOM   8    C  C   . GLN A 1 3   ? 18.178  -13.688 3.400   1.00 54.34 ? 3   GLN A C   1 
ATOM   9    O  O   . GLN A 1 3   ? 18.102  -14.480 4.346   1.00 54.31 ? 3   GLN A O   1 
ATOM   10   C  CB  . GLN A 1 3   ? 20.151  -12.105 3.124   1.00 55.36 ? 3   GLN A CB  1 
ATOM   11   C  CG  . GLN A 1 3   ? 20.304  -10.996 2.084   1.00 55.92 ? 3   GLN A CG  1 
ATOM   12   C  CD  . GLN A 1 3   ? 21.638  -10.277 2.140   1.00 57.59 ? 3   GLN A CD  1 
ATOM   13   O  OE1 . GLN A 1 3   ? 21.707  -9.071  1.876   1.00 57.78 ? 3   GLN A OE1 1 
ATOM   14   N  NE2 . GLN A 1 3   ? 22.707  -11.006 2.476   1.00 57.49 ? 3   GLN A NE2 1 
ATOM   15   N  N   . PRO A 1 4   ? 17.799  -14.028 2.146   0.70 53.60 ? 4   PRO A N   1 
ATOM   16   C  CA  . PRO A 1 4   ? 17.879  -13.264 0.882   0.70 52.94 ? 4   PRO A CA  1 
ATOM   17   C  C   . PRO A 1 4   ? 16.933  -12.049 0.771   1.00 52.04 ? 4   PRO A C   1 
ATOM   18   O  O   . PRO A 1 4   ? 15.718  -12.220 0.631   1.00 52.41 ? 4   PRO A O   1 
ATOM   19   C  CB  . PRO A 1 4   ? 17.554  -14.317 -0.188  1.00 53.10 ? 4   PRO A CB  1 
ATOM   20   C  CG  . PRO A 1 4   ? 16.730  -15.351 0.525   1.00 53.34 ? 4   PRO A CG  1 
ATOM   21   C  CD  . PRO A 1 4   ? 17.209  -15.369 1.948   1.00 53.57 ? 4   PRO A CD  1 
ATOM   22   N  N   . SER A 1 5   ? 17.508  -10.844 0.833   1.00 50.73 ? 5   SER A N   1 
ATOM   23   C  CA  . SER A 1 5   ? 16.792  -9.582  0.598   1.00 49.31 ? 5   SER A CA  1 
ATOM   24   C  C   . SER A 1 5   ? 16.819  -9.205  -0.886  1.00 48.07 ? 5   SER A C   1 
ATOM   25   O  O   . SER A 1 5   ? 17.773  -8.574  -1.352  1.00 48.24 ? 5   SER A O   1 
ATOM   26   C  CB  . SER A 1 5   ? 17.413  -8.449  1.428   1.00 49.61 ? 5   SER A CB  1 
ATOM   27   O  OG  . SER A 1 5   ? 16.875  -7.181  1.065   1.00 49.56 ? 5   SER A OG  1 
ATOM   28   N  N   . THR A 1 6   ? 15.771  -9.583  -1.618  1.00 45.98 ? 6   THR A N   1 
ATOM   29   C  CA  . THR A 1 6   ? 15.757  -9.437  -3.076  1.00 43.89 ? 6   THR A CA  1 
ATOM   30   C  C   . THR A 1 6   ? 15.469  -7.987  -3.490  1.00 42.11 ? 6   THR A C   1 
ATOM   31   O  O   . THR A 1 6   ? 14.551  -7.358  -2.969  1.00 40.90 ? 6   THR A O   1 
ATOM   32   C  CB  . THR A 1 6   ? 14.729  -10.384 -3.761  1.00 44.05 ? 6   THR A CB  1 
ATOM   33   O  OG1 . THR A 1 6   ? 14.484  -11.541 -2.951  1.00 45.01 ? 6   THR A OG1 1 
ATOM   34   C  CG2 . THR A 1 6   ? 15.243  -10.835 -5.096  1.00 44.24 ? 6   THR A CG2 1 
ATOM   35   N  N   . THR A 1 7   ? 16.284  -7.461  -4.405  1.00 40.18 ? 7   THR A N   1 
ATOM   36   C  CA  . THR A 1 7   ? 16.063  -6.126  -4.968  1.00 38.48 ? 7   THR A CA  1 
ATOM   37   C  C   . THR A 1 7   ? 15.187  -6.217  -6.218  1.00 36.76 ? 7   THR A C   1 
ATOM   38   O  O   . THR A 1 7   ? 15.457  -7.018  -7.120  1.00 36.12 ? 7   THR A O   1 
ATOM   39   C  CB  . THR A 1 7   ? 17.388  -5.427  -5.302  1.00 38.91 ? 7   THR A CB  1 
ATOM   40   O  OG1 . THR A 1 7   ? 18.182  -5.345  -4.113  1.00 40.59 ? 7   THR A OG1 1 
ATOM   41   C  CG2 . THR A 1 7   ? 17.150  -4.022  -5.833  1.00 38.97 ? 7   THR A CG2 1 
ATOM   42   N  N   . TYR A 1 8   ? 14.122  -5.415  -6.240  1.00 34.32 ? 8   TYR A N   1 
ATOM   43   C  CA  . TYR A 1 8   ? 13.238  -5.327  -7.389  1.00 32.39 ? 8   TYR A CA  1 
ATOM   44   C  C   . TYR A 1 8   ? 13.251  -3.904  -7.943  1.00 31.29 ? 8   TYR A C   1 
ATOM   45   O  O   . TYR A 1 8   ? 13.423  -2.945  -7.198  1.00 30.24 ? 8   TYR A O   1 
ATOM   46   C  CB  . TYR A 1 8   ? 11.804  -5.676  -6.991  1.00 32.64 ? 8   TYR A CB  1 
ATOM   47   C  CG  . TYR A 1 8   ? 11.562  -7.135  -6.696  1.00 31.69 ? 8   TYR A CG  1 
ATOM   48   C  CD1 . TYR A 1 8   ? 10.866  -7.938  -7.595  1.00 32.19 ? 8   TYR A CD1 1 
ATOM   49   C  CD2 . TYR A 1 8   ? 12.022  -7.711  -5.523  1.00 32.35 ? 8   TYR A CD2 1 
ATOM   50   C  CE1 . TYR A 1 8   ? 10.630  -9.290  -7.326  1.00 32.68 ? 8   TYR A CE1 1 
ATOM   51   C  CE2 . TYR A 1 8   ? 11.799  -9.056  -5.253  1.00 35.17 ? 8   TYR A CE2 1 
ATOM   52   C  CZ  . TYR A 1 8   ? 11.090  -9.832  -6.154  1.00 33.99 ? 8   TYR A CZ  1 
ATOM   53   O  OH  . TYR A 1 8   ? 10.856  -11.157 -5.876  1.00 36.50 ? 8   TYR A OH  1 
ATOM   54   N  N   . LYS A 1 9   ? 13.051  -3.792  -9.246  1.00 30.47 ? 9   LYS A N   1 
ATOM   55   C  CA  . LYS A 1 9   ? 12.881  -2.507  -9.907  1.00 30.26 ? 9   LYS A CA  1 
ATOM   56   C  C   . LYS A 1 9   ? 11.428  -2.388  -10.356 1.00 29.84 ? 9   LYS A C   1 
ATOM   57   O  O   . LYS A 1 9   ? 10.916  -3.275  -11.047 1.00 30.22 ? 9   LYS A O   1 
ATOM   58   C  CB  . LYS A 1 9   ? 13.807  -2.419  -11.113 1.00 30.61 ? 9   LYS A CB  1 
ATOM   59   C  CG  . LYS A 1 9   ? 15.303  -2.593  -10.774 1.00 33.42 ? 9   LYS A CG  1 
ATOM   60   C  CD  . LYS A 1 9   ? 15.978  -1.248  -10.536 1.00 36.69 ? 9   LYS A CD  1 
ATOM   61   C  CE  . LYS A 1 9   ? 17.344  -1.408  -9.883  1.00 39.49 ? 9   LYS A CE  1 
ATOM   62   N  NZ  . LYS A 1 9   ? 18.095  -0.113  -9.951  1.00 42.09 ? 9   LYS A NZ  1 
ATOM   63   N  N   . PHE A 1 10  ? 10.779  -1.292  -9.959  1.00 28.01 ? 10  PHE A N   1 
ATOM   64   C  CA  . PHE A 1 10  ? 9.382   -1.034  -10.260 1.00 26.69 ? 10  PHE A CA  1 
ATOM   65   C  C   . PHE A 1 10  ? 9.331   0.099   -11.283 1.00 27.10 ? 10  PHE A C   1 
ATOM   66   O  O   . PHE A 1 10  ? 9.877   1.186   -11.040 1.00 27.09 ? 10  PHE A O   1 
ATOM   67   C  CB  . PHE A 1 10  ? 8.674   -0.633  -8.971  1.00 26.59 ? 10  PHE A CB  1 
ATOM   68   C  CG  . PHE A 1 10  ? 7.187   -0.388  -9.097  1.00 24.44 ? 10  PHE A CG  1 
ATOM   69   C  CD1 . PHE A 1 10  ? 6.370   -1.206  -9.871  1.00 23.18 ? 10  PHE A CD1 1 
ATOM   70   C  CD2 . PHE A 1 10  ? 6.589   0.603   -8.329  1.00 25.19 ? 10  PHE A CD2 1 
ATOM   71   C  CE1 . PHE A 1 10  ? 4.988   -0.993  -9.908  1.00 22.20 ? 10  PHE A CE1 1 
ATOM   72   C  CE2 . PHE A 1 10  ? 5.215   0.812   -8.365  1.00 24.11 ? 10  PHE A CE2 1 
ATOM   73   C  CZ  . PHE A 1 10  ? 4.414   0.010   -9.152  1.00 22.51 ? 10  PHE A CZ  1 
ATOM   74   N  N   . GLU A 1 11  ? 8.712   -0.179  -12.429 1.00 26.03 ? 11  GLU A N   1 
ATOM   75   C  CA  . GLU A 1 11  ? 8.472   0.826   -13.472 1.00 25.62 ? 11  GLU A CA  1 
ATOM   76   C  C   . GLU A 1 11  ? 6.965   1.064   -13.584 1.00 25.10 ? 11  GLU A C   1 
ATOM   77   O  O   . GLU A 1 11  ? 6.208   0.175   -14.004 1.00 24.32 ? 11  GLU A O   1 
ATOM   78   C  CB  . GLU A 1 11  ? 9.069   0.374   -14.817 1.00 25.79 ? 11  GLU A CB  1 
ATOM   79   C  CG  . GLU A 1 11  ? 10.548  -0.058  -14.702 1.00 27.64 ? 11  GLU A CG  1 
ATOM   80   C  CD  . GLU A 1 11  ? 11.204  -0.351  -16.042 0.75 31.17 ? 11  GLU A CD  1 
ATOM   81   O  OE1 . GLU A 1 11  ? 10.514  -0.250  -17.076 1.00 34.47 ? 11  GLU A OE1 1 
ATOM   82   O  OE2 . GLU A 1 11  ? 12.413  -0.673  -16.058 0.75 30.82 ? 11  GLU A OE2 1 
ATOM   83   N  N   . LEU A 1 12  ? 6.534   2.256   -13.177 1.00 24.33 ? 12  LEU A N   1 
ATOM   84   C  CA  . LEU A 1 12  ? 5.108   2.575   -13.113 1.00 24.36 ? 12  LEU A CA  1 
ATOM   85   C  C   . LEU A 1 12  ? 4.716   3.685   -14.097 1.00 24.45 ? 12  LEU A C   1 
ATOM   86   O  O   . LEU A 1 12  ? 5.234   4.801   -13.999 1.00 24.58 ? 12  LEU A O   1 
ATOM   87   C  CB  . LEU A 1 12  ? 4.725   2.997   -11.685 1.00 24.23 ? 12  LEU A CB  1 
ATOM   88   C  CG  . LEU A 1 12  ? 3.317   3.564   -11.421 1.00 24.69 ? 12  LEU A CG  1 
ATOM   89   C  CD1 . LEU A 1 12  ? 2.228   2.523   -11.705 1.00 24.19 ? 12  LEU A CD1 1 
ATOM   90   C  CD2 . LEU A 1 12  ? 3.214   4.049   -9.971  1.00 23.07 ? 12  LEU A CD2 1 
ATOM   91   N  N   . ASN A 1 13  ? 3.826   3.371   -15.043 1.00 24.25 ? 13  ASN A N   1 
ATOM   92   C  CA  . ASN A 1 13  ? 3.131   4.404   -15.823 1.00 24.69 ? 13  ASN A CA  1 
ATOM   93   C  C   . ASN A 1 13  ? 1.753   4.619   -15.221 1.00 24.50 ? 13  ASN A C   1 
ATOM   94   O  O   . ASN A 1 13  ? 0.876   3.751   -15.333 1.00 24.96 ? 13  ASN A O   1 
ATOM   95   C  CB  . ASN A 1 13  ? 2.999   4.028   -17.306 1.00 25.36 ? 13  ASN A CB  1 
ATOM   96   C  CG  . ASN A 1 13  ? 4.347   3.865   -17.989 1.00 27.95 ? 13  ASN A CG  1 
ATOM   97   O  OD1 . ASN A 1 13  ? 5.292   4.588   -17.696 1.00 31.54 ? 13  ASN A OD1 1 
ATOM   98   N  ND2 . ASN A 1 13  ? 4.433   2.918   -18.907 1.00 29.40 ? 13  ASN A ND2 1 
ATOM   99   N  N   . LEU A 1 14  ? 1.573   5.767   -14.573 1.00 23.89 ? 14  LEU A N   1 
ATOM   100  C  CA  . LEU A 1 14  ? 0.352   6.064   -13.822 1.00 24.01 ? 14  LEU A CA  1 
ATOM   101  C  C   . LEU A 1 14  ? -0.529  7.080   -14.540 1.00 23.92 ? 14  LEU A C   1 
ATOM   102  O  O   . LEU A 1 14  ? -0.055  8.164   -14.920 1.00 24.04 ? 14  LEU A O   1 
ATOM   103  C  CB  . LEU A 1 14  ? 0.740   6.580   -12.427 1.00 23.64 ? 14  LEU A CB  1 
ATOM   104  C  CG  . LEU A 1 14  ? -0.364  7.035   -11.459 1.00 24.88 ? 14  LEU A CG  1 
ATOM   105  C  CD1 . LEU A 1 14  ? -1.325  5.886   -11.104 1.00 22.82 ? 14  LEU A CD1 1 
ATOM   106  C  CD2 . LEU A 1 14  ? 0.270   7.653   -10.213 1.00 24.79 ? 14  LEU A CD2 1 
ATOM   107  N  N   . THR A 1 15  ? -1.796  6.712   -14.749 1.00 24.26 ? 15  THR A N   1 
ATOM   108  C  CA  . THR A 1 15  ? -2.823  7.589   -15.330 1.00 24.49 ? 15  THR A CA  1 
ATOM   109  C  C   . THR A 1 15  ? -3.991  7.617   -14.341 1.00 25.35 ? 15  THR A C   1 
ATOM   110  O  O   . THR A 1 15  ? -4.899  6.765   -14.388 1.00 25.41 ? 15  THR A O   1 
ATOM   111  C  CB  . THR A 1 15  ? -3.327  7.067   -16.709 1.00 24.77 ? 15  THR A CB  1 
ATOM   112  O  OG1 . THR A 1 15  ? -2.236  7.017   -17.636 1.00 23.54 ? 15  THR A OG1 1 
ATOM   113  C  CG2 . THR A 1 15  ? -4.378  7.979   -17.272 1.00 24.84 ? 15  THR A CG2 1 
ATOM   114  N  N   . ASP A 1 16  ? -3.939  8.572   -13.423 1.00 24.56 ? 16  ASP A N   1 
ATOM   115  C  CA  . ASP A 1 16  ? -4.930  8.655   -12.363 1.00 25.05 ? 16  ASP A CA  1 
ATOM   116  C  C   . ASP A 1 16  ? -5.917  9.746   -12.748 1.00 24.57 ? 16  ASP A C   1 
ATOM   117  O  O   . ASP A 1 16  ? -5.651  10.940  -12.593 1.00 24.41 ? 16  ASP A O   1 
ATOM   118  C  CB  . ASP A 1 16  ? -4.237  8.915   -11.020 1.00 24.49 ? 16  ASP A CB  1 
ATOM   119  C  CG  . ASP A 1 16  ? -5.207  9.120   -9.864  1.00 26.21 ? 16  ASP A CG  1 
ATOM   120  O  OD1 . ASP A 1 16  ? -6.430  9.303   -10.071 1.00 26.99 ? 16  ASP A OD1 1 
ATOM   121  O  OD2 . ASP A 1 16  ? -4.719  9.104   -8.716  1.00 28.27 ? 16  ASP A OD2 1 
ATOM   122  N  N   . LEU A 1 17  ? -7.053  9.317   -13.283 1.00 24.44 ? 17  LEU A N   1 
ATOM   123  C  CA  . LEU A 1 17  ? -8.051  10.243  -13.796 1.00 24.69 ? 17  LEU A CA  1 
ATOM   124  C  C   . LEU A 1 17  ? -8.846  10.917  -12.688 1.00 25.30 ? 17  LEU A C   1 
ATOM   125  O  O   . LEU A 1 17  ? -9.443  11.951  -12.907 1.00 25.27 ? 17  LEU A O   1 
ATOM   126  C  CB  . LEU A 1 17  ? -8.992  9.523   -14.759 1.00 24.42 ? 17  LEU A CB  1 
ATOM   127  C  CG  . LEU A 1 17  ? -8.300  8.878   -15.956 1.00 24.14 ? 17  LEU A CG  1 
ATOM   128  C  CD1 . LEU A 1 17  ? -9.317  8.152   -16.775 1.00 22.35 ? 17  LEU A CD1 1 
ATOM   129  C  CD2 . LEU A 1 17  ? -7.548  9.907   -16.812 1.00 23.76 ? 17  LEU A CD2 1 
ATOM   130  N  N   . ASP A 1 18  ? -8.854  10.319  -11.505 1.00 25.48 ? 18  ASP A N   1 
ATOM   131  C  CA  . ASP A 1 18  ? -9.554  10.895  -10.352 1.00 26.56 ? 18  ASP A CA  1 
ATOM   132  C  C   . ASP A 1 18  ? -8.816  12.104  -9.780  1.00 26.49 ? 18  ASP A C   1 
ATOM   133  O  O   . ASP A 1 18  ? -9.447  13.068  -9.347  1.00 26.49 ? 18  ASP A O   1 
ATOM   134  C  CB  . ASP A 1 18  ? -9.743  9.835   -9.267  1.00 27.05 ? 18  ASP A CB  1 
ATOM   135  C  CG  . ASP A 1 18  ? -10.753 8.765   -9.660  1.00 29.07 ? 18  ASP A CG  1 
ATOM   136  O  OD1 . ASP A 1 18  ? -11.492 8.970   -10.655 1.00 29.06 ? 18  ASP A OD1 1 
ATOM   137  O  OD2 . ASP A 1 18  ? -10.804 7.719   -8.972  1.00 30.33 ? 18  ASP A OD2 1 
ATOM   138  N  N   . ARG A 1 19  ? -7.484  12.066  -9.808  1.00 25.66 ? 19  ARG A N   1 
ATOM   139  C  CA  . ARG A 1 19  ? -6.671  13.150  -9.250  1.00 25.89 ? 19  ARG A CA  1 
ATOM   140  C  C   . ARG A 1 19  ? -5.980  14.008  -10.300 1.00 26.51 ? 19  ARG A C   1 
ATOM   141  O  O   . ARG A 1 19  ? -5.418  15.047  -9.970  1.00 26.47 ? 19  ARG A O   1 
ATOM   142  C  CB  . ARG A 1 19  ? -5.636  12.595  -8.274  1.00 26.22 ? 19  ARG A CB  1 
ATOM   143  C  CG  . ARG A 1 19  ? -6.258  12.112  -6.983  1.00 25.54 ? 19  ARG A CG  1 
ATOM   144  C  CD  . ARG A 1 19  ? -5.241  11.432  -6.122  1.00 27.02 ? 19  ARG A CD  1 
ATOM   145  N  NE  . ARG A 1 19  ? -5.754  11.300  -4.768  1.00 27.72 ? 19  ARG A NE  1 
ATOM   146  C  CZ  . ARG A 1 19  ? -5.000  11.063  -3.703  1.00 27.73 ? 19  ARG A CZ  1 
ATOM   147  N  NH1 . ARG A 1 19  ? -3.682  10.928  -3.837  1.00 27.72 ? 19  ARG A NH1 1 
ATOM   148  N  NH2 . ARG A 1 19  ? -5.570  10.984  -2.502  1.00 29.07 ? 19  ARG A NH2 1 
ATOM   149  N  N   . GLY A 1 20  ? -6.025  13.577  -11.558 1.00 25.90 ? 20  GLY A N   1 
ATOM   150  C  CA  . GLY A 1 20  ? -5.352  14.293  -12.632 1.00 26.69 ? 20  GLY A CA  1 
ATOM   151  C  C   . GLY A 1 20  ? -3.851  14.147  -12.447 1.00 26.82 ? 20  GLY A C   1 
ATOM   152  O  O   . GLY A 1 20  ? -3.112  15.124  -12.521 1.00 26.99 ? 20  GLY A O   1 
ATOM   153  N  N   . VAL A 1 21  ? -3.410  12.921  -12.167 1.00 26.28 ? 21  VAL A N   1 
ATOM   154  C  CA  . VAL A 1 21  ? -1.997  12.632  -12.002 1.00 26.40 ? 21  VAL A CA  1 
ATOM   155  C  C   . VAL A 1 21  ? -1.550  11.688  -13.117 1.00 26.18 ? 21  VAL A C   1 
ATOM   156  O  O   . VAL A 1 21  ? -2.131  10.614  -13.299 1.00 25.84 ? 21  VAL A O   1 
ATOM   157  C  CB  . VAL A 1 21  ? -1.704  11.997  -10.603 1.00 27.15 ? 21  VAL A CB  1 
ATOM   158  C  CG1 . VAL A 1 21  ? -0.227  11.666  -10.464 1.00 27.72 ? 21  VAL A CG1 1 
ATOM   159  C  CG2 . VAL A 1 21  ? -2.143  12.941  -9.508  1.00 27.93 ? 21  VAL A CG2 1 
ATOM   160  N  N   . TYR A 1 22  ? -0.526  12.109  -13.858 1.00 25.35 ? 22  TYR A N   1 
ATOM   161  C  CA  . TYR A 1 22  ? -0.001  11.373  -15.006 1.00 25.47 ? 22  TYR A CA  1 
ATOM   162  C  C   . TYR A 1 22  ? 1.521   11.377  -14.894 1.00 26.38 ? 22  TYR A C   1 
ATOM   163  O  O   . TYR A 1 22  ? 2.155   12.425  -15.088 1.00 25.97 ? 22  TYR A O   1 
ATOM   164  C  CB  . TYR A 1 22  ? -0.408  12.058  -16.326 1.00 25.12 ? 22  TYR A CB  1 
ATOM   165  C  CG  . TYR A 1 22  ? -1.896  12.264  -16.492 1.00 23.87 ? 22  TYR A CG  1 
ATOM   166  C  CD1 . TYR A 1 22  ? -2.639  11.412  -17.294 1.00 24.22 ? 22  TYR A CD1 1 
ATOM   167  C  CD2 . TYR A 1 22  ? -2.557  13.307  -15.844 1.00 22.25 ? 22  TYR A CD2 1 
ATOM   168  C  CE1 . TYR A 1 22  ? -4.009  11.593  -17.468 1.00 24.95 ? 22  TYR A CE1 1 
ATOM   169  C  CE2 . TYR A 1 22  ? -3.942  13.494  -15.990 1.00 24.21 ? 22  TYR A CE2 1 
ATOM   170  C  CZ  . TYR A 1 22  ? -4.655  12.631  -16.808 1.00 26.12 ? 22  TYR A CZ  1 
ATOM   171  O  OH  . TYR A 1 22  ? -6.016  12.798  -16.986 1.00 28.56 ? 22  TYR A OH  1 
ATOM   172  N  N   . GLU A 1 23  ? 2.096   10.227  -14.549 1.00 27.31 ? 23  GLU A N   1 
ATOM   173  C  CA  . GLU A 1 23  ? 3.541   10.123  -14.277 1.00 28.59 ? 23  GLU A CA  1 
ATOM   174  C  C   . GLU A 1 23  ? 4.083   8.794   -14.784 1.00 28.65 ? 23  GLU A C   1 
ATOM   175  O  O   . GLU A 1 23  ? 3.368   7.795   -14.785 1.00 28.09 ? 23  GLU A O   1 
ATOM   176  C  CB  . GLU A 1 23  ? 3.822   10.179  -12.773 1.00 29.17 ? 23  GLU A CB  1 
ATOM   177  C  CG  . GLU A 1 23  ? 3.240   11.353  -12.006 1.00 32.69 ? 23  GLU A CG  1 
ATOM   178  C  CD  . GLU A 1 23  ? 4.053   12.638  -12.134 0.80 37.10 ? 23  GLU A CD  1 
ATOM   179  O  OE1 . GLU A 1 23  ? 4.942   12.730  -13.019 1.00 38.56 ? 23  GLU A OE1 1 
ATOM   180  O  OE2 . GLU A 1 23  ? 3.789   13.567  -11.338 1.00 39.88 ? 23  GLU A OE2 1 
ATOM   181  N  N   . SER A 1 24  ? 5.339   8.806   -15.233 1.00 29.06 ? 24  SER A N   1 
ATOM   182  C  CA  . SER A 1 24  ? 6.153   7.598   -15.359 1.00 29.71 ? 24  SER A CA  1 
ATOM   183  C  C   . SER A 1 24  ? 7.223   7.686   -14.287 1.00 29.85 ? 24  SER A C   1 
ATOM   184  O  O   . SER A 1 24  ? 7.986   8.656   -14.228 1.00 28.97 ? 24  SER A O   1 
ATOM   185  C  CB  . SER A 1 24  ? 6.822   7.492   -16.731 1.00 30.17 ? 24  SER A CB  1 
ATOM   186  O  OG  . SER A 1 24  ? 5.882   7.146   -17.722 1.00 32.74 ? 24  SER A OG  1 
ATOM   187  N  N   . VAL A 1 25  ? 7.256   6.672   -13.432 1.00 29.70 ? 25  VAL A N   1 
ATOM   188  C  CA  . VAL A 1 25  ? 8.106   6.653   -12.255 1.00 31.19 ? 25  VAL A CA  1 
ATOM   189  C  C   . VAL A 1 25  ? 8.867   5.317   -12.190 1.00 31.16 ? 25  VAL A C   1 
ATOM   190  O  O   . VAL A 1 25  ? 8.375   4.282   -12.642 1.00 29.54 ? 25  VAL A O   1 
ATOM   191  C  CB  . VAL A 1 25  ? 7.249   6.817   -10.953 1.00 31.34 ? 25  VAL A CB  1 
ATOM   192  C  CG1 . VAL A 1 25  ? 8.123   6.775   -9.709  1.00 33.95 ? 25  VAL A CG1 1 
ATOM   193  C  CG2 . VAL A 1 25  ? 6.497   8.122   -10.982 1.00 33.51 ? 25  VAL A CG2 1 
ATOM   194  N  N   . LYS A 1 26  ? 10.073  5.371   -11.640 1.00 32.25 ? 26  LYS A N   1 
ATOM   195  C  CA  . LYS A 1 26  ? 10.863  4.191   -11.336 1.00 33.71 ? 26  LYS A CA  1 
ATOM   196  C  C   . LYS A 1 26  ? 11.187  4.205   -9.849  1.00 34.48 ? 26  LYS A C   1 
ATOM   197  O  O   . LYS A 1 26  ? 11.503  5.255   -9.285  1.00 34.83 ? 26  LYS A O   1 
ATOM   198  C  CB  . LYS A 1 26  ? 12.148  4.176   -12.153 1.00 33.99 ? 26  LYS A CB  1 
ATOM   199  C  CG  . LYS A 1 26  ? 11.913  3.972   -13.637 1.00 34.94 ? 26  LYS A CG  1 
ATOM   200  C  CD  . LYS A 1 26  ? 13.178  3.568   -14.338 1.00 38.10 ? 26  LYS A CD  1 
ATOM   201  C  CE  . LYS A 1 26  ? 12.979  3.512   -15.838 1.00 40.69 ? 26  LYS A CE  1 
ATOM   202  N  NZ  . LYS A 1 26  ? 14.272  3.230   -16.518 1.00 42.00 ? 26  LYS A NZ  1 
ATOM   203  N  N   . GLN A 1 27  ? 11.065  3.050   -9.209  1.00 34.73 ? 27  GLN A N   1 
ATOM   204  C  CA  . GLN A 1 27  ? 11.441  2.895   -7.811  1.00 35.28 ? 27  GLN A CA  1 
ATOM   205  C  C   . GLN A 1 27  ? 12.224  1.616   -7.641  1.00 35.60 ? 27  GLN A C   1 
ATOM   206  O  O   . GLN A 1 27  ? 11.913  0.609   -8.277  1.00 35.30 ? 27  GLN A O   1 
ATOM   207  C  CB  . GLN A 1 27  ? 10.196  2.809   -6.921  1.00 35.49 ? 27  GLN A CB  1 
ATOM   208  C  CG  . GLN A 1 27  ? 9.537   4.139   -6.619  1.00 37.38 ? 27  GLN A CG  1 
ATOM   209  C  CD  . GLN A 1 27  ? 10.373  5.008   -5.705  1.00 40.75 ? 27  GLN A CD  1 
ATOM   210  O  OE1 . GLN A 1 27  ? 10.429  6.227   -5.877  1.00 43.70 ? 27  GLN A OE1 1 
ATOM   211  N  NE2 . GLN A 1 27  ? 11.044  4.387   -4.738  1.00 41.22 ? 27  GLN A NE2 1 
ATOM   212  N  N   . THR A 1 28  ? 13.244  1.662   -6.788  1.00 35.66 ? 28  THR A N   1 
ATOM   213  C  CA  . THR A 1 28  ? 13.933  0.460   -6.352  1.00 35.96 ? 28  THR A CA  1 
ATOM   214  C  C   . THR A 1 28  ? 13.310  0.024   -5.023  1.00 35.96 ? 28  THR A C   1 
ATOM   215  O  O   . THR A 1 28  ? 13.054  0.852   -4.143  1.00 36.62 ? 28  THR A O   1 
ATOM   216  C  CB  . THR A 1 28  ? 15.455  0.711   -6.234  1.00 36.36 ? 28  THR A CB  1 
ATOM   217  O  OG1 . THR A 1 28  ? 15.998  0.911   -7.547  1.00 36.37 ? 28  THR A OG1 1 
ATOM   218  C  CG2 . THR A 1 28  ? 16.159  -0.479  -5.585  1.00 36.66 ? 28  THR A CG2 1 
ATOM   219  N  N   . ILE A 1 29  ? 13.023  -1.264  -4.897  1.00 35.32 ? 29  ILE A N   1 
ATOM   220  C  CA  . ILE A 1 29  ? 12.402  -1.792  -3.682  1.00 35.33 ? 29  ILE A CA  1 
ATOM   221  C  C   . ILE A 1 29  ? 13.180  -2.988  -3.146  1.00 33.98 ? 29  ILE A C   1 
ATOM   222  O  O   . ILE A 1 29  ? 13.538  -3.899  -3.892  1.00 33.47 ? 29  ILE A O   1 
ATOM   223  C  CB  . ILE A 1 29  ? 10.939  -2.215  -3.914  1.00 36.04 ? 29  ILE A CB  1 
ATOM   224  C  CG1 . ILE A 1 29  ? 10.149  -1.081  -4.558  1.00 37.43 ? 29  ILE A CG1 1 
ATOM   225  C  CG2 . ILE A 1 29  ? 10.275  -2.608  -2.589  1.00 36.88 ? 29  ILE A CG2 1 
ATOM   226  C  CD1 . ILE A 1 29  ? 9.477   -1.522  -5.794  1.00 39.94 ? 29  ILE A CD1 1 
ATOM   227  N  N   . ALA A 1 30  ? 13.461  -2.948  -1.850  1.00 33.46 ? 30  ALA A N   1 
ATOM   228  C  CA  . ALA A 1 30  ? 14.080  -4.055  -1.153  1.00 32.16 ? 30  ALA A CA  1 
ATOM   229  C  C   . ALA A 1 30  ? 12.976  -4.948  -0.591  1.00 31.47 ? 30  ALA A C   1 
ATOM   230  O  O   . ALA A 1 30  ? 12.074  -4.481  0.114   1.00 31.05 ? 30  ALA A O   1 
ATOM   231  C  CB  . ALA A 1 30  ? 14.968  -3.543  -0.046  1.00 32.97 ? 30  ALA A CB  1 
ATOM   232  N  N   . ARG A 1 31  ? 13.041  -6.227  -0.937  1.00 29.80 ? 31  ARG A N   1 
ATOM   233  C  CA  . ARG A 1 31  ? 12.085  -7.198  -0.462  1.00 28.36 ? 31  ARG A CA  1 
ATOM   234  C  C   . ARG A 1 31  ? 12.717  -8.042  0.645   1.00 27.42 ? 31  ARG A C   1 
ATOM   235  O  O   . ARG A 1 31  ? 13.627  -8.811  0.401   1.00 26.34 ? 31  ARG A O   1 
ATOM   236  C  CB  . ARG A 1 31  ? 11.650  -8.077  -1.614  1.00 28.38 ? 31  ARG A CB  1 
ATOM   237  C  CG  . ARG A 1 31  ? 10.510  -8.966  -1.277  1.00 29.87 ? 31  ARG A CG  1 
ATOM   238  C  CD  . ARG A 1 31  ? 10.359  -9.974  -2.383  1.00 34.22 ? 31  ARG A CD  1 
ATOM   239  N  NE  . ARG A 1 31  ? 9.628   -11.117 -1.907  1.00 37.51 ? 31  ARG A NE  1 
ATOM   240  C  CZ  . ARG A 1 31  ? 9.429   -12.227 -2.594  1.00 39.73 ? 31  ARG A CZ  1 
ATOM   241  N  NH1 . ARG A 1 31  ? 9.903   -12.352 -3.822  1.00 40.33 ? 31  ARG A NH1 1 
ATOM   242  N  NH2 . ARG A 1 31  ? 8.744   -13.215 -2.035  1.00 40.48 ? 31  ARG A NH2 1 
ATOM   243  N  N   . HIS A 1 32  ? 12.242  -7.880  1.866   1.00 26.38 ? 32  HIS A N   1 
ATOM   244  C  CA  . HIS A 1 32  ? 12.776  -8.655  2.973   1.00 26.41 ? 32  HIS A CA  1 
ATOM   245  C  C   . HIS A 1 32  ? 12.351  -10.133 2.758   1.00 25.48 ? 32  HIS A C   1 
ATOM   246  O  O   . HIS A 1 32  ? 11.313  -10.366 2.158   1.00 24.81 ? 32  HIS A O   1 
ATOM   247  C  CB  . HIS A 1 32  ? 12.216  -8.085  4.288   1.00 27.01 ? 32  HIS A CB  1 
ATOM   248  C  CG  . HIS A 1 32  ? 12.682  -8.810  5.513   1.00 28.00 ? 32  HIS A CG  1 
ATOM   249  N  ND1 . HIS A 1 32  ? 13.893  -8.553  6.118   1.00 30.77 ? 32  HIS A ND1 1 
ATOM   250  C  CD2 . HIS A 1 32  ? 12.106  -9.803  6.229   1.00 29.68 ? 32  HIS A CD2 1 
ATOM   251  C  CE1 . HIS A 1 32  ? 14.042  -9.355  7.158   1.00 30.98 ? 32  HIS A CE1 1 
ATOM   252  N  NE2 . HIS A 1 32  ? 12.968  -10.122 7.249   1.00 30.36 ? 32  HIS A NE2 1 
ATOM   253  N  N   . PRO A 1 33  ? 13.157  -11.118 3.212   1.00 25.53 ? 33  PRO A N   1 
ATOM   254  C  CA  . PRO A 1 33  ? 12.778  -12.540 3.059   1.00 25.43 ? 33  PRO A CA  1 
ATOM   255  C  C   . PRO A 1 33  ? 11.402  -12.885 3.626   1.00 25.46 ? 33  PRO A C   1 
ATOM   256  O  O   . PRO A 1 33  ? 10.739  -13.771 3.103   1.00 26.12 ? 33  PRO A O   1 
ATOM   257  C  CB  . PRO A 1 33  ? 13.864  -13.284 3.833   1.00 25.29 ? 33  PRO A CB  1 
ATOM   258  C  CG  . PRO A 1 33  ? 15.015  -12.376 3.825   1.00 26.08 ? 33  PRO A CG  1 
ATOM   259  C  CD  . PRO A 1 33  ? 14.477  -10.983 3.859   1.00 25.35 ? 33  PRO A CD  1 
ATOM   260  N  N   . SER A 1 34  ? 10.962  -12.166 4.657   1.00 25.03 ? 34  SER A N   1 
ATOM   261  C  CA  . SER A 1 34  ? 9.646   -12.385 5.267   1.00 24.31 ? 34  SER A CA  1 
ATOM   262  C  C   . SER A 1 34  ? 8.488   -11.705 4.535   1.00 23.76 ? 34  SER A C   1 
ATOM   263  O  O   . SER A 1 34  ? 7.323   -11.943 4.855   1.00 23.95 ? 34  SER A O   1 
ATOM   264  C  CB  . SER A 1 34  ? 9.652   -11.907 6.711   1.00 24.10 ? 34  SER A CB  1 
ATOM   265  O  OG  . SER A 1 34  ? 10.576  -12.670 7.460   1.00 27.31 ? 34  SER A OG  1 
ATOM   266  N  N   . GLU A 1 35  ? 8.809   -10.847 3.578   1.00 23.27 ? 35  GLU A N   1 
ATOM   267  C  CA  . GLU A 1 35  ? 7.793   -10.168 2.788   1.00 23.22 ? 35  GLU A CA  1 
ATOM   268  C  C   . GLU A 1 35  ? 7.412   -11.044 1.603   1.00 22.41 ? 35  GLU A C   1 
ATOM   269  O  O   . GLU A 1 35  ? 8.236   -11.298 0.722   1.00 22.00 ? 35  GLU A O   1 
ATOM   270  C  CB  . GLU A 1 35  ? 8.287   -8.817  2.284   1.00 23.65 ? 35  GLU A CB  1 
ATOM   271  C  CG  . GLU A 1 35  ? 7.265   -8.108  1.389   1.00 24.70 ? 35  GLU A CG  1 
ATOM   272  C  CD  . GLU A 1 35  ? 7.562   -6.632  1.222   1.00 29.63 ? 35  GLU A CD  1 
ATOM   273  O  OE1 . GLU A 1 35  ? 8.756   -6.281  1.138   1.00 31.99 ? 35  GLU A OE1 1 
ATOM   274  O  OE2 . GLU A 1 35  ? 6.605   -5.828  1.161   1.00 30.20 ? 35  GLU A OE2 1 
ATOM   275  N  N   . THR A 1 36  ? 6.162   -11.503 1.582   1.00 21.13 ? 36  THR A N   1 
ATOM   276  C  CA  . THR A 1 36  ? 5.700   -12.347 0.479   1.00 19.76 ? 36  THR A CA  1 
ATOM   277  C  C   . THR A 1 36  ? 5.522   -11.502 -0.779  1.00 19.36 ? 36  THR A C   1 
ATOM   278  O  O   . THR A 1 36  ? 5.454   -10.259 -0.702  1.00 18.83 ? 36  THR A O   1 
ATOM   279  C  CB  . THR A 1 36  ? 4.364   -13.044 0.795   1.00 19.99 ? 36  THR A CB  1 
ATOM   280  O  OG1 . THR A 1 36  ? 3.369   -12.054 1.049   1.00 19.18 ? 36  THR A OG1 1 
ATOM   281  C  CG2 . THR A 1 36  ? 4.497   -13.993 1.991   1.00 19.34 ? 36  THR A CG2 1 
ATOM   282  N  N   . GLU A 1 37  ? 5.442   -12.164 -1.937  1.00 18.59 ? 37  GLU A N   1 
ATOM   283  C  CA  . GLU A 1 37  ? 5.126   -11.470 -3.195  1.00 19.73 ? 37  GLU A CA  1 
ATOM   284  C  C   . GLU A 1 37  ? 3.810   -10.704 -3.066  1.00 19.29 ? 37  GLU A C   1 
ATOM   285  O  O   . GLU A 1 37  ? 3.694   -9.590  -3.567  1.00 19.21 ? 37  GLU A O   1 
ATOM   286  C  CB  . GLU A 1 37  ? 5.054   -12.461 -4.376  1.00 20.04 ? 37  GLU A CB  1 
ATOM   287  C  CG  . GLU A 1 37  ? 6.412   -12.950 -4.830  1.00 24.00 ? 37  GLU A CG  1 
ATOM   288  C  CD  . GLU A 1 37  ? 6.336   -14.150 -5.791  1.00 25.95 ? 37  GLU A CD  1 
ATOM   289  O  OE1 . GLU A 1 37  ? 5.432   -15.013 -5.653  1.00 27.69 ? 37  GLU A OE1 1 
ATOM   290  O  OE2 . GLU A 1 37  ? 7.204   -14.222 -6.681  1.00 28.03 ? 37  GLU A OE2 1 
ATOM   291  N  N   . GLU A 1 38  ? 2.826   -11.301 -2.388  1.00 19.60 ? 38  GLU A N   1 
ATOM   292  C  CA  . GLU A 1 38  ? 1.544   -10.638 -2.148  1.00 20.97 ? 38  GLU A CA  1 
ATOM   293  C  C   . GLU A 1 38  ? 1.694   -9.344  -1.337  1.00 20.54 ? 38  GLU A C   1 
ATOM   294  O  O   . GLU A 1 38  ? 1.116   -8.313  -1.676  1.00 20.97 ? 38  GLU A O   1 
ATOM   295  C  CB  . GLU A 1 38  ? 0.571   -11.606 -1.463  1.00 20.42 ? 38  GLU A CB  1 
ATOM   296  C  CG  . GLU A 1 38  ? -0.020  -12.674 -2.412  1.00 22.99 ? 38  GLU A CG  1 
ATOM   297  C  CD  . GLU A 1 38  ? 0.864   -13.909 -2.612  1.00 27.93 ? 38  GLU A CD  1 
ATOM   298  O  OE1 . GLU A 1 38  ? 1.936   -14.063 -1.945  1.00 26.57 ? 38  GLU A OE1 1 
ATOM   299  O  OE2 . GLU A 1 38  ? 0.466   -14.756 -3.452  1.00 28.43 ? 38  GLU A OE2 1 
ATOM   300  N  N   . ARG A 1 39  ? 2.475   -9.399  -0.265  1.00 20.79 ? 39  ARG A N   1 
ATOM   301  C  CA  . ARG A 1 39  ? 2.692   -8.208  0.577   1.00 20.53 ? 39  ARG A CA  1 
ATOM   302  C  C   . ARG A 1 39  ? 3.362   -7.097  -0.216  1.00 20.16 ? 39  ARG A C   1 
ATOM   303  O  O   . ARG A 1 39  ? 2.915   -5.953  -0.212  1.00 19.61 ? 39  ARG A O   1 
ATOM   304  C  CB  . ARG A 1 39  ? 3.524   -8.572  1.821   1.00 21.00 ? 39  ARG A CB  1 
ATOM   305  C  CG  . ARG A 1 39  ? 3.767   -7.365  2.753   1.00 22.75 ? 39  ARG A CG  1 
ATOM   306  C  CD  . ARG A 1 39  ? 4.431   -7.788  4.075   1.00 22.52 ? 39  ARG A CD  1 
ATOM   307  N  NE  . ARG A 1 39  ? 3.505   -8.571  4.884   1.00 26.42 ? 39  ARG A NE  1 
ATOM   308  C  CZ  . ARG A 1 39  ? 2.647   -8.061  5.766   1.00 28.88 ? 39  ARG A CZ  1 
ATOM   309  N  NH1 . ARG A 1 39  ? 2.634   -6.757  6.009   1.00 29.20 ? 39  ARG A NH1 1 
ATOM   310  N  NH2 . ARG A 1 39  ? 1.829   -8.868  6.450   1.00 29.88 ? 39  ARG A NH2 1 
HETATM 311  N  N   . MSE A 1 40  ? 4.440   -7.431  -0.915  1.00 21.06 ? 40  MSE A N   1 
HETATM 312  C  CA  . MSE A 1 40  ? 5.102   -6.468  -1.787  1.00 21.61 ? 40  MSE A CA  1 
HETATM 313  C  C   . MSE A 1 40  ? 4.137   -5.861  -2.807  1.00 21.30 ? 40  MSE A C   1 
HETATM 314  O  O   . MSE A 1 40  ? 4.130   -4.646  -3.020  1.00 21.69 ? 40  MSE A O   1 
HETATM 315  C  CB  . MSE A 1 40  ? 6.275   -7.124  -2.518  1.00 22.25 ? 40  MSE A CB  1 
HETATM 316  C  CG  . MSE A 1 40  ? 6.746   -6.251  -3.681  1.00 28.04 ? 40  MSE A CG  1 
HETATM 317  SE SE  . MSE A 1 40  ? 8.584   -6.638  -4.152  0.45 30.47 ? 40  MSE A SE  1 
HETATM 318  C  CE  . MSE A 1 40  ? 9.305   -6.027  -2.479  1.00 33.11 ? 40  MSE A CE  1 
ATOM   319  N  N   . THR A 1 41  ? 3.324   -6.703  -3.436  1.00 20.65 ? 41  THR A N   1 
ATOM   320  C  CA  . THR A 1 41  ? 2.344   -6.236  -4.411  1.00 20.90 ? 41  THR A CA  1 
ATOM   321  C  C   . THR A 1 41  ? 1.339   -5.257  -3.809  1.00 21.19 ? 41  THR A C   1 
ATOM   322  O  O   . THR A 1 41  ? 0.986   -4.264  -4.440  1.00 20.86 ? 41  THR A O   1 
ATOM   323  C  CB  . THR A 1 41  ? 1.648   -7.429  -5.083  1.00 20.91 ? 41  THR A CB  1 
ATOM   324  O  OG1 . THR A 1 41  ? 2.658   -8.204  -5.759  1.00 21.72 ? 41  THR A OG1 1 
ATOM   325  C  CG2 . THR A 1 41  ? 0.579   -6.966  -6.071  1.00 21.26 ? 41  THR A CG2 1 
ATOM   326  N  N   . VAL A 1 42  ? 0.895   -5.522  -2.582  1.00 21.55 ? 42  VAL A N   1 
ATOM   327  C  CA  . VAL A 1 42  ? 0.023   -4.568  -1.893  1.00 20.99 ? 42  VAL A CA  1 
ATOM   328  C  C   . VAL A 1 42  ? 0.751   -3.225  -1.672  1.00 21.76 ? 42  VAL A C   1 
ATOM   329  O  O   . VAL A 1 42  ? 0.156   -2.159  -1.871  1.00 22.01 ? 42  VAL A O   1 
ATOM   330  C  CB  . VAL A 1 42  ? -0.539  -5.134  -0.567  1.00 20.57 ? 42  VAL A CB  1 
ATOM   331  C  CG1 . VAL A 1 42  ? -1.498  -4.128  0.067   1.00 21.03 ? 42  VAL A CG1 1 
ATOM   332  C  CG2 . VAL A 1 42  ? -1.328  -6.444  -0.840  1.00 19.82 ? 42  VAL A CG2 1 
ATOM   333  N  N   . ARG A 1 43  ? 2.025   -3.270  -1.286  1.00 21.71 ? 43  ARG A N   1 
ATOM   334  C  CA  . ARG A 1 43  ? 2.821   -2.028  -1.179  1.00 22.42 ? 43  ARG A CA  1 
ATOM   335  C  C   . ARG A 1 43  ? 2.898   -1.260  -2.510  1.00 21.87 ? 43  ARG A C   1 
ATOM   336  O  O   . ARG A 1 43  ? 2.836   -0.026  -2.523  1.00 21.01 ? 43  ARG A O   1 
ATOM   337  C  CB  . ARG A 1 43  ? 4.237   -2.325  -0.677  1.00 22.56 ? 43  ARG A CB  1 
ATOM   338  C  CG  . ARG A 1 43  ? 4.276   -2.757  0.779   1.00 25.01 ? 43  ARG A CG  1 
ATOM   339  C  CD  . ARG A 1 43  ? 5.584   -2.320  1.443   1.00 28.94 ? 43  ARG A CD  1 
ATOM   340  N  NE  . ARG A 1 43  ? 6.751   -2.994  0.877   1.00 29.45 ? 43  ARG A NE  1 
ATOM   341  C  CZ  . ARG A 1 43  ? 8.012   -2.616  1.080   1.00 34.18 ? 43  ARG A CZ  1 
ATOM   342  N  NH1 . ARG A 1 43  ? 9.008   -3.312  0.521   1.00 34.68 ? 43  ARG A NH1 1 
ATOM   343  N  NH2 . ARG A 1 43  ? 8.282   -1.545  1.836   1.00 34.10 ? 43  ARG A NH2 1 
ATOM   344  N  N   . LEU A 1 44  ? 3.055   -1.987  -3.619  1.00 22.34 ? 44  LEU A N   1 
ATOM   345  C  CA  . LEU A 1 44  ? 3.089   -1.348  -4.953  1.00 22.77 ? 44  LEU A CA  1 
ATOM   346  C  C   . LEU A 1 44  ? 1.749   -0.708  -5.332  1.00 23.20 ? 44  LEU A C   1 
ATOM   347  O  O   . LEU A 1 44  ? 1.709   0.387   -5.925  1.00 22.95 ? 44  LEU A O   1 
ATOM   348  C  CB  . LEU A 1 44  ? 3.497   -2.349  -6.049  1.00 23.56 ? 44  LEU A CB  1 
ATOM   349  C  CG  . LEU A 1 44  ? 4.810   -3.111  -5.881  1.00 23.20 ? 44  LEU A CG  1 
ATOM   350  C  CD1 . LEU A 1 44  ? 5.061   -4.010  -7.110  1.00 24.23 ? 44  LEU A CD1 1 
ATOM   351  C  CD2 . LEU A 1 44  ? 5.969   -2.186  -5.641  1.00 24.37 ? 44  LEU A CD2 1 
ATOM   352  N  N   . LEU A 1 45  ? 0.649   -1.385  -5.006  1.00 22.87 ? 45  LEU A N   1 
ATOM   353  C  CA  . LEU A 1 45  ? -0.683  -0.805  -5.238  1.00 23.26 ? 45  LEU A CA  1 
ATOM   354  C  C   . LEU A 1 45  ? -0.845  0.472   -4.413  1.00 22.85 ? 45  LEU A C   1 
ATOM   355  O  O   . LEU A 1 45  ? -1.358  1.461   -4.910  1.00 22.13 ? 45  LEU A O   1 
ATOM   356  C  CB  . LEU A 1 45  ? -1.781  -1.800  -4.839  1.00 23.19 ? 45  LEU A CB  1 
ATOM   357  C  CG  . LEU A 1 45  ? -2.029  -2.970  -5.794  1.00 25.34 ? 45  LEU A CG  1 
ATOM   358  C  CD1 . LEU A 1 45  ? -2.985  -3.983  -5.139  1.00 26.84 ? 45  LEU A CD1 1 
ATOM   359  C  CD2 . LEU A 1 45  ? -2.572  -2.462  -7.128  1.00 26.92 ? 45  LEU A CD2 1 
ATOM   360  N  N   . ALA A 1 46  ? -0.420  0.438   -3.144  1.00 22.03 ? 46  ALA A N   1 
ATOM   361  C  CA  . ALA A 1 46  ? -0.505  1.629   -2.271  1.00 22.82 ? 46  ALA A CA  1 
ATOM   362  C  C   . ALA A 1 46  ? 0.302   2.798   -2.847  1.00 22.61 ? 46  ALA A C   1 
ATOM   363  O  O   . ALA A 1 46  ? -0.126  3.950   -2.804  1.00 22.86 ? 46  ALA A O   1 
ATOM   364  C  CB  . ALA A 1 46  ? 0.008   1.291   -0.841  1.00 21.59 ? 46  ALA A CB  1 
ATOM   365  N  N   . TYR A 1 47  ? 1.495   2.494   -3.340  1.00 22.99 ? 47  TYR A N   1 
ATOM   366  C  CA  . TYR A 1 47  ? 2.350   3.495   -3.973  1.00 23.45 ? 47  TYR A CA  1 
ATOM   367  C  C   . TYR A 1 47  ? 1.629   4.211   -5.121  1.00 23.91 ? 47  TYR A C   1 
ATOM   368  O  O   . TYR A 1 47  ? 1.666   5.446   -5.200  1.00 24.06 ? 47  TYR A O   1 
ATOM   369  C  CB  . TYR A 1 47  ? 3.663   2.858   -4.478  1.00 23.78 ? 47  TYR A CB  1 
ATOM   370  C  CG  . TYR A 1 47  ? 4.655   3.889   -4.980  1.00 22.73 ? 47  TYR A CG  1 
ATOM   371  C  CD1 . TYR A 1 47  ? 5.415   4.643   -4.089  1.00 21.96 ? 47  TYR A CD1 1 
ATOM   372  C  CD2 . TYR A 1 47  ? 4.802   4.128   -6.345  1.00 22.95 ? 47  TYR A CD2 1 
ATOM   373  C  CE1 . TYR A 1 47  ? 6.297   5.606   -4.537  1.00 23.89 ? 47  TYR A CE1 1 
ATOM   374  C  CE2 . TYR A 1 47  ? 5.686   5.085   -6.813  1.00 24.24 ? 47  TYR A CE2 1 
ATOM   375  C  CZ  . TYR A 1 47  ? 6.431   5.821   -5.904  1.00 24.58 ? 47  TYR A CZ  1 
ATOM   376  O  OH  . TYR A 1 47  ? 7.303   6.774   -6.353  1.00 26.59 ? 47  TYR A OH  1 
ATOM   377  N  N   . ALA A 1 48  ? 1.005   3.434   -6.026  1.00 23.61 ? 48  ALA A N   1 
ATOM   378  C  CA  . ALA A 1 48  ? 0.269   4.002   -7.157  1.00 23.25 ? 48  ALA A CA  1 
ATOM   379  C  C   . ALA A 1 48  ? -0.962  4.780   -6.662  1.00 22.89 ? 48  ALA A C   1 
ATOM   380  O  O   . ALA A 1 48  ? -1.244  5.898   -7.129  1.00 22.88 ? 48  ALA A O   1 
ATOM   381  C  CB  . ALA A 1 48  ? -0.149  2.901   -8.139  1.00 23.37 ? 48  ALA A CB  1 
ATOM   382  N  N   . PHE A 1 49  ? -1.655  4.209   -5.682  1.00 22.41 ? 49  PHE A N   1 
ATOM   383  C  CA  . PHE A 1 49  ? -2.939  4.723   -5.218  1.00 22.86 ? 49  PHE A CA  1 
ATOM   384  C  C   . PHE A 1 49  ? -2.806  6.034   -4.434  1.00 23.48 ? 49  PHE A C   1 
ATOM   385  O  O   . PHE A 1 49  ? -3.713  6.869   -4.452  1.00 23.72 ? 49  PHE A O   1 
ATOM   386  C  CB  . PHE A 1 49  ? -3.635  3.658   -4.372  1.00 23.56 ? 49  PHE A CB  1 
ATOM   387  C  CG  . PHE A 1 49  ? -5.086  3.928   -4.121  1.00 24.69 ? 49  PHE A CG  1 
ATOM   388  C  CD1 . PHE A 1 49  ? -5.992  4.014   -5.183  1.00 24.99 ? 49  PHE A CD1 1 
ATOM   389  C  CD2 . PHE A 1 49  ? -5.556  4.066   -2.820  1.00 23.96 ? 49  PHE A CD2 1 
ATOM   390  C  CE1 . PHE A 1 49  ? -7.369  4.253   -4.951  1.00 26.26 ? 49  PHE A CE1 1 
ATOM   391  C  CE2 . PHE A 1 49  ? -6.929  4.302   -2.574  1.00 24.67 ? 49  PHE A CE2 1 
ATOM   392  C  CZ  . PHE A 1 49  ? -7.823  4.396   -3.637  1.00 24.80 ? 49  PHE A CZ  1 
ATOM   393  N  N   . TRP A 1 50  ? -1.676  6.213   -3.762  1.00 23.06 ? 50  TRP A N   1 
ATOM   394  C  CA  . TRP A 1 50  ? -1.417  7.454   -3.039  1.00 24.01 ? 50  TRP A CA  1 
ATOM   395  C  C   . TRP A 1 50  ? -0.173  8.181   -3.507  1.00 24.33 ? 50  TRP A C   1 
ATOM   396  O  O   . TRP A 1 50  ? 0.435   8.921   -2.734  1.00 24.74 ? 50  TRP A O   1 
ATOM   397  C  CB  . TRP A 1 50  ? -1.348  7.184   -1.534  1.00 23.33 ? 50  TRP A CB  1 
ATOM   398  C  CG  . TRP A 1 50  ? -2.689  6.920   -0.925  1.00 22.94 ? 50  TRP A CG  1 
ATOM   399  C  CD1 . TRP A 1 50  ? -3.705  7.823   -0.743  1.00 22.87 ? 50  TRP A CD1 1 
ATOM   400  C  CD2 . TRP A 1 50  ? -3.150  5.681   -0.386  1.00 22.43 ? 50  TRP A CD2 1 
ATOM   401  N  NE1 . TRP A 1 50  ? -4.770  7.211   -0.151  1.00 22.96 ? 50  TRP A NE1 1 
ATOM   402  C  CE2 . TRP A 1 50  ? -4.452  5.900   0.104   1.00 23.40 ? 50  TRP A CE2 1 
ATOM   403  C  CE3 . TRP A 1 50  ? -2.582  4.398   -0.270  1.00 25.14 ? 50  TRP A CE3 1 
ATOM   404  C  CZ2 . TRP A 1 50  ? -5.212  4.880   0.718   1.00 23.99 ? 50  TRP A CZ2 1 
ATOM   405  C  CZ3 . TRP A 1 50  ? -3.329  3.381   0.341   1.00 24.31 ? 50  TRP A CZ3 1 
ATOM   406  C  CH2 . TRP A 1 50  ? -4.629  3.629   0.829   1.00 23.61 ? 50  TRP A CH2 1 
ATOM   407  N  N   . TYR A 1 51  ? 0.182   7.983   -4.779  1.00 25.16 ? 51  TYR A N   1 
ATOM   408  C  CA  . TYR A 1 51  ? 1.379   8.570   -5.368  1.00 25.52 ? 51  TYR A CA  1 
ATOM   409  C  C   . TYR A 1 51  ? 1.582   10.064  -5.062  1.00 26.99 ? 51  TYR A C   1 
ATOM   410  O  O   . TYR A 1 51  ? 0.649   10.862  -5.178  1.00 26.07 ? 51  TYR A O   1 
ATOM   411  C  CB  . TYR A 1 51  ? 1.434   8.364   -6.894  1.00 26.00 ? 51  TYR A CB  1 
ATOM   412  C  CG  . TYR A 1 51  ? 2.701   8.973   -7.430  1.00 26.27 ? 51  TYR A CG  1 
ATOM   413  C  CD1 . TYR A 1 51  ? 3.935   8.323   -7.270  1.00 26.92 ? 51  TYR A CD1 1 
ATOM   414  C  CD2 . TYR A 1 51  ? 2.694   10.250  -8.005  1.00 26.94 ? 51  TYR A CD2 1 
ATOM   415  C  CE1 . TYR A 1 51  ? 5.120   8.926   -7.719  1.00 26.54 ? 51  TYR A CE1 1 
ATOM   416  C  CE2 . TYR A 1 51  ? 3.866   10.849  -8.442  1.00 29.32 ? 51  TYR A CE2 1 
ATOM   417  C  CZ  . TYR A 1 51  ? 5.070   10.185  -8.291  1.00 29.21 ? 51  TYR A CZ  1 
ATOM   418  O  OH  . TYR A 1 51  ? 6.221   10.806  -8.735  1.00 33.16 ? 51  TYR A OH  1 
ATOM   419  N  N   . ASN A 1 52  ? 2.829   10.410  -4.708  1.00 27.40 ? 52  ASN A N   1 
ATOM   420  C  CA  . ASN A 1 52  ? 3.289   11.778  -4.482  1.00 28.82 ? 52  ASN A CA  1 
ATOM   421  C  C   . ASN A 1 52  ? 4.799   11.696  -4.743  1.00 28.30 ? 52  ASN A C   1 
ATOM   422  O  O   . ASN A 1 52  ? 5.409   10.640  -4.513  1.00 27.46 ? 52  ASN A O   1 
ATOM   423  C  CB  . ASN A 1 52  ? 2.989   12.147  -3.013  1.00 29.27 ? 52  ASN A CB  1 
ATOM   424  C  CG  . ASN A 1 52  ? 3.276   13.573  -2.687  0.90 33.32 ? 52  ASN A CG  1 
ATOM   425  O  OD1 . ASN A 1 52  ? 4.415   13.933  -2.373  1.00 38.10 ? 52  ASN A OD1 1 
ATOM   426  N  ND2 . ASN A 1 52  ? 2.241   14.413  -2.733  0.75 34.87 ? 52  ASN A ND2 1 
ATOM   427  N  N   . GLU A 1 53  ? 5.416   12.766  -5.236  1.00 28.24 ? 53  GLU A N   1 
ATOM   428  C  CA  . GLU A 1 53  ? 6.885   12.761  -5.387  1.00 28.47 ? 53  GLU A CA  1 
ATOM   429  C  C   . GLU A 1 53  ? 7.598   12.512  -4.049  1.00 28.05 ? 53  GLU A C   1 
ATOM   430  O  O   . GLU A 1 53  ? 8.728   12.025  -4.027  1.00 28.71 ? 53  GLU A O   1 
ATOM   431  C  CB  . GLU A 1 53  ? 7.407   14.049  -6.043  1.00 29.25 ? 53  GLU A CB  1 
ATOM   432  C  CG  . GLU A 1 53  ? 6.857   15.331  -5.446  0.60 30.14 ? 53  GLU A CG  1 
ATOM   433  C  CD  . GLU A 1 53  ? 7.600   16.590  -5.911  0.60 32.97 ? 53  GLU A CD  1 
ATOM   434  O  OE1 . GLU A 1 53  ? 8.642   16.472  -6.599  0.60 33.58 ? 53  GLU A OE1 1 
ATOM   435  O  OE2 . GLU A 1 53  ? 7.130   17.701  -5.576  0.60 33.37 ? 53  GLU A OE2 1 
ATOM   436  N  N   . GLN A 1 54  ? 6.929   12.838  -2.946  1.00 27.09 ? 54  GLN A N   1 
ATOM   437  C  CA  . GLN A 1 54  ? 7.511   12.703  -1.605  1.00 26.90 ? 54  GLN A CA  1 
ATOM   438  C  C   . GLN A 1 54  ? 7.190   11.383  -0.919  1.00 26.41 ? 54  GLN A C   1 
ATOM   439  O  O   . GLN A 1 54  ? 7.649   11.148  0.210   1.00 26.76 ? 54  GLN A O   1 
ATOM   440  C  CB  . GLN A 1 54  ? 7.082   13.855  -0.699  1.00 27.27 ? 54  GLN A CB  1 
ATOM   441  C  CG  . GLN A 1 54  ? 7.931   15.113  -0.846  1.00 30.77 ? 54  GLN A CG  1 
ATOM   442  C  CD  . GLN A 1 54  ? 7.598   15.913  -2.076  0.80 35.82 ? 54  GLN A CD  1 
ATOM   443  O  OE1 . GLN A 1 54  ? 8.496   16.329  -2.818  0.80 39.08 ? 54  GLN A OE1 1 
ATOM   444  N  NE2 . GLN A 1 54  ? 6.304   16.152  -2.303  0.80 37.66 ? 54  GLN A NE2 1 
ATOM   445  N  N   . LEU A 1 55  ? 6.392   10.543  -1.572  1.00 24.57 ? 55  LEU A N   1 
ATOM   446  C  CA  . LEU A 1 55  ? 6.088   9.223   -1.038  1.00 24.06 ? 55  LEU A CA  1 
ATOM   447  C  C   . LEU A 1 55  ? 7.296   8.290   -1.215  1.00 24.03 ? 55  LEU A C   1 
ATOM   448  O  O   . LEU A 1 55  ? 7.862   8.204   -2.302  1.00 24.90 ? 55  LEU A O   1 
ATOM   449  C  CB  . LEU A 1 55  ? 4.852   8.655   -1.747  1.00 23.46 ? 55  LEU A CB  1 
ATOM   450  C  CG  . LEU A 1 55  ? 4.264   7.334   -1.253  1.00 22.42 ? 55  LEU A CG  1 
ATOM   451  C  CD1 . LEU A 1 55  ? 3.775   7.447   0.208   1.00 22.13 ? 55  LEU A CD1 1 
ATOM   452  C  CD2 . LEU A 1 55  ? 3.135   6.915   -2.176  1.00 22.15 ? 55  LEU A CD2 1 
ATOM   453  N  N   . ALA A 1 56  ? 7.686   7.597   -0.150  1.00 24.78 ? 56  ALA A N   1 
ATOM   454  C  CA  . ALA A 1 56  ? 8.800   6.656   -0.199  1.00 25.09 ? 56  ALA A CA  1 
ATOM   455  C  C   . ALA A 1 56  ? 8.416   5.337   0.448   1.00 25.65 ? 56  ALA A C   1 
ATOM   456  O  O   . ALA A 1 56  ? 7.569   5.306   1.352   1.00 25.20 ? 56  ALA A O   1 
ATOM   457  C  CB  . ALA A 1 56  ? 10.021  7.245   0.497   1.00 25.40 ? 56  ALA A CB  1 
ATOM   458  N  N   . PHE A 1 57  ? 9.040   4.247   -0.001  1.00 25.80 ? 57  PHE A N   1 
ATOM   459  C  CA  . PHE A 1 57  ? 8.896   2.965   0.700   1.00 26.77 ? 57  PHE A CA  1 
ATOM   460  C  C   . PHE A 1 57  ? 9.689   2.993   1.998   1.00 27.77 ? 57  PHE A C   1 
ATOM   461  O  O   . PHE A 1 57  ? 10.816  3.479   2.031   1.00 27.35 ? 57  PHE A O   1 
ATOM   462  C  CB  . PHE A 1 57  ? 9.325   1.779   -0.183  1.00 26.13 ? 57  PHE A CB  1 
ATOM   463  C  CG  . PHE A 1 57  ? 8.427   1.557   -1.374  1.00 27.69 ? 57  PHE A CG  1 
ATOM   464  C  CD1 . PHE A 1 57  ? 7.237   0.861   -1.243  1.00 26.88 ? 57  PHE A CD1 1 
ATOM   465  C  CD2 . PHE A 1 57  ? 8.766   2.073   -2.622  1.00 28.69 ? 57  PHE A CD2 1 
ATOM   466  C  CE1 . PHE A 1 57  ? 6.400   0.666   -2.353  1.00 27.60 ? 57  PHE A CE1 1 
ATOM   467  C  CE2 . PHE A 1 57  ? 7.937   1.893   -3.727  1.00 28.94 ? 57  PHE A CE2 1 
ATOM   468  C  CZ  . PHE A 1 57  ? 6.756   1.178   -3.595  1.00 27.38 ? 57  PHE A CZ  1 
ATOM   469  N  N   . GLY A 1 58  ? 9.081   2.500   3.074   1.00 28.50 ? 58  GLY A N   1 
ATOM   470  C  CA  . GLY A 1 58  ? 9.774   2.355   4.340   1.00 30.54 ? 58  GLY A CA  1 
ATOM   471  C  C   . GLY A 1 58  ? 10.390  0.972   4.394   1.00 31.68 ? 58  GLY A C   1 
ATOM   472  O  O   . GLY A 1 58  ? 10.385  0.240   3.395   1.00 31.67 ? 58  GLY A O   1 
ATOM   473  N  N   A ARG A 1 59  ? 10.918  0.610   5.560   0.50 32.40 ? 59  ARG A N   1 
ATOM   474  N  N   B ARG A 1 59  ? 10.912  0.600   5.554   0.50 32.38 ? 59  ARG A N   1 
ATOM   475  C  CA  A ARG A 1 59  ? 11.450  -0.741  5.773   0.50 33.13 ? 59  ARG A CA  1 
ATOM   476  C  CA  B ARG A 1 59  ? 11.436  -0.754  5.734   0.50 33.13 ? 59  ARG A CA  1 
ATOM   477  C  C   A ARG A 1 59  ? 10.369  -1.757  6.164   0.50 33.58 ? 59  ARG A C   1 
ATOM   478  C  C   B ARG A 1 59  ? 10.313  -1.786  5.866   0.50 33.51 ? 59  ARG A C   1 
ATOM   479  O  O   A ARG A 1 59  ? 10.686  -2.919  6.439   0.50 33.91 ? 59  ARG A O   1 
ATOM   480  O  O   B ARG A 1 59  ? 10.536  -2.979  5.650   0.50 33.74 ? 59  ARG A O   1 
ATOM   481  C  CB  A ARG A 1 59  ? 12.609  -0.732  6.774   0.50 33.29 ? 59  ARG A CB  1 
ATOM   482  C  CB  B ARG A 1 59  ? 12.401  -0.802  6.909   0.50 33.19 ? 59  ARG A CB  1 
ATOM   483  C  CG  A ARG A 1 59  ? 13.828  0.081   6.307   0.50 33.80 ? 59  ARG A CG  1 
ATOM   484  C  CG  B ARG A 1 59  ? 13.595  0.142   6.725   0.50 34.13 ? 59  ARG A CG  1 
ATOM   485  C  CD  A ARG A 1 59  ? 15.044  -0.156  7.197   0.50 34.67 ? 59  ARG A CD  1 
ATOM   486  C  CD  B ARG A 1 59  ? 14.460  0.180   7.956   0.50 35.28 ? 59  ARG A CD  1 
ATOM   487  N  NE  A ARG A 1 59  ? 15.825  -1.333  6.802   0.50 35.97 ? 59  ARG A NE  1 
ATOM   488  N  NE  B ARG A 1 59  ? 15.457  1.245   7.899   0.50 37.24 ? 59  ARG A NE  1 
ATOM   489  C  CZ  A ARG A 1 59  ? 17.110  -1.312  6.442   0.50 36.16 ? 59  ARG A CZ  1 
ATOM   490  C  CZ  B ARG A 1 59  ? 16.366  1.467   8.843   0.50 37.19 ? 59  ARG A CZ  1 
ATOM   491  N  NH1 A ARG A 1 59  ? 17.794  -0.172  6.430   0.50 36.32 ? 59  ARG A NH1 1 
ATOM   492  N  NH1 B ARG A 1 59  ? 16.413  0.697   9.922   0.50 37.68 ? 59  ARG A NH1 1 
ATOM   493  N  NH2 A ARG A 1 59  ? 17.722  -2.439  6.102   0.50 35.64 ? 59  ARG A NH2 1 
ATOM   494  N  NH2 B ARG A 1 59  ? 17.235  2.459   8.704   0.50 37.95 ? 59  ARG A NH2 1 
ATOM   495  N  N   . GLY A 1 60  ? 9.104   -1.312  6.185   1.00 33.57 ? 60  GLY A N   1 
ATOM   496  C  CA  . GLY A 1 60  ? 7.933   -2.193  6.380   1.00 34.55 ? 60  GLY A CA  1 
ATOM   497  C  C   . GLY A 1 60  ? 8.101   -3.195  7.514   1.00 36.00 ? 60  GLY A C   1 
ATOM   498  O  O   . GLY A 1 60  ? 8.568   -2.832  8.602   1.00 35.47 ? 60  GLY A O   1 
ATOM   499  N  N   . LEU A 1 61  ? 7.762   -4.462  7.249   1.00 36.92 ? 61  LEU A N   1 
ATOM   500  C  CA  . LEU A 1 61  ? 7.792   -5.506  8.280   1.00 38.47 ? 61  LEU A CA  1 
ATOM   501  C  C   . LEU A 1 61  ? 9.163   -5.766  8.924   1.00 38.54 ? 61  LEU A C   1 
ATOM   502  O  O   . LEU A 1 61  ? 9.231   -6.339  10.013  1.00 39.46 ? 61  LEU A O   1 
ATOM   503  C  CB  . LEU A 1 61  ? 7.155   -6.829  7.784   1.00 38.58 ? 61  LEU A CB  1 
ATOM   504  C  CG  . LEU A 1 61  ? 7.657   -7.641  6.580   1.00 39.00 ? 61  LEU A CG  1 
ATOM   505  C  CD1 . LEU A 1 61  ? 9.161   -7.801  6.557   1.00 40.95 ? 61  LEU A CD1 1 
ATOM   506  C  CD2 . LEU A 1 61  ? 6.982   -9.008  6.594   1.00 38.83 ? 61  LEU A CD2 1 
ATOM   507  N  N   . SER A 1 62  ? 10.241  -5.333  8.273   1.00 38.71 ? 62  SER A N   1 
ATOM   508  C  CA  . SER A 1 62  ? 11.597  -5.572  8.798   1.00 38.78 ? 62  SER A CA  1 
ATOM   509  C  C   . SER A 1 62  ? 12.047  -4.588  9.905   1.00 38.45 ? 62  SER A C   1 
ATOM   510  O  O   . SER A 1 62  ? 13.074  -4.808  10.556  1.00 38.41 ? 62  SER A O   1 
ATOM   511  C  CB  . SER A 1 62  ? 12.619  -5.625  7.651   1.00 38.86 ? 62  SER A CB  1 
ATOM   512  O  OG  . SER A 1 62  ? 13.162  -4.353  7.347   1.00 40.72 ? 62  SER A OG  1 
ATOM   513  N  N   . ASP A 1 63  ? 11.283  -3.510  10.104  1.00 37.76 ? 63  ASP A N   1 
ATOM   514  C  CA  . ASP A 1 63  ? 11.573  -2.506  11.144  1.00 36.60 ? 63  ASP A CA  1 
ATOM   515  C  C   . ASP A 1 63  ? 10.271  -2.003  11.771  1.00 35.44 ? 63  ASP A C   1 
ATOM   516  O  O   . ASP A 1 63  ? 9.487   -1.315  11.114  1.00 34.07 ? 63  ASP A O   1 
ATOM   517  C  CB  . ASP A 1 63  ? 12.343  -1.327  10.536  1.00 37.21 ? 63  ASP A CB  1 
ATOM   518  C  CG  . ASP A 1 63  ? 12.757  -0.265  11.573  1.00 39.06 ? 63  ASP A CG  1 
ATOM   519  O  OD1 . ASP A 1 63  ? 12.231  -0.242  12.715  1.00 39.92 ? 63  ASP A OD1 1 
ATOM   520  O  OD2 . ASP A 1 63  ? 13.627  0.564   11.228  1.00 41.81 ? 63  ASP A OD2 1 
ATOM   521  N  N   . VAL A 1 64  ? 10.061  -2.321  13.047  1.00 34.02 ? 64  VAL A N   1 
ATOM   522  C  CA  . VAL A 1 64  ? 8.822   -1.947  13.731  1.00 32.95 ? 64  VAL A CA  1 
ATOM   523  C  C   . VAL A 1 64  ? 8.560   -0.431  13.797  1.00 31.88 ? 64  VAL A C   1 
ATOM   524  O  O   . VAL A 1 64  ? 7.412   -0.003  13.908  1.00 31.13 ? 64  VAL A O   1 
ATOM   525  C  CB  . VAL A 1 64  ? 8.711   -2.565  15.150  1.00 33.23 ? 64  VAL A CB  1 
ATOM   526  C  CG1 . VAL A 1 64  ? 8.477   -4.074  15.050  1.00 34.58 ? 64  VAL A CG1 1 
ATOM   527  C  CG2 . VAL A 1 64  ? 9.942   -2.236  15.997  1.00 32.90 ? 64  VAL A CG2 1 
ATOM   528  N  N   . ASP A 1 65  ? 9.617   0.369   13.712  1.00 30.39 ? 65  ASP A N   1 
ATOM   529  C  CA  . ASP A 1 65  ? 9.479   1.821   13.837  1.00 30.10 ? 65  ASP A CA  1 
ATOM   530  C  C   . ASP A 1 65  ? 9.173   2.524   12.506  1.00 29.43 ? 65  ASP A C   1 
ATOM   531  O  O   . ASP A 1 65  ? 9.064   3.760   12.462  1.00 30.63 ? 65  ASP A O   1 
ATOM   532  C  CB  . ASP A 1 65  ? 10.733  2.414   14.491  1.00 30.19 ? 65  ASP A CB  1 
ATOM   533  C  CG  . ASP A 1 65  ? 11.056  1.753   15.824  0.80 31.18 ? 65  ASP A CG  1 
ATOM   534  O  OD1 . ASP A 1 65  ? 10.134  1.572   16.654  0.80 32.37 ? 65  ASP A OD1 1 
ATOM   535  O  OD2 . ASP A 1 65  ? 12.230  1.393   16.035  0.80 33.20 ? 65  ASP A OD2 1 
ATOM   536  N  N   . GLU A 1 66  ? 9.062   1.751   11.427  1.00 27.53 ? 66  GLU A N   1 
ATOM   537  C  CA  . GLU A 1 66  ? 8.783   2.307   10.100  1.00 26.11 ? 66  GLU A CA  1 
ATOM   538  C  C   . GLU A 1 66  ? 7.510   1.696   9.485   1.00 24.88 ? 66  GLU A C   1 
ATOM   539  O  O   . GLU A 1 66  ? 7.151   0.574   9.797   1.00 24.33 ? 66  GLU A O   1 
ATOM   540  C  CB  . GLU A 1 66  ? 9.977   2.110   9.158   1.00 26.53 ? 66  GLU A CB  1 
ATOM   541  C  CG  . GLU A 1 66  ? 11.222  2.927   9.545   1.00 27.57 ? 66  GLU A CG  1 
ATOM   542  C  CD  . GLU A 1 66  ? 12.138  3.239   8.369   1.00 29.51 ? 66  GLU A CD  1 
ATOM   543  O  OE1 . GLU A 1 66  ? 11.776  2.948   7.197   1.00 30.47 ? 66  GLU A OE1 1 
ATOM   544  O  OE2 . GLU A 1 66  ? 13.223  3.811   8.621   1.00 30.57 ? 66  GLU A OE2 1 
ATOM   545  N  N   . PRO A 1 67  ? 6.794   2.460   8.639   1.00 24.23 ? 67  PRO A N   1 
ATOM   546  C  CA  . PRO A 1 67  ? 5.641   1.907   7.928   1.00 23.54 ? 67  PRO A CA  1 
ATOM   547  C  C   . PRO A 1 67  ? 6.070   1.215   6.637   1.00 23.56 ? 67  PRO A C   1 
ATOM   548  O  O   . PRO A 1 67  ? 7.245   1.267   6.270   1.00 23.54 ? 67  PRO A O   1 
ATOM   549  C  CB  . PRO A 1 67  ? 4.826   3.146   7.585   1.00 24.18 ? 67  PRO A CB  1 
ATOM   550  C  CG  . PRO A 1 67  ? 5.867   4.238   7.431   1.00 23.54 ? 67  PRO A CG  1 
ATOM   551  C  CD  . PRO A 1 67  ? 7.009   3.889   8.338   1.00 24.16 ? 67  PRO A CD  1 
ATOM   552  N  N   . ALA A 1 68  ? 5.106   0.620   5.939   1.00 22.43 ? 68  ALA A N   1 
ATOM   553  C  CA  . ALA A 1 68  ? 5.299   0.091   4.601   1.00 21.76 ? 68  ALA A CA  1 
ATOM   554  C  C   . ALA A 1 68  ? 5.615   1.224   3.624   1.00 21.77 ? 68  ALA A C   1 
ATOM   555  O  O   . ALA A 1 68  ? 6.525   1.104   2.795   1.00 21.46 ? 68  ALA A O   1 
ATOM   556  C  CB  . ALA A 1 68  ? 4.056   -0.664  4.169   1.00 21.87 ? 68  ALA A CB  1 
ATOM   557  N  N   . LEU A 1 69  ? 4.882   2.337   3.750   1.00 21.11 ? 69  LEU A N   1 
ATOM   558  C  CA  . LEU A 1 69  ? 5.176   3.543   2.970   1.00 21.63 ? 69  LEU A CA  1 
ATOM   559  C  C   . LEU A 1 69  ? 4.901   4.802   3.795   1.00 21.60 ? 69  LEU A C   1 
ATOM   560  O  O   . LEU A 1 69  ? 4.047   4.803   4.702   1.00 21.65 ? 69  LEU A O   1 
ATOM   561  C  CB  . LEU A 1 69  ? 4.342   3.599   1.685   1.00 20.92 ? 69  LEU A CB  1 
ATOM   562  C  CG  . LEU A 1 69  ? 4.261   2.442   0.685   1.00 23.57 ? 69  LEU A CG  1 
ATOM   563  C  CD1 . LEU A 1 69  ? 3.208   1.416   1.109   1.00 23.07 ? 69  LEU A CD1 1 
ATOM   564  C  CD2 . LEU A 1 69  ? 3.908   2.991   -0.701  1.00 21.88 ? 69  LEU A CD2 1 
ATOM   565  N  N   . TRP A 1 70  ? 5.609   5.881   3.480   1.00 21.66 ? 70  TRP A N   1 
ATOM   566  C  CA  . TRP A 1 70  ? 5.307   7.160   4.107   1.00 21.74 ? 70  TRP A CA  1 
ATOM   567  C  C   . TRP A 1 70  ? 5.655   8.353   3.244   1.00 22.09 ? 70  TRP A C   1 
ATOM   568  O  O   . TRP A 1 70  ? 6.585   8.315   2.443   1.00 22.04 ? 70  TRP A O   1 
ATOM   569  C  CB  . TRP A 1 70  ? 5.913   7.323   5.518   1.00 21.88 ? 70  TRP A CB  1 
ATOM   570  C  CG  . TRP A 1 70  ? 7.357   6.976   5.678   1.00 21.82 ? 70  TRP A CG  1 
ATOM   571  C  CD1 . TRP A 1 70  ? 8.248   6.647   4.693   1.00 22.96 ? 70  TRP A CD1 1 
ATOM   572  C  CD2 . TRP A 1 70  ? 8.095   6.944   6.913   1.00 22.39 ? 70  TRP A CD2 1 
ATOM   573  N  NE1 . TRP A 1 70  ? 9.485   6.397   5.245   1.00 22.59 ? 70  TRP A NE1 1 
ATOM   574  C  CE2 . TRP A 1 70  ? 9.417   6.566   6.602   1.00 21.61 ? 70  TRP A CE2 1 
ATOM   575  C  CE3 . TRP A 1 70  ? 7.760   7.184   8.252   1.00 21.63 ? 70  TRP A CE3 1 
ATOM   576  C  CZ2 . TRP A 1 70  ? 10.409  6.429   7.580   1.00 23.29 ? 70  TRP A CZ2 1 
ATOM   577  C  CZ3 . TRP A 1 70  ? 8.751   7.048   9.230   1.00 23.74 ? 70  TRP A CZ3 1 
ATOM   578  C  CH2 . TRP A 1 70  ? 10.056  6.675   8.885   1.00 23.11 ? 70  TRP A CH2 1 
ATOM   579  N  N   . GLU A 1 71  ? 4.859   9.402   3.402   1.00 22.50 ? 71  GLU A N   1 
ATOM   580  C  CA  . GLU A 1 71  ? 5.129   10.677  2.772   1.00 23.24 ? 71  GLU A CA  1 
ATOM   581  C  C   . GLU A 1 71  ? 5.537   11.627  3.891   1.00 23.32 ? 71  GLU A C   1 
ATOM   582  O  O   . GLU A 1 71  ? 4.796   11.796  4.866   1.00 22.67 ? 71  GLU A O   1 
ATOM   583  C  CB  . GLU A 1 71  ? 3.862   11.175  2.078   1.00 23.93 ? 71  GLU A CB  1 
ATOM   584  C  CG  . GLU A 1 71  ? 3.999   12.491  1.320   1.00 26.33 ? 71  GLU A CG  1 
ATOM   585  C  CD  . GLU A 1 71  ? 2.654   13.060  0.885   1.00 29.46 ? 71  GLU A CD  1 
ATOM   586  O  OE1 . GLU A 1 71  ? 1.667   12.306  0.786   1.00 32.53 ? 71  GLU A OE1 1 
ATOM   587  O  OE2 . GLU A 1 71  ? 2.580   14.273  0.629   1.00 30.79 ? 71  GLU A OE2 1 
ATOM   588  N  N   . LYS A 1 72  ? 6.719   12.222  3.760   1.00 23.16 ? 72  LYS A N   1 
ATOM   589  C  CA  . LYS A 1 72  ? 7.213   13.188  4.744   1.00 24.25 ? 72  LYS A CA  1 
ATOM   590  C  C   . LYS A 1 72  ? 7.350   14.590  4.169   1.00 24.51 ? 72  LYS A C   1 
ATOM   591  O  O   . LYS A 1 72  ? 7.566   14.765  2.967   1.00 24.57 ? 72  LYS A O   1 
ATOM   592  C  CB  . LYS A 1 72  ? 8.564   12.758  5.294   1.00 24.08 ? 72  LYS A CB  1 
ATOM   593  C  CG  . LYS A 1 72  ? 8.523   11.483  6.103   1.00 25.99 ? 72  LYS A CG  1 
ATOM   594  C  CD  . LYS A 1 72  ? 9.900   11.254  6.676   1.00 28.34 ? 72  LYS A CD  1 
ATOM   595  C  CE  . LYS A 1 72  ? 9.989   9.957   7.397   1.00 30.25 ? 72  LYS A CE  1 
ATOM   596  N  NZ  . LYS A 1 72  ? 11.184  10.006  8.280   1.00 32.32 ? 72  LYS A NZ  1 
ATOM   597  N  N   . SER A 1 73  ? 7.239   15.587  5.042   1.00 24.97 ? 73  SER A N   1 
ATOM   598  C  CA  . SER A 1 73  ? 7.461   16.968  4.651   1.00 25.92 ? 73  SER A CA  1 
ATOM   599  C  C   . SER A 1 73  ? 8.955   17.196  4.452   1.00 26.91 ? 73  SER A C   1 
ATOM   600  O  O   . SER A 1 73  ? 9.773   16.357  4.842   1.00 26.75 ? 73  SER A O   1 
ATOM   601  C  CB  . SER A 1 73  ? 6.961   17.896  5.756   1.00 25.86 ? 73  SER A CB  1 
ATOM   602  O  OG  . SER A 1 73  ? 7.833   17.856  6.871   1.00 24.43 ? 73  SER A OG  1 
ATOM   603  N  N   . LEU A 1 74  ? 9.320   18.344  3.892   1.00 28.72 ? 74  LEU A N   1 
ATOM   604  C  CA  . LEU A 1 74  ? 10.737  18.719  3.846   1.00 30.60 ? 74  LEU A CA  1 
ATOM   605  C  C   . LEU A 1 74  ? 11.395  18.854  5.226   1.00 30.99 ? 74  LEU A C   1 
ATOM   606  O  O   . LEU A 1 74  ? 12.625  18.815  5.339   1.00 31.75 ? 74  LEU A O   1 
ATOM   607  C  CB  . LEU A 1 74  ? 10.970  19.972  2.982   1.00 31.41 ? 74  LEU A CB  1 
ATOM   608  C  CG  . LEU A 1 74  ? 11.406  19.701  1.527   1.00 33.90 ? 74  LEU A CG  1 
ATOM   609  C  CD1 . LEU A 1 74  ? 12.533  18.631  1.447   1.00 36.10 ? 74  LEU A CD1 1 
ATOM   610  C  CD2 . LEU A 1 74  ? 10.223  19.308  0.625   1.00 36.77 ? 74  LEU A CD2 1 
ATOM   611  N  N   . ASP A 1 75  ? 10.587  19.002  6.277   1.00 30.59 ? 75  ASP A N   1 
ATOM   612  C  CA  . ASP A 1 75  ? 11.120  19.002  7.643   1.00 30.09 ? 75  ASP A CA  1 
ATOM   613  C  C   . ASP A 1 75  ? 11.151  17.615  8.292   1.00 29.64 ? 75  ASP A C   1 
ATOM   614  O  O   . ASP A 1 75  ? 11.379  17.482  9.501   1.00 29.69 ? 75  ASP A O   1 
ATOM   615  C  CB  . ASP A 1 75  ? 10.390  20.031  8.505   1.00 29.89 ? 75  ASP A CB  1 
ATOM   616  C  CG  . ASP A 1 75  ? 10.845  21.438  8.207   0.70 30.02 ? 75  ASP A CG  1 
ATOM   617  O  OD1 . ASP A 1 75  ? 12.068  21.685  8.291   0.70 29.31 ? 75  ASP A OD1 1 
ATOM   618  O  OD2 . ASP A 1 75  ? 9.990   22.285  7.864   0.70 30.11 ? 75  ASP A OD2 1 
ATOM   619  N  N   . ASP A 1 76  ? 10.926  16.588  7.474   1.00 29.33 ? 76  ASP A N   1 
ATOM   620  C  CA  . ASP A 1 76  ? 10.988  15.192  7.904   1.00 29.07 ? 76  ASP A CA  1 
ATOM   621  C  C   . ASP A 1 76  ? 9.820   14.780  8.806   1.00 28.40 ? 76  ASP A C   1 
ATOM   622  O  O   . ASP A 1 76  ? 9.911   13.809  9.562   1.00 29.38 ? 76  ASP A O   1 
ATOM   623  C  CB  . ASP A 1 76  ? 12.340  14.884  8.568   1.00 30.05 ? 76  ASP A CB  1 
ATOM   624  C  CG  . ASP A 1 76  ? 12.712  13.412  8.497   0.80 31.49 ? 76  ASP A CG  1 
ATOM   625  O  OD1 . ASP A 1 76  ? 13.282  12.894  9.486   1.00 36.06 ? 76  ASP A OD1 1 
ATOM   626  O  OD2 . ASP A 1 76  ? 12.451  12.780  7.455   0.80 32.65 ? 76  ASP A OD2 1 
ATOM   627  N  N   . ARG A 1 77  ? 8.710   15.506  8.725   1.00 26.79 ? 77  ARG A N   1 
ATOM   628  C  CA  . ARG A 1 77  ? 7.526   15.136  9.509   1.00 25.41 ? 77  ARG A CA  1 
ATOM   629  C  C   . ARG A 1 77  ? 6.518   14.394  8.653   1.00 24.10 ? 77  ARG A C   1 
ATOM   630  O  O   . ARG A 1 77  ? 6.403   14.649  7.455   1.00 22.83 ? 77  ARG A O   1 
ATOM   631  C  CB  . ARG A 1 77  ? 6.906   16.362  10.166  1.00 25.12 ? 77  ARG A CB  1 
ATOM   632  C  CG  . ARG A 1 77  ? 7.856   17.065  11.101  1.00 26.54 ? 77  ARG A CG  1 
ATOM   633  C  CD  . ARG A 1 77  ? 7.363   18.468  11.388  1.00 27.33 ? 77  ARG A CD  1 
ATOM   634  N  NE  . ARG A 1 77  ? 6.198   18.434  12.256  1.00 29.16 ? 77  ARG A NE  1 
ATOM   635  C  CZ  . ARG A 1 77  ? 5.501   19.504  12.624  1.00 31.87 ? 77  ARG A CZ  1 
ATOM   636  N  NH1 . ARG A 1 77  ? 5.830   20.703  12.173  1.00 32.15 ? 77  ARG A NH1 1 
ATOM   637  N  NH2 . ARG A 1 77  ? 4.463   19.365  13.442  1.00 32.68 ? 77  ARG A NH2 1 
ATOM   638  N  N   . VAL A 1 78  ? 5.787   13.464  9.262   1.00 23.36 ? 78  VAL A N   1 
ATOM   639  C  CA  . VAL A 1 78  ? 4.979   12.544  8.474   1.00 22.46 ? 78  VAL A CA  1 
ATOM   640  C  C   . VAL A 1 78  ? 3.659   13.187  8.070   1.00 22.50 ? 78  VAL A C   1 
ATOM   641  O  O   . VAL A 1 78  ? 2.896   13.634  8.918   1.00 22.47 ? 78  VAL A O   1 
ATOM   642  C  CB  . VAL A 1 78  ? 4.738   11.213  9.220   1.00 23.04 ? 78  VAL A CB  1 
ATOM   643  C  CG1 . VAL A 1 78  ? 4.027   10.208  8.316   1.00 22.05 ? 78  VAL A CG1 1 
ATOM   644  C  CG2 . VAL A 1 78  ? 6.075   10.632  9.741   1.00 23.02 ? 78  VAL A CG2 1 
ATOM   645  N  N   . LEU A 1 79  ? 3.409   13.238  6.766   1.00 22.07 ? 79  LEU A N   1 
ATOM   646  C  CA  . LEU A 1 79  ? 2.123   13.655  6.210   1.00 21.98 ? 79  LEU A CA  1 
ATOM   647  C  C   . LEU A 1 79  ? 1.182   12.453  6.074   1.00 22.32 ? 79  LEU A C   1 
ATOM   648  O  O   . LEU A 1 79  ? -0.032  12.566  6.274   1.00 22.70 ? 79  LEU A O   1 
ATOM   649  C  CB  . LEU A 1 79  ? 2.335   14.319  4.831   1.00 22.15 ? 79  LEU A CB  1 
ATOM   650  C  CG  . LEU A 1 79  ? 3.220   15.584  4.812   1.00 22.96 ? 79  LEU A CG  1 
ATOM   651  C  CD1 . LEU A 1 79  ? 3.331   16.209  3.444   1.00 24.37 ? 79  LEU A CD1 1 
ATOM   652  C  CD2 . LEU A 1 79  ? 2.701   16.599  5.790   1.00 24.32 ? 79  LEU A CD2 1 
ATOM   653  N  N   . HIS A 1 80  ? 1.743   11.293  5.737   1.00 21.86 ? 80  HIS A N   1 
ATOM   654  C  CA  . HIS A 1 80  ? 0.926   10.126  5.421   1.00 22.12 ? 80  HIS A CA  1 
ATOM   655  C  C   . HIS A 1 80  ? 1.688   8.888   5.842   1.00 21.69 ? 80  HIS A C   1 
ATOM   656  O  O   . HIS A 1 80  ? 2.825   8.685   5.427   1.00 21.87 ? 80  HIS A O   1 
ATOM   657  C  CB  . HIS A 1 80  ? 0.594   10.107  3.905   1.00 22.27 ? 80  HIS A CB  1 
ATOM   658  C  CG  . HIS A 1 80  ? -0.512  9.165   3.504   1.00 22.83 ? 80  HIS A CG  1 
ATOM   659  N  ND1 . HIS A 1 80  ? -1.364  8.555   4.404   1.00 23.72 ? 80  HIS A ND1 1 
ATOM   660  C  CD2 . HIS A 1 80  ? -0.940  8.783   2.275   1.00 22.34 ? 80  HIS A CD2 1 
ATOM   661  C  CE1 . HIS A 1 80  ? -2.244  7.818   3.749   1.00 20.64 ? 80  HIS A CE1 1 
ATOM   662  N  NE2 . HIS A 1 80  ? -2.012  7.943   2.457   1.00 24.52 ? 80  HIS A NE2 1 
ATOM   663  N  N   . TRP A 1 81  ? 1.053   8.079   6.687   1.00 21.42 ? 81  TRP A N   1 
ATOM   664  C  CA  . TRP A 1 81  ? 1.625   6.838   7.196   1.00 22.15 ? 81  TRP A CA  1 
ATOM   665  C  C   . TRP A 1 81  ? 0.813   5.680   6.622   1.00 21.68 ? 81  TRP A C   1 
ATOM   666  O  O   . TRP A 1 81  ? -0.363  5.540   6.937   1.00 20.98 ? 81  TRP A O   1 
ATOM   667  C  CB  . TRP A 1 81  ? 1.530   6.829   8.736   1.00 22.32 ? 81  TRP A CB  1 
ATOM   668  C  CG  . TRP A 1 81  ? 2.206   5.667   9.426   1.00 23.52 ? 81  TRP A CG  1 
ATOM   669  C  CD1 . TRP A 1 81  ? 1.742   4.382   9.524   1.00 24.66 ? 81  TRP A CD1 1 
ATOM   670  C  CD2 . TRP A 1 81  ? 3.444   5.702   10.162  1.00 24.98 ? 81  TRP A CD2 1 
ATOM   671  N  NE1 . TRP A 1 81  ? 2.624   3.607   10.252  1.00 24.38 ? 81  TRP A NE1 1 
ATOM   672  C  CE2 . TRP A 1 81  ? 3.670   4.395   10.666  1.00 25.67 ? 81  TRP A CE2 1 
ATOM   673  C  CE3 . TRP A 1 81  ? 4.376   6.711   10.456  1.00 25.14 ? 81  TRP A CE3 1 
ATOM   674  C  CZ2 . TRP A 1 81  ? 4.803   4.068   11.420  1.00 23.82 ? 81  TRP A CZ2 1 
ATOM   675  C  CZ3 . TRP A 1 81  ? 5.504   6.381   11.216  1.00 24.74 ? 81  TRP A CZ3 1 
ATOM   676  C  CH2 . TRP A 1 81  ? 5.708   5.067   11.675  1.00 25.27 ? 81  TRP A CH2 1 
ATOM   677  N  N   . ILE A 1 82  ? 1.440   4.843   5.789   1.00 21.78 ? 82  ILE A N   1 
ATOM   678  C  CA  . ILE A 1 82  ? 0.710   3.758   5.136   1.00 21.66 ? 82  ILE A CA  1 
ATOM   679  C  C   . ILE A 1 82  ? 1.194   2.386   5.574   1.00 22.53 ? 82  ILE A C   1 
ATOM   680  O  O   . ILE A 1 82  ? 2.372   2.046   5.410   1.00 22.42 ? 82  ILE A O   1 
ATOM   681  C  CB  . ILE A 1 82  ? 0.816   3.857   3.599   1.00 21.87 ? 82  ILE A CB  1 
ATOM   682  C  CG1 . ILE A 1 82  ? 0.495   5.287   3.145   1.00 21.03 ? 82  ILE A CG1 1 
ATOM   683  C  CG2 . ILE A 1 82  ? -0.119  2.834   2.920   1.00 21.24 ? 82  ILE A CG2 1 
ATOM   684  C  CD1 . ILE A 1 82  ? 0.587   5.550   1.626   1.00 21.61 ? 82  ILE A CD1 1 
ATOM   685  N  N   . GLU A 1 83  ? 0.281   1.575   6.096   1.00 22.39 ? 83  GLU A N   1 
ATOM   686  C  CA  . GLU A 1 83  ? 0.610   0.175   6.380   1.00 23.47 ? 83  GLU A CA  1 
ATOM   687  C  C   . GLU A 1 83  ? -0.084  -0.758  5.399   1.00 23.17 ? 83  GLU A C   1 
ATOM   688  O  O   . GLU A 1 83  ? -1.023  -0.360  4.702   1.00 22.94 ? 83  GLU A O   1 
ATOM   689  C  CB  . GLU A 1 83  ? 0.188   -0.196  7.807   1.00 23.07 ? 83  GLU A CB  1 
ATOM   690  C  CG  . GLU A 1 83  ? 0.914   0.585   8.906   1.00 26.73 ? 83  GLU A CG  1 
ATOM   691  C  CD  . GLU A 1 83  ? 2.411   0.231   9.059   1.00 29.95 ? 83  GLU A CD  1 
ATOM   692  O  OE1 . GLU A 1 83  ? 3.017   -0.470  8.194   1.00 32.82 ? 83  GLU A OE1 1 
ATOM   693  O  OE2 . GLU A 1 83  ? 2.992   0.682   10.058  1.00 28.27 ? 83  GLU A OE2 1 
ATOM   694  N  N   . VAL A 1 84  ? 0.384   -2.001  5.354   1.00 22.76 ? 84  VAL A N   1 
ATOM   695  C  CA  . VAL A 1 84  ? -0.277  -3.050  4.576   1.00 23.93 ? 84  VAL A CA  1 
ATOM   696  C  C   . VAL A 1 84  ? -0.437  -4.290  5.463   1.00 24.10 ? 84  VAL A C   1 
ATOM   697  O  O   . VAL A 1 84  ? 0.343   -4.494  6.396   1.00 24.76 ? 84  VAL A O   1 
ATOM   698  C  CB  . VAL A 1 84  ? 0.462   -3.392  3.237   1.00 24.02 ? 84  VAL A CB  1 
ATOM   699  C  CG1 . VAL A 1 84  ? 0.694   -2.113  2.386   1.00 23.78 ? 84  VAL A CG1 1 
ATOM   700  C  CG2 . VAL A 1 84  ? 1.773   -4.102  3.497   1.00 24.35 ? 84  VAL A CG2 1 
ATOM   701  N  N   . GLY A 1 85  ? -1.439  -5.103  5.176   1.00 23.88 ? 85  GLY A N   1 
ATOM   702  C  CA  . GLY A 1 85  ? -1.617  -6.362  5.911   1.00 24.42 ? 85  GLY A CA  1 
ATOM   703  C  C   . GLY A 1 85  ? -2.604  -6.219  7.056   1.00 25.04 ? 85  GLY A C   1 
ATOM   704  O  O   . GLY A 1 85  ? -3.660  -5.601  6.895   1.00 25.63 ? 85  GLY A O   1 
ATOM   705  N  N   . GLN A 1 86  ? -2.244  -6.756  8.222   1.00 24.82 ? 86  GLN A N   1 
ATOM   706  C  CA  . GLN A 1 86  ? -3.168  -6.837  9.347   1.00 24.69 ? 86  GLN A CA  1 
ATOM   707  C  C   . GLN A 1 86  ? -2.533  -6.323  10.648  1.00 24.87 ? 86  GLN A C   1 
ATOM   708  O  O   . GLN A 1 86  ? -2.404  -7.084  11.611  1.00 24.97 ? 86  GLN A O   1 
ATOM   709  C  CB  . GLN A 1 86  ? -3.666  -8.286  9.504   1.00 24.76 ? 86  GLN A CB  1 
ATOM   710  C  CG  . GLN A 1 86  ? -4.501  -8.770  8.303   1.00 24.48 ? 86  GLN A CG  1 
ATOM   711  C  CD  . GLN A 1 86  ? -5.005  -10.192 8.434   1.00 25.17 ? 86  GLN A CD  1 
ATOM   712  O  OE1 . GLN A 1 86  ? -5.075  -10.752 9.531   1.00 22.25 ? 86  GLN A OE1 1 
ATOM   713  N  NE2 . GLN A 1 86  ? -5.354  -10.792 7.301   1.00 23.38 ? 86  GLN A NE2 1 
ATOM   714  N  N   . PRO A 1 87  ? -2.146  -5.028  10.692  1.00 24.66 ? 87  PRO A N   1 
ATOM   715  C  CA  . PRO A 1 87  ? -1.610  -4.490  11.957  1.00 24.80 ? 87  PRO A CA  1 
ATOM   716  C  C   . PRO A 1 87  ? -2.715  -4.456  13.010  1.00 24.57 ? 87  PRO A C   1 
ATOM   717  O  O   . PRO A 1 87  ? -3.894  -4.357  12.650  1.00 24.28 ? 87  PRO A O   1 
ATOM   718  C  CB  . PRO A 1 87  ? -1.186  -3.066  11.590  1.00 24.20 ? 87  PRO A CB  1 
ATOM   719  C  CG  . PRO A 1 87  ? -2.039  -2.704  10.401  1.00 25.63 ? 87  PRO A CG  1 
ATOM   720  C  CD  . PRO A 1 87  ? -2.227  -3.993  9.636   1.00 24.51 ? 87  PRO A CD  1 
ATOM   721  N  N   . ASP A 1 88  ? -2.360  -4.565  14.287  1.00 24.39 ? 88  ASP A N   1 
ATOM   722  C  CA  . ASP A 1 88  ? -3.374  -4.519  15.345  1.00 24.74 ? 88  ASP A CA  1 
ATOM   723  C  C   . ASP A 1 88  ? -3.794  -3.081  15.688  1.00 24.11 ? 88  ASP A C   1 
ATOM   724  O  O   . ASP A 1 88  ? -3.185  -2.117  15.220  1.00 23.37 ? 88  ASP A O   1 
ATOM   725  C  CB  . ASP A 1 88  ? -2.966  -5.358  16.588  1.00 25.37 ? 88  ASP A CB  1 
ATOM   726  C  CG  . ASP A 1 88  ? -1.747  -4.804  17.345  1.00 27.84 ? 88  ASP A CG  1 
ATOM   727  O  OD1 . ASP A 1 88  ? -1.496  -3.574  17.334  1.00 30.15 ? 88  ASP A OD1 1 
ATOM   728  O  OD2 . ASP A 1 88  ? -1.051  -5.621  18.006  0.80 30.60 ? 88  ASP A OD2 1 
ATOM   729  N  N   . ALA A 1 89  ? -4.841  -2.946  16.504  1.00 23.63 ? 89  ALA A N   1 
ATOM   730  C  CA  . ALA A 1 89  ? -5.381  -1.640  16.853  1.00 23.24 ? 89  ALA A CA  1 
ATOM   731  C  C   . ALA A 1 89  ? -4.396  -0.795  17.658  1.00 23.34 ? 89  ALA A C   1 
ATOM   732  O  O   . ALA A 1 89  ? -4.433  0.418   17.575  1.00 24.13 ? 89  ALA A O   1 
ATOM   733  C  CB  . ALA A 1 89  ? -6.700  -1.799  17.632  1.00 23.38 ? 89  ALA A CB  1 
ATOM   734  N  N   . ASP A 1 90  ? -3.560  -1.429  18.478  1.00 23.27 ? 90  ASP A N   1 
ATOM   735  C  CA  . ASP A 1 90  ? -2.541  -0.691  19.233  1.00 23.54 ? 90  ASP A CA  1 
ATOM   736  C  C   . ASP A 1 90  ? -1.566  0.010   18.274  1.00 23.88 ? 90  ASP A C   1 
ATOM   737  O  O   . ASP A 1 90  ? -1.270  1.193   18.434  1.00 24.19 ? 90  ASP A O   1 
ATOM   738  C  CB  . ASP A 1 90  ? -1.798  -1.606  20.217  1.00 23.28 ? 90  ASP A CB  1 
ATOM   739  C  CG  . ASP A 1 90  ? -2.676  -2.049  21.390  1.00 23.44 ? 90  ASP A CG  1 
ATOM   740  O  OD1 . ASP A 1 90  ? -3.175  -1.180  22.122  1.00 21.59 ? 90  ASP A OD1 1 
ATOM   741  O  OD2 . ASP A 1 90  ? -2.836  -3.271  21.596  1.00 24.89 ? 90  ASP A OD2 1 
ATOM   742  N  N   . ARG A 1 91  ? -1.115  -0.705  17.252  1.00 25.23 ? 91  ARG A N   1 
ATOM   743  C  CA  . ARG A 1 91  ? -0.136  -0.156  16.297  1.00 25.76 ? 91  ARG A CA  1 
ATOM   744  C  C   . ARG A 1 91  ? -0.749  0.994   15.510  1.00 25.88 ? 91  ARG A C   1 
ATOM   745  O  O   . ARG A 1 91  ? -0.130  2.054   15.350  1.00 26.44 ? 91  ARG A O   1 
ATOM   746  C  CB  . ARG A 1 91  ? 0.388   -1.235  15.330  1.00 25.96 ? 91  ARG A CB  1 
ATOM   747  C  CG  . ARG A 1 91  ? 1.425   -0.655  14.341  1.00 28.21 ? 91  ARG A CG  1 
ATOM   748  C  CD  . ARG A 1 91  ? 2.196   -1.679  13.510  1.00 32.41 ? 91  ARG A CD  1 
ATOM   749  N  NE  . ARG A 1 91  ? 3.076   -0.978  12.556  1.00 32.68 ? 91  ARG A NE  1 
ATOM   750  C  CZ  . ARG A 1 91  ? 4.303   -0.535  12.826  1.00 33.86 ? 91  ARG A CZ  1 
ATOM   751  N  NH1 . ARG A 1 91  ? 4.850   -0.727  14.027  1.00 32.59 ? 91  ARG A NH1 1 
ATOM   752  N  NH2 . ARG A 1 91  ? 5.003   0.089   11.875  1.00 32.36 ? 91  ARG A NH2 1 
ATOM   753  N  N   . LEU A 1 92  ? -1.977  0.795   15.042  1.00 26.10 ? 92  LEU A N   1 
ATOM   754  C  CA  . LEU A 1 92  ? -2.715  1.864   14.364  1.00 26.22 ? 92  LEU A CA  1 
ATOM   755  C  C   . LEU A 1 92  ? -2.904  3.072   15.263  1.00 26.62 ? 92  LEU A C   1 
ATOM   756  O  O   . LEU A 1 92  ? -2.770  4.201   14.800  1.00 26.51 ? 92  LEU A O   1 
ATOM   757  C  CB  . LEU A 1 92  ? -4.074  1.363   13.859  1.00 26.07 ? 92  LEU A CB  1 
ATOM   758  C  CG  . LEU A 1 92  ? -3.951  0.391   12.679  1.00 27.02 ? 92  LEU A CG  1 
ATOM   759  C  CD1 . LEU A 1 92  ? -5.306  -0.190  12.333  1.00 28.37 ? 92  LEU A CD1 1 
ATOM   760  C  CD2 . LEU A 1 92  ? -3.323  1.049   11.437  1.00 26.75 ? 92  LEU A CD2 1 
ATOM   761  N  N   . THR A 1 93  ? -3.200  2.843   16.546  1.00 26.40 ? 93  THR A N   1 
ATOM   762  C  CA  . THR A 1 93  ? -3.385  3.954   17.481  1.00 27.86 ? 93  THR A CA  1 
ATOM   763  C  C   . THR A 1 93  ? -2.113  4.783   17.609  1.00 28.08 ? 93  THR A C   1 
ATOM   764  O  O   . THR A 1 93  ? -2.148  6.014   17.453  1.00 29.51 ? 93  THR A O   1 
ATOM   765  C  CB  . THR A 1 93  ? -3.835  3.477   18.883  1.00 27.72 ? 93  THR A CB  1 
ATOM   766  O  OG1 . THR A 1 93  ? -5.066  2.765   18.754  1.00 28.53 ? 93  THR A OG1 1 
ATOM   767  C  CG2 . THR A 1 93  ? -4.015  4.665   19.846  1.00 28.21 ? 93  THR A CG2 1 
ATOM   768  N  N   . TRP A 1 94  ? -1.000  4.111   17.878  1.00 28.01 ? 94  TRP A N   1 
ATOM   769  C  CA  . TRP A 1 94  ? 0.251   4.807   18.111  1.00 28.59 ? 94  TRP A CA  1 
ATOM   770  C  C   . TRP A 1 94  ? 0.885   5.426   16.871  1.00 29.34 ? 94  TRP A C   1 
ATOM   771  O  O   . TRP A 1 94  ? 1.423   6.531   16.945  1.00 28.92 ? 94  TRP A O   1 
ATOM   772  C  CB  . TRP A 1 94  ? 1.241   3.916   18.855  1.00 27.98 ? 94  TRP A CB  1 
ATOM   773  C  CG  . TRP A 1 94  ? 0.836   3.753   20.311  1.00 27.03 ? 94  TRP A CG  1 
ATOM   774  C  CD1 . TRP A 1 94  ? 0.327   4.721   21.142  1.00 26.27 ? 94  TRP A CD1 1 
ATOM   775  C  CD2 . TRP A 1 94  ? 0.921   2.559   21.089  1.00 25.97 ? 94  TRP A CD2 1 
ATOM   776  N  NE1 . TRP A 1 94  ? 0.094   4.189   22.408  0.90 27.78 ? 94  TRP A NE1 1 
ATOM   777  C  CE2 . TRP A 1 94  ? 0.435   2.863   22.391  1.00 25.29 ? 94  TRP A CE2 1 
ATOM   778  C  CE3 . TRP A 1 94  ? 1.328   1.249   20.808  1.00 26.10 ? 94  TRP A CE3 1 
ATOM   779  C  CZ2 . TRP A 1 94  ? 0.372   1.909   23.403  1.00 27.24 ? 94  TRP A CZ2 1 
ATOM   780  C  CZ3 . TRP A 1 94  ? 1.260   0.310   21.823  1.00 24.59 ? 94  TRP A CZ3 1 
ATOM   781  C  CH2 . TRP A 1 94  ? 0.783   0.641   23.091  1.00 26.06 ? 94  TRP A CH2 1 
ATOM   782  N  N   . CYS A 1 95  ? 0.819   4.723   15.748  1.00 30.11 ? 95  CYS A N   1 
ATOM   783  C  CA  . CYS A 1 95  ? 1.305   5.291   14.496  1.00 32.37 ? 95  CYS A CA  1 
ATOM   784  C  C   . CYS A 1 95  ? 0.495   6.515   14.090  1.00 31.78 ? 95  CYS A C   1 
ATOM   785  O  O   . CYS A 1 95  ? 1.074   7.518   13.686  1.00 32.99 ? 95  CYS A O   1 
ATOM   786  C  CB  . CYS A 1 95  ? 1.342   4.246   13.378  1.00 31.94 ? 95  CYS A CB  1 
ATOM   787  S  SG  . CYS A 1 95  ? 2.576   2.927   13.677  1.00 38.71 ? 95  CYS A SG  1 
ATOM   788  N  N   . SER A 1 96  ? -0.831  6.452   14.237  1.00 32.02 ? 96  SER A N   1 
ATOM   789  C  CA  . SER A 1 96  ? -1.727  7.542   13.820  1.00 31.90 ? 96  SER A CA  1 
ATOM   790  C  C   . SER A 1 96  ? -1.438  8.851   14.522  1.00 32.68 ? 96  SER A C   1 
ATOM   791  O  O   . SER A 1 96  ? -1.725  9.925   13.981  1.00 33.05 ? 96  SER A O   1 
ATOM   792  C  CB  . SER A 1 96  ? -3.198  7.174   14.016  1.00 31.54 ? 96  SER A CB  1 
ATOM   793  O  OG  . SER A 1 96  ? -3.523  7.113   15.392  1.00 31.18 ? 96  SER A OG  1 
ATOM   794  N  N   . ARG A 1 97  ? -0.880  8.753   15.727  1.00 33.11 ? 97  ARG A N   1 
ATOM   795  C  CA  . ARG A 1 97  ? -0.441  9.907   16.487  1.00 33.77 ? 97  ARG A CA  1 
ATOM   796  C  C   . ARG A 1 97  ? 0.788   10.576  15.865  1.00 33.89 ? 97  ARG A C   1 
ATOM   797  O  O   . ARG A 1 97  ? 1.048   11.744  16.139  1.00 34.75 ? 97  ARG A O   1 
ATOM   798  C  CB  . ARG A 1 97  ? -0.149  9.502   17.943  1.00 34.07 ? 97  ARG A CB  1 
ATOM   799  C  CG  . ARG A 1 97  ? -1.386  8.997   18.660  1.00 34.61 ? 97  ARG A CG  1 
ATOM   800  C  CD  . ARG A 1 97  ? -1.123  8.628   20.109  1.00 35.91 ? 97  ARG A CD  1 
ATOM   801  N  NE  . ARG A 1 97  ? -2.353  8.118   20.712  1.00 36.23 ? 97  ARG A NE  1 
ATOM   802  C  CZ  . ARG A 1 97  ? -2.433  7.522   21.900  1.00 36.40 ? 97  ARG A CZ  1 
ATOM   803  N  NH1 . ARG A 1 97  ? -1.344  7.351   22.649  1.00 35.09 ? 97  ARG A NH1 1 
ATOM   804  N  NH2 . ARG A 1 97  ? -3.614  7.100   22.337  1.00 35.31 ? 97  ARG A NH2 1 
ATOM   805  N  N   . ARG A 1 98  ? 1.533   9.828   15.051  1.00 34.02 ? 98  ARG A N   1 
ATOM   806  C  CA  . ARG A 1 98  ? 2.778   10.302  14.424  1.00 33.85 ? 98  ARG A CA  1 
ATOM   807  C  C   . ARG A 1 98  ? 2.558   11.043  13.086  1.00 33.09 ? 98  ARG A C   1 
ATOM   808  O  O   . ARG A 1 98  ? 3.502   11.636  12.556  1.00 33.32 ? 98  ARG A O   1 
ATOM   809  C  CB  . ARG A 1 98  ? 3.762   9.133   14.219  1.00 34.04 ? 98  ARG A CB  1 
ATOM   810  C  CG  . ARG A 1 98  ? 4.560   8.714   15.458  1.00 37.19 ? 98  ARG A CG  1 
ATOM   811  C  CD  . ARG A 1 98  ? 5.527   7.540   15.191  1.00 39.41 ? 98  ARG A CD  1 
ATOM   812  N  NE  . ARG A 1 98  ? 6.751   7.944   14.479  1.00 41.43 ? 98  ARG A NE  1 
ATOM   813  C  CZ  . ARG A 1 98  ? 7.717   7.108   14.080  0.85 41.85 ? 98  ARG A CZ  1 
ATOM   814  N  NH1 . ARG A 1 98  ? 8.775   7.579   13.432  1.00 42.55 ? 98  ARG A NH1 1 
ATOM   815  N  NH2 . ARG A 1 98  ? 7.641   5.802   14.324  1.00 41.97 ? 98  ARG A NH2 1 
ATOM   816  N  N   . THR A 1 99  ? 1.319   11.056  12.583  1.00 31.94 ? 99  THR A N   1 
ATOM   817  C  CA  . THR A 1 99  ? 1.007   11.491  11.199  1.00 30.88 ? 99  THR A CA  1 
ATOM   818  C  C   . THR A 1 99  ? -0.317  12.268  11.132  1.00 30.58 ? 99  THR A C   1 
ATOM   819  O  O   . THR A 1 99  ? -1.152  12.165  12.036  1.00 30.53 ? 99  THR A O   1 
ATOM   820  C  CB  . THR A 1 99  ? 0.910   10.237  10.277  1.00 30.70 ? 99  THR A CB  1 
ATOM   821  O  OG1 . THR A 1 99  ? 0.745   10.610  8.900   1.00 30.31 ? 99  THR A OG1 1 
ATOM   822  C  CG2 . THR A 1 99  ? -0.242  9.331   10.709  1.00 29.31 ? 99  THR A CG2 1 
ATOM   823  N  N   . GLU A 1 100 ? -0.520  13.028  10.060  1.00 29.70 ? 100 GLU A N   1 
ATOM   824  C  CA  . GLU A 1 100 ? -1.803  13.698  9.821   1.00 29.47 ? 100 GLU A CA  1 
ATOM   825  C  C   . GLU A 1 100 ? -2.826  12.736  9.185   1.00 28.50 ? 100 GLU A C   1 
ATOM   826  O  O   . GLU A 1 100 ? -4.048  12.900  9.315   1.00 28.68 ? 100 GLU A O   1 
ATOM   827  C  CB  . GLU A 1 100 ? -1.595  14.910  8.903   1.00 30.65 ? 100 GLU A CB  1 
ATOM   828  C  CG  . GLU A 1 100 ? -2.871  15.733  8.644   1.00 33.92 ? 100 GLU A CG  1 
ATOM   829  C  CD  . GLU A 1 100 ? -2.607  17.229  8.564   1.00 38.68 ? 100 GLU A CD  1 
ATOM   830  O  OE1 . GLU A 1 100 ? -3.041  17.962  9.493   1.00 39.55 ? 100 GLU A OE1 1 
ATOM   831  O  OE2 . GLU A 1 100 ? -1.962  17.661  7.580   1.00 40.51 ? 100 GLU A OE2 1 
ATOM   832  N  N   . ARG A 1 101 ? -2.314  11.747  8.473   1.00 26.47 ? 101 ARG A N   1 
ATOM   833  C  CA  . ARG A 1 101 ? -3.170  10.789  7.775   1.00 25.33 ? 101 ARG A CA  1 
ATOM   834  C  C   . ARG A 1 101 ? -2.574  9.417   7.923   1.00 23.97 ? 101 ARG A C   1 
ATOM   835  O  O   . ARG A 1 101 ? -1.381  9.232   7.718   1.00 23.39 ? 101 ARG A O   1 
ATOM   836  C  CB  . ARG A 1 101 ? -3.301  11.145  6.291   1.00 25.65 ? 101 ARG A CB  1 
ATOM   837  C  CG  . ARG A 1 101 ? -4.205  10.184  5.530   1.00 27.19 ? 101 ARG A CG  1 
ATOM   838  C  CD  . ARG A 1 101 ? -4.425  10.623  4.095   1.00 30.40 ? 101 ARG A CD  1 
ATOM   839  N  NE  . ARG A 1 101 ? -5.634  9.971   3.607   1.00 36.18 ? 101 ARG A NE  1 
ATOM   840  C  CZ  . ARG A 1 101 ? -6.850  10.513  3.681   1.00 37.06 ? 101 ARG A CZ  1 
ATOM   841  N  NH1 . ARG A 1 101 ? -7.883  9.833   3.236   1.00 37.69 ? 101 ARG A NH1 1 
ATOM   842  N  NH2 . ARG A 1 101 ? -7.034  11.738  4.188   1.00 38.01 ? 101 ARG A NH2 1 
ATOM   843  N  N   . THR A 1 102 ? -3.409  8.459   8.298   1.00 22.75 ? 102 THR A N   1 
ATOM   844  C  CA  . THR A 1 102 ? -2.988  7.073   8.373   1.00 22.92 ? 102 THR A CA  1 
ATOM   845  C  C   . THR A 1 102 ? -3.832  6.267   7.403   1.00 22.74 ? 102 THR A C   1 
ATOM   846  O  O   . THR A 1 102 ? -5.061  6.399   7.395   1.00 21.71 ? 102 THR A O   1 
ATOM   847  C  CB  . THR A 1 102 ? -3.214  6.514   9.786   1.00 22.46 ? 102 THR A CB  1 
ATOM   848  O  OG1 . THR A 1 102 ? -2.530  7.330   10.720  1.00 24.50 ? 102 THR A OG1 1 
ATOM   849  C  CG2 . THR A 1 102 ? -2.682  5.085   9.929   1.00 24.55 ? 102 THR A CG2 1 
ATOM   850  N  N   . SER A 1 103 ? -3.186  5.423   6.597   1.00 22.54 ? 103 SER A N   1 
ATOM   851  C  CA  . SER A 1 103 ? -3.939  4.540   5.722   1.00 23.03 ? 103 SER A CA  1 
ATOM   852  C  C   . SER A 1 103 ? -3.474  3.115   5.889   1.00 22.92 ? 103 SER A C   1 
ATOM   853  O  O   . SER A 1 103 ? -2.316  2.861   6.172   1.00 22.92 ? 103 SER A O   1 
ATOM   854  C  CB  . SER A 1 103 ? -3.848  4.952   4.236   1.00 22.55 ? 103 SER A CB  1 
ATOM   855  O  OG  . SER A 1 103 ? -4.407  6.249   4.065   1.00 25.42 ? 103 SER A OG  1 
ATOM   856  N  N   . LEU A 1 104 ? -4.387  2.186   5.673   1.00 22.76 ? 104 LEU A N   1 
ATOM   857  C  CA  . LEU A 1 104 ? -4.012  0.781   5.664   1.00 22.23 ? 104 LEU A CA  1 
ATOM   858  C  C   . LEU A 1 104 ? -4.652  0.118   4.461   1.00 22.77 ? 104 LEU A C   1 
ATOM   859  O  O   . LEU A 1 104 ? -5.881  0.220   4.270   1.00 21.77 ? 104 LEU A O   1 
ATOM   860  C  CB  . LEU A 1 104 ? -4.471  0.098   6.953   1.00 21.72 ? 104 LEU A CB  1 
ATOM   861  C  CG  . LEU A 1 104 ? -4.482  -1.439  6.949   1.00 20.56 ? 104 LEU A CG  1 
ATOM   862  C  CD1 . LEU A 1 104 ? -3.044  -2.016  6.823   1.00 18.63 ? 104 LEU A CD1 1 
ATOM   863  C  CD2 . LEU A 1 104 ? -5.165  -1.960  8.207   1.00 21.54 ? 104 LEU A CD2 1 
ATOM   864  N  N   . LEU A 1 105 ? -3.829  -0.568  3.652   1.00 22.85 ? 105 LEU A N   1 
ATOM   865  C  CA  . LEU A 1 105 ? -4.352  -1.510  2.671   1.00 23.62 ? 105 LEU A CA  1 
ATOM   866  C  C   . LEU A 1 105 ? -4.261  -2.914  3.246   1.00 24.33 ? 105 LEU A C   1 
ATOM   867  O  O   . LEU A 1 105 ? -3.179  -3.532  3.250   1.00 23.20 ? 105 LEU A O   1 
ATOM   868  C  CB  . LEU A 1 105 ? -3.577  -1.464  1.338   1.00 23.95 ? 105 LEU A CB  1 
ATOM   869  C  CG  . LEU A 1 105 ? -3.863  -0.356  0.346   1.00 26.22 ? 105 LEU A CG  1 
ATOM   870  C  CD1 . LEU A 1 105 ? -3.191  -0.670  -0.983  1.00 23.38 ? 105 LEU A CD1 1 
ATOM   871  C  CD2 . LEU A 1 105 ? -5.398  -0.200  0.157   1.00 24.92 ? 105 LEU A CD2 1 
ATOM   872  N  N   . ALA A 1 106 ? -5.392  -3.413  3.726   1.00 23.84 ? 106 ALA A N   1 
ATOM   873  C  CA  . ALA A 1 106 ? -5.453  -4.699  4.382   1.00 24.60 ? 106 ALA A CA  1 
ATOM   874  C  C   . ALA A 1 106 ? -5.581  -5.798  3.322   1.00 25.09 ? 106 ALA A C   1 
ATOM   875  O  O   . ALA A 1 106 ? -6.082  -5.538  2.229   1.00 25.27 ? 106 ALA A O   1 
ATOM   876  C  CB  . ALA A 1 106 ? -6.644  -4.723  5.340   1.00 24.30 ? 106 ALA A CB  1 
ATOM   877  N  N   . TYR A 1 107 ? -5.089  -6.998  3.618   1.00 24.96 ? 107 TYR A N   1 
ATOM   878  C  CA  . TYR A 1 107 ? -5.288  -8.142  2.720   1.00 25.34 ? 107 TYR A CA  1 
ATOM   879  C  C   . TYR A 1 107 ? -5.268  -9.416  3.531   1.00 26.18 ? 107 TYR A C   1 
ATOM   880  O  O   . TYR A 1 107 ? -4.934  -9.394  4.723   1.00 25.29 ? 107 TYR A O   1 
ATOM   881  C  CB  . TYR A 1 107 ? -4.250  -8.165  1.575   1.00 25.54 ? 107 TYR A CB  1 
ATOM   882  C  CG  . TYR A 1 107 ? -2.862  -8.586  2.012   1.00 24.42 ? 107 TYR A CG  1 
ATOM   883  C  CD1 . TYR A 1 107 ? -2.443  -9.929  1.877   1.00 24.49 ? 107 TYR A CD1 1 
ATOM   884  C  CD2 . TYR A 1 107 ? -1.969  -7.658  2.529   1.00 23.47 ? 107 TYR A CD2 1 
ATOM   885  C  CE1 . TYR A 1 107 ? -1.179  -10.328 2.282   1.00 24.56 ? 107 TYR A CE1 1 
ATOM   886  C  CE2 . TYR A 1 107 ? -0.678  -8.047  2.959   1.00 23.79 ? 107 TYR A CE2 1 
ATOM   887  C  CZ  . TYR A 1 107 ? -0.298  -9.384  2.822   1.00 24.07 ? 107 TYR A CZ  1 
ATOM   888  O  OH  . TYR A 1 107 ? 0.952   -9.788  3.242   1.00 25.11 ? 107 TYR A OH  1 
ATOM   889  N  N   . GLY A 1 108 ? -5.632  -10.525 2.884   1.00 26.87 ? 108 GLY A N   1 
ATOM   890  C  CA  . GLY A 1 108 ? -5.832  -11.785 3.575   1.00 28.06 ? 108 GLY A CA  1 
ATOM   891  C  C   . GLY A 1 108 ? -7.270  -11.871 4.048   1.00 29.32 ? 108 GLY A C   1 
ATOM   892  O  O   . GLY A 1 108 ? -8.070  -10.951 3.818   1.00 29.82 ? 108 GLY A O   1 
ATOM   893  N  N   . SER A 1 109 ? -7.580  -12.977 4.716   1.00 29.53 ? 109 SER A N   1 
ATOM   894  C  CA  . SER A 1 109 ? -8.863  -13.211 5.352   1.00 30.21 ? 109 SER A CA  1 
ATOM   895  C  C   . SER A 1 109 ? -9.029  -12.261 6.543   1.00 29.34 ? 109 SER A C   1 
ATOM   896  O  O   . SER A 1 109 ? -8.238  -12.291 7.488   1.00 29.29 ? 109 SER A O   1 
ATOM   897  C  CB  . SER A 1 109 ? -8.932  -14.670 5.815   1.00 30.54 ? 109 SER A CB  1 
ATOM   898  O  OG  . SER A 1 109 ? -9.948  -14.861 6.787   0.70 33.34 ? 109 SER A OG  1 
ATOM   899  N  N   . LEU A 1 110 ? -10.048 -11.412 6.476   1.00 28.75 ? 110 LEU A N   1 
ATOM   900  C  CA  . LEU A 1 110 ? -10.208 -10.329 7.455   1.00 28.24 ? 110 LEU A CA  1 
ATOM   901  C  C   . LEU A 1 110 ? -11.279 -10.549 8.516   1.00 27.62 ? 110 LEU A C   1 
ATOM   902  O  O   . LEU A 1 110 ? -11.457 -9.712  9.390   1.00 25.85 ? 110 LEU A O   1 
ATOM   903  C  CB  . LEU A 1 110 ? -10.441 -9.000  6.725   1.00 28.46 ? 110 LEU A CB  1 
ATOM   904  C  CG  . LEU A 1 110 ? -9.272  -8.371  5.959   1.00 29.29 ? 110 LEU A CG  1 
ATOM   905  C  CD1 . LEU A 1 110 ? -9.665  -6.925  5.670   1.00 30.81 ? 110 LEU A CD1 1 
ATOM   906  C  CD2 . LEU A 1 110 ? -7.936  -8.420  6.729   1.00 25.72 ? 110 LEU A CD2 1 
ATOM   907  N  N   . ARG A 1 111 ? -11.981 -11.678 8.475   1.00 27.58 ? 111 ARG A N   1 
ATOM   908  C  CA  . ARG A 1 111 ? -13.119 -11.850 9.384   1.00 29.13 ? 111 ARG A CA  1 
ATOM   909  C  C   . ARG A 1 111 ? -12.786 -11.708 10.883  1.00 28.88 ? 111 ARG A C   1 
ATOM   910  O  O   . ARG A 1 111 ? -13.436 -10.932 11.605  1.00 28.90 ? 111 ARG A O   1 
ATOM   911  C  CB  . ARG A 1 111 ? -13.925 -13.124 9.056   1.00 30.16 ? 111 ARG A CB  1 
ATOM   912  C  CG  . ARG A 1 111 ? -15.384 -12.832 8.633   1.00 34.93 ? 111 ARG A CG  1 
ATOM   913  C  CD  . ARG A 1 111 ? -15.534 -12.270 7.200   1.00 39.17 ? 111 ARG A CD  1 
ATOM   914  N  NE  . ARG A 1 111 ? -15.170 -10.855 7.071   0.70 40.44 ? 111 ARG A NE  1 
ATOM   915  C  CZ  . ARG A 1 111 ? -14.740 -10.296 5.940   1.00 41.89 ? 111 ARG A CZ  1 
ATOM   916  N  NH1 . ARG A 1 111 ? -14.619 -11.038 4.846   1.00 43.88 ? 111 ARG A NH1 1 
ATOM   917  N  NH2 . ARG A 1 111 ? -14.432 -9.003  5.889   1.00 42.23 ? 111 ARG A NH2 1 
ATOM   918  N  N   . VAL A 1 112 ? -11.741 -12.389 11.343  1.00 27.38 ? 112 VAL A N   1 
ATOM   919  C  CA  . VAL A 1 112 ? -11.346 -12.289 12.741  1.00 26.52 ? 112 VAL A CA  1 
ATOM   920  C  C   . VAL A 1 112 ? -10.715 -10.910 13.041  1.00 25.61 ? 112 VAL A C   1 
ATOM   921  O  O   . VAL A 1 112 ? -11.067 -10.251 14.017  1.00 24.96 ? 112 VAL A O   1 
ATOM   922  C  CB  . VAL A 1 112 ? -10.404 -13.461 13.148  1.00 26.42 ? 112 VAL A CB  1 
ATOM   923  C  CG1 . VAL A 1 112 ? -9.835  -13.243 14.551  1.00 28.00 ? 112 VAL A CG1 1 
ATOM   924  C  CG2 . VAL A 1 112 ? -11.150 -14.791 13.085  1.00 27.06 ? 112 VAL A CG2 1 
ATOM   925  N  N   . TRP A 1 113 ? -9.810  -10.480 12.174  1.00 24.69 ? 113 TRP A N   1 
ATOM   926  C  CA  . TRP A 1 113 ? -9.126  -9.184  12.304  1.00 24.68 ? 113 TRP A CA  1 
ATOM   927  C  C   . TRP A 1 113 ? -10.085 -7.984  12.389  1.00 24.30 ? 113 TRP A C   1 
ATOM   928  O  O   . TRP A 1 113 ? -9.979  -7.165  13.310  1.00 23.53 ? 113 TRP A O   1 
ATOM   929  C  CB  . TRP A 1 113 ? -8.161  -9.008  11.121  1.00 25.21 ? 113 TRP A CB  1 
ATOM   930  C  CG  . TRP A 1 113 ? -7.412  -7.713  11.138  1.00 25.34 ? 113 TRP A CG  1 
ATOM   931  C  CD1 . TRP A 1 113 ? -6.234  -7.457  11.776  1.00 25.78 ? 113 TRP A CD1 1 
ATOM   932  C  CD2 . TRP A 1 113 ? -7.802  -6.493  10.499  1.00 24.95 ? 113 TRP A CD2 1 
ATOM   933  N  NE1 . TRP A 1 113 ? -5.853  -6.156  11.557  1.00 23.69 ? 113 TRP A NE1 1 
ATOM   934  C  CE2 . TRP A 1 113 ? -6.803  -5.538  10.787  1.00 24.56 ? 113 TRP A CE2 1 
ATOM   935  C  CE3 . TRP A 1 113 ? -8.901  -6.112  9.712   1.00 25.40 ? 113 TRP A CE3 1 
ATOM   936  C  CZ2 . TRP A 1 113 ? -6.869  -4.227  10.321  1.00 25.01 ? 113 TRP A CZ2 1 
ATOM   937  C  CZ3 . TRP A 1 113 ? -8.960  -4.808  9.231   1.00 26.53 ? 113 TRP A CZ3 1 
ATOM   938  C  CH2 . TRP A 1 113 ? -7.944  -3.883  9.537   1.00 26.66 ? 113 TRP A CH2 1 
ATOM   939  N  N   . GLU A 1 114 ? -11.019 -7.878  11.442  1.00 24.37 ? 114 GLU A N   1 
ATOM   940  C  CA  . GLU A 1 114 ? -11.932 -6.712  11.399  1.00 24.85 ? 114 GLU A CA  1 
ATOM   941  C  C   . GLU A 1 114 ? -12.745 -6.608  12.697  1.00 24.74 ? 114 GLU A C   1 
ATOM   942  O  O   . GLU A 1 114 ? -12.981 -5.519  13.214  1.00 24.53 ? 114 GLU A O   1 
ATOM   943  C  CB  . GLU A 1 114 ? -12.838 -6.772  10.168  1.00 24.94 ? 114 GLU A CB  1 
ATOM   944  C  CG  . GLU A 1 114 ? -13.921 -7.848  10.246  1.00 28.96 ? 114 GLU A CG  1 
ATOM   945  C  CD  . GLU A 1 114 ? -14.547 -8.202  8.911   1.00 33.76 ? 114 GLU A CD  1 
ATOM   946  O  OE1 . GLU A 1 114 ? -14.206 -7.585  7.862   1.00 34.82 ? 114 GLU A OE1 1 
ATOM   947  O  OE2 . GLU A 1 114 ? -15.393 -9.120  8.923   1.00 38.41 ? 114 GLU A OE2 1 
ATOM   948  N  N   . GLY A 1 115 ? -13.133 -7.760  13.232  1.00 24.91 ? 115 GLY A N   1 
ATOM   949  C  CA  . GLY A 1 115 ? -13.934 -7.836  14.436  1.00 25.36 ? 115 GLY A CA  1 
ATOM   950  C  C   . GLY A 1 115 ? -13.226 -7.299  15.656  1.00 25.98 ? 115 GLY A C   1 
ATOM   951  O  O   . GLY A 1 115 ? -13.866 -6.714  16.533  1.00 25.99 ? 115 GLY A O   1 
ATOM   952  N  N   . LYS A 1 116 ? -11.913 -7.514  15.724  1.00 25.60 ? 116 LYS A N   1 
ATOM   953  C  CA  . LYS A 1 116 ? -11.085 -6.975  16.800  1.00 26.03 ? 116 LYS A CA  1 
ATOM   954  C  C   . LYS A 1 116 ? -10.693 -5.509  16.590  1.00 24.88 ? 116 LYS A C   1 
ATOM   955  O  O   . LYS A 1 116 ? -10.763 -4.710  17.512  1.00 25.52 ? 116 LYS A O   1 
ATOM   956  C  CB  . LYS A 1 116 ? -9.813  -7.828  16.996  1.00 25.98 ? 116 LYS A CB  1 
ATOM   957  C  CG  . LYS A 1 116 ? -10.076 -9.145  17.731  1.00 29.64 ? 116 LYS A CG  1 
ATOM   958  C  CD  . LYS A 1 116 ? -8.795  -9.822  18.151  1.00 34.50 ? 116 LYS A CD  1 
ATOM   959  C  CE  . LYS A 1 116 ? -9.014  -11.312 18.408  1.00 36.89 ? 116 LYS A CE  1 
ATOM   960  N  NZ  . LYS A 1 116 ? -10.271 -11.608 19.167  1.00 39.80 ? 116 LYS A NZ  1 
ATOM   961  N  N   . VAL A 1 117 ? -10.297 -5.158  15.376  1.00 23.68 ? 117 VAL A N   1 
ATOM   962  C  CA  . VAL A 1 117 ? -9.691  -3.854  15.126  1.00 22.81 ? 117 VAL A CA  1 
ATOM   963  C  C   . VAL A 1 117 ? -10.702 -2.720  14.888  1.00 22.38 ? 117 VAL A C   1 
ATOM   964  O  O   . VAL A 1 117 ? -10.564 -1.645  15.452  1.00 21.65 ? 117 VAL A O   1 
ATOM   965  C  CB  . VAL A 1 117 ? -8.673  -3.948  13.969  1.00 23.10 ? 117 VAL A CB  1 
ATOM   966  C  CG1 . VAL A 1 117 ? -8.099  -2.582  13.614  1.00 22.66 ? 117 VAL A CG1 1 
ATOM   967  C  CG2 . VAL A 1 117 ? -7.557  -4.905  14.356  1.00 22.37 ? 117 VAL A CG2 1 
ATOM   968  N  N   . ILE A 1 118 ? -11.720 -2.961  14.058  1.00 21.39 ? 118 ILE A N   1 
ATOM   969  C  CA  . ILE A 1 118 ? -12.645 -1.889  13.675  1.00 21.41 ? 118 ILE A CA  1 
ATOM   970  C  C   . ILE A 1 118 ? -13.370 -1.216  14.867  1.00 21.07 ? 118 ILE A C   1 
ATOM   971  O  O   . ILE A 1 118 ? -13.458 0.015   14.908  1.00 20.17 ? 118 ILE A O   1 
ATOM   972  C  CB  . ILE A 1 118 ? -13.654 -2.348  12.567  1.00 21.43 ? 118 ILE A CB  1 
ATOM   973  C  CG1 . ILE A 1 118 ? -12.926 -2.757  11.258  1.00 21.93 ? 118 ILE A CG1 1 
ATOM   974  C  CG2 . ILE A 1 118 ? -14.748 -1.317  12.344  1.00 21.76 ? 118 ILE A CG2 1 
ATOM   975  C  CD1 . ILE A 1 118 ? -11.974 -1.718  10.644  1.00 23.75 ? 118 ILE A CD1 1 
ATOM   976  N  N   . PRO A 1 119 ? -13.877 -2.010  15.831  1.00 20.65 ? 119 PRO A N   1 
ATOM   977  C  CA  . PRO A 1 119 ? -14.524 -1.391  16.989  1.00 21.30 ? 119 PRO A CA  1 
ATOM   978  C  C   . PRO A 1 119 ? -13.566 -0.604  17.885  1.00 21.46 ? 119 PRO A C   1 
ATOM   979  O  O   . PRO A 1 119 ? -14.028 0.257   18.636  1.00 21.55 ? 119 PRO A O   1 
ATOM   980  C  CB  . PRO A 1 119 ? -15.069 -2.594  17.788  1.00 21.25 ? 119 PRO A CB  1 
ATOM   981  C  CG  . PRO A 1 119 ? -15.149 -3.707  16.803  1.00 20.99 ? 119 PRO A CG  1 
ATOM   982  C  CD  . PRO A 1 119 ? -13.938 -3.484  15.918  1.00 21.41 ? 119 PRO A CD  1 
ATOM   983  N  N   . ALA A 1 120 ? -12.267 -0.886  17.795  1.00 20.78 ? 120 ALA A N   1 
ATOM   984  C  CA  . ALA A 1 120 ? -11.272 -0.329  18.718  1.00 21.65 ? 120 ALA A CA  1 
ATOM   985  C  C   . ALA A 1 120 ? -10.618 0.974   18.245  1.00 22.91 ? 120 ALA A C   1 
ATOM   986  O  O   . ALA A 1 120 ? -9.871  1.608   19.006  1.00 22.47 ? 120 ALA A O   1 
ATOM   987  C  CB  . ALA A 1 120 ? -10.187 -1.379  19.019  1.00 21.82 ? 120 ALA A CB  1 
ATOM   988  N  N   . ILE A 1 121 ? -10.883 1.354   16.992  1.00 23.21 ? 121 ILE A N   1 
ATOM   989  C  CA  . ILE A 1 121 ? -10.231 2.501   16.382  1.00 24.61 ? 121 ILE A CA  1 
ATOM   990  C  C   . ILE A 1 121 ? -11.195 3.649   16.075  1.00 25.81 ? 121 ILE A C   1 
ATOM   991  O  O   . ILE A 1 121 ? -10.853 4.563   15.327  1.00 25.45 ? 121 ILE A O   1 
ATOM   992  C  CB  . ILE A 1 121 ? -9.475  2.110   15.103  1.00 23.85 ? 121 ILE A CB  1 
ATOM   993  C  CG1 . ILE A 1 121 ? -10.439 1.554   14.044  1.00 24.89 ? 121 ILE A CG1 1 
ATOM   994  C  CG2 . ILE A 1 121 ? -8.354  1.113   15.409  1.00 24.12 ? 121 ILE A CG2 1 
ATOM   995  C  CD1 . ILE A 1 121 ? -9.791  1.325   12.720  1.00 22.61 ? 121 ILE A CD1 1 
ATOM   996  N  N   . LYS A 1 122 ? -12.381 3.603   16.678  1.00 27.36 ? 122 LYS A N   1 
ATOM   997  C  CA  . LYS A 1 122 ? -13.410 4.636   16.488  1.00 29.92 ? 122 LYS A CA  1 
ATOM   998  C  C   . LYS A 1 122 ? -12.925 6.050   16.756  1.00 30.33 ? 122 LYS A C   1 
ATOM   999  O  O   . LYS A 1 122 ? -13.244 6.972   16.006  1.00 31.33 ? 122 LYS A O   1 
ATOM   1000 C  CB  . LYS A 1 122 ? -14.617 4.365   17.395  1.00 30.01 ? 122 LYS A CB  1 
ATOM   1001 C  CG  . LYS A 1 122 ? -15.355 3.082   17.088  1.00 33.23 ? 122 LYS A CG  1 
ATOM   1002 C  CD  . LYS A 1 122 ? -15.756 3.030   15.636  1.00 36.30 ? 122 LYS A CD  1 
ATOM   1003 C  CE  . LYS A 1 122 ? -17.095 2.342   15.457  1.00 39.01 ? 122 LYS A CE  1 
ATOM   1004 N  NZ  . LYS A 1 122 ? -17.570 2.528   14.036  0.80 41.77 ? 122 LYS A NZ  1 
ATOM   1005 N  N   . ASN A 1 123 ? -12.154 6.213   17.824  1.00 31.11 ? 123 ASN A N   1 
ATOM   1006 C  CA  . ASN A 1 123 ? -11.716 7.536   18.263  1.00 32.19 ? 123 ASN A CA  1 
ATOM   1007 C  C   . ASN A 1 123 ? -10.427 8.019   17.610  1.00 32.12 ? 123 ASN A C   1 
ATOM   1008 O  O   . ASN A 1 123 ? -9.952  9.127   17.890  1.00 32.43 ? 123 ASN A O   1 
ATOM   1009 C  CB  . ASN A 1 123 ? -11.586 7.568   19.784  1.00 32.63 ? 123 ASN A CB  1 
ATOM   1010 C  CG  . ASN A 1 123 ? -12.900 7.299   20.475  1.00 34.75 ? 123 ASN A CG  1 
ATOM   1011 O  OD1 . ASN A 1 123 ? -13.971 7.536   19.899  1.00 38.02 ? 123 ASN A OD1 1 
ATOM   1012 N  ND2 . ASN A 1 123 ? -12.836 6.800   21.713  1.00 34.97 ? 123 ASN A ND2 1 
ATOM   1013 N  N   . LEU A 1 124 ? -9.864  7.188   16.742  1.00 31.35 ? 124 LEU A N   1 
ATOM   1014 C  CA  . LEU A 1 124 ? -8.643  7.552   16.060  1.00 30.70 ? 124 LEU A CA  1 
ATOM   1015 C  C   . LEU A 1 124 ? -8.926  8.592   14.988  1.00 30.65 ? 124 LEU A C   1 
ATOM   1016 O  O   . LEU A 1 124 ? -9.999  8.603   14.383  1.00 30.51 ? 124 LEU A O   1 
ATOM   1017 C  CB  . LEU A 1 124 ? -7.956  6.317   15.485  1.00 30.64 ? 124 LEU A CB  1 
ATOM   1018 C  CG  . LEU A 1 124 ? -7.428  5.310   16.518  1.00 28.98 ? 124 LEU A CG  1 
ATOM   1019 C  CD1 . LEU A 1 124 ? -6.588  4.298   15.806  1.00 26.61 ? 124 LEU A CD1 1 
ATOM   1020 C  CD2 . LEU A 1 124 ? -6.592  6.009   17.567  1.00 29.74 ? 124 LEU A CD2 1 
ATOM   1021 N  N   . LYS A 1 125 ? -7.947  9.464   14.770  1.00 30.49 ? 125 LYS A N   1 
ATOM   1022 C  CA  . LYS A 1 125 ? -8.094  10.598  13.866  1.00 30.17 ? 125 LYS A CA  1 
ATOM   1023 C  C   . LYS A 1 125 ? -7.555  10.237  12.483  1.00 29.00 ? 125 LYS A C   1 
ATOM   1024 O  O   . LYS A 1 125 ? -6.414  9.780   12.362  1.00 29.43 ? 125 LYS A O   1 
ATOM   1025 C  CB  . LYS A 1 125 ? -7.370  11.825  14.438  1.00 30.62 ? 125 LYS A CB  1 
ATOM   1026 C  CG  . LYS A 1 125 ? -7.629  12.057  15.930  1.00 33.15 ? 125 LYS A CG  1 
ATOM   1027 C  CD  . LYS A 1 125 ? -7.495  13.517  16.327  1.00 36.09 ? 125 LYS A CD  1 
ATOM   1028 C  CE  . LYS A 1 125 ? -8.251  13.796  17.618  1.00 38.20 ? 125 LYS A CE  1 
ATOM   1029 N  NZ  . LYS A 1 125 ? -7.445  13.516  18.852  1.00 40.48 ? 125 LYS A NZ  1 
ATOM   1030 N  N   . ASN A 1 126 ? -8.396  10.416  11.457  1.00 27.58 ? 126 ASN A N   1 
ATOM   1031 C  CA  . ASN A 1 126 ? -8.028  10.202  10.053  1.00 26.87 ? 126 ASN A CA  1 
ATOM   1032 C  C   . ASN A 1 126 ? -7.307  8.873   9.787   1.00 25.96 ? 126 ASN A C   1 
ATOM   1033 O  O   . ASN A 1 126 ? -6.201  8.835   9.220   1.00 26.33 ? 126 ASN A O   1 
ATOM   1034 C  CB  . ASN A 1 126 ? -7.199  11.376  9.508   1.00 27.08 ? 126 ASN A CB  1 
ATOM   1035 C  CG  . ASN A 1 126 ? -7.254  11.492  7.973   1.00 26.86 ? 126 ASN A CG  1 
ATOM   1036 O  OD1 . ASN A 1 126 ? -8.051  10.835  7.310   1.00 28.20 ? 126 ASN A OD1 1 
ATOM   1037 N  ND2 . ASN A 1 126 ? -6.423  12.368  7.421   1.00 27.35 ? 126 ASN A ND2 1 
ATOM   1038 N  N   . VAL A 1 127 ? -7.943  7.783   10.191  1.00 24.66 ? 127 VAL A N   1 
ATOM   1039 C  CA  . VAL A 1 127 ? -7.459  6.453   9.836   1.00 23.62 ? 127 VAL A CA  1 
ATOM   1040 C  C   . VAL A 1 127 ? -8.378  5.898   8.750   1.00 23.70 ? 127 VAL A C   1 
ATOM   1041 O  O   . VAL A 1 127 ? -9.603  5.958   8.866   1.00 23.26 ? 127 VAL A O   1 
ATOM   1042 C  CB  . VAL A 1 127 ? -7.373  5.505   11.062  1.00 23.28 ? 127 VAL A CB  1 
ATOM   1043 C  CG1 . VAL A 1 127 ? -6.973  4.084   10.637  1.00 22.44 ? 127 VAL A CG1 1 
ATOM   1044 C  CG2 . VAL A 1 127 ? -6.395  6.063   12.104  1.00 24.07 ? 127 VAL A CG2 1 
ATOM   1045 N  N   . ASN A 1 128 ? -7.771  5.372   7.693   1.00 22.95 ? 128 ASN A N   1 
ATOM   1046 C  CA  . ASN A 1 128 ? -8.485  4.980   6.488   1.00 23.03 ? 128 ASN A CA  1 
ATOM   1047 C  C   . ASN A 1 128 ? -8.045  3.584   6.123   1.00 22.97 ? 128 ASN A C   1 
ATOM   1048 O  O   . ASN A 1 128 ? -6.840  3.325   6.044   1.00 23.96 ? 128 ASN A O   1 
ATOM   1049 C  CB  . ASN A 1 128 ? -8.156  5.958   5.344   1.00 22.24 ? 128 ASN A CB  1 
ATOM   1050 C  CG  . ASN A 1 128 ? -8.457  7.394   5.703   1.00 24.11 ? 128 ASN A CG  1 
ATOM   1051 O  OD1 . ASN A 1 128 ? -9.579  7.852   5.517   1.00 22.94 ? 128 ASN A OD1 1 
ATOM   1052 N  ND2 . ASN A 1 128 ? -7.450  8.120   6.200   1.00 22.53 ? 128 ASN A ND2 1 
ATOM   1053 N  N   . ILE A 1 129 ? -9.001  2.680   5.937   1.00 22.16 ? 129 ILE A N   1 
ATOM   1054 C  CA  . ILE A 1 129 ? -8.696  1.262   5.759   1.00 22.15 ? 129 ILE A CA  1 
ATOM   1055 C  C   . ILE A 1 129 ? -9.500  0.703   4.603   1.00 22.76 ? 129 ILE A C   1 
ATOM   1056 O  O   . ILE A 1 129 ? -10.742 0.782   4.600   1.00 22.05 ? 129 ILE A O   1 
ATOM   1057 C  CB  . ILE A 1 129 ? -9.021  0.407   7.039   1.00 21.96 ? 129 ILE A CB  1 
ATOM   1058 C  CG1 . ILE A 1 129 ? -8.286  0.939   8.270   1.00 22.33 ? 129 ILE A CG1 1 
ATOM   1059 C  CG2 . ILE A 1 129 ? -8.691  -1.094  6.798   1.00 21.82 ? 129 ILE A CG2 1 
ATOM   1060 C  CD1 . ILE A 1 129 ? -8.689  0.266   9.575   1.00 21.05 ? 129 ILE A CD1 1 
ATOM   1061 N  N   . ALA A 1 130 ? -8.791  0.143   3.623   1.00 22.48 ? 130 ALA A N   1 
ATOM   1062 C  CA  . ALA A 1 130 ? -9.419  -0.530  2.495   1.00 23.28 ? 130 ALA A CA  1 
ATOM   1063 C  C   . ALA A 1 130 ? -8.807  -1.918  2.390   1.00 23.51 ? 130 ALA A C   1 
ATOM   1064 O  O   . ALA A 1 130 ? -7.642  -2.115  2.747   1.00 24.97 ? 130 ALA A O   1 
ATOM   1065 C  CB  . ALA A 1 130 ? -9.174  0.255   1.209   1.00 23.72 ? 130 ALA A CB  1 
ATOM   1066 N  N   . ALA A 1 131 ? -9.580  -2.886  1.924   1.00 24.00 ? 131 ALA A N   1 
ATOM   1067 C  CA  . ALA A 1 131 ? -9.077  -4.249  1.731   1.00 24.19 ? 131 ALA A CA  1 
ATOM   1068 C  C   . ALA A 1 131 ? -8.911  -4.561  0.233   1.00 24.43 ? 131 ALA A C   1 
ATOM   1069 O  O   . ALA A 1 131 ? -9.757  -4.185  -0.584  1.00 24.53 ? 131 ALA A O   1 
ATOM   1070 C  CB  . ALA A 1 131 ? -10.022 -5.247  2.369   1.00 24.30 ? 131 ALA A CB  1 
ATOM   1071 N  N   . VAL A 1 132 ? -7.833  -5.268  -0.101  1.00 24.26 ? 132 VAL A N   1 
ATOM   1072 C  CA  . VAL A 1 132 ? -7.559  -5.727  -1.459  1.00 24.62 ? 132 VAL A CA  1 
ATOM   1073 C  C   . VAL A 1 132 ? -8.107  -7.156  -1.582  1.00 24.45 ? 132 VAL A C   1 
ATOM   1074 O  O   . VAL A 1 132 ? -7.774  -7.998  -0.749  1.00 25.58 ? 132 VAL A O   1 
ATOM   1075 C  CB  . VAL A 1 132 ? -6.024  -5.766  -1.739  1.00 24.78 ? 132 VAL A CB  1 
ATOM   1076 C  CG1 . VAL A 1 132 ? -5.739  -6.222  -3.171  1.00 24.71 ? 132 VAL A CG1 1 
ATOM   1077 C  CG2 . VAL A 1 132 ? -5.358  -4.391  -1.467  1.00 25.79 ? 132 VAL A CG2 1 
ATOM   1078 N  N   . PRO A 1 133 ? -8.953  -7.430  -2.591  1.00 24.54 ? 133 PRO A N   1 
ATOM   1079 C  CA  . PRO A 1 133 ? -9.516  -8.800  -2.766  1.00 24.68 ? 133 PRO A CA  1 
ATOM   1080 C  C   . PRO A 1 133 ? -8.414  -9.825  -3.060  1.00 25.01 ? 133 PRO A C   1 
ATOM   1081 O  O   . PRO A 1 133 ? -7.473  -9.518  -3.795  1.00 23.44 ? 133 PRO A O   1 
ATOM   1082 C  CB  . PRO A 1 133 ? -10.438 -8.658  -3.998  1.00 24.55 ? 133 PRO A CB  1 
ATOM   1083 C  CG  . PRO A 1 133 ? -10.703 -7.198  -4.124  1.00 25.90 ? 133 PRO A CG  1 
ATOM   1084 C  CD  . PRO A 1 133 ? -9.459  -6.494  -3.607  1.00 23.89 ? 133 PRO A CD  1 
ATOM   1085 N  N   . GLN A 1 134 ? -8.533  -11.035 -2.515  1.00 25.33 ? 134 GLN A N   1 
ATOM   1086 C  CA  . GLN A 1 134 ? -7.440  -11.999 -2.620  1.00 26.43 ? 134 GLN A CA  1 
ATOM   1087 C  C   . GLN A 1 134 ? -7.247  -12.531 -4.035  1.00 25.87 ? 134 GLN A C   1 
ATOM   1088 O  O   . GLN A 1 134 ? -6.112  -12.784 -4.442  1.00 26.20 ? 134 GLN A O   1 
ATOM   1089 C  CB  . GLN A 1 134 ? -7.579  -13.164 -1.615  1.00 27.53 ? 134 GLN A CB  1 
ATOM   1090 C  CG  . GLN A 1 134 ? -6.334  -14.136 -1.552  0.80 28.10 ? 134 GLN A CG  1 
ATOM   1091 C  CD  . GLN A 1 134 ? -5.073  -13.594 -0.809  0.80 30.82 ? 134 GLN A CD  1 
ATOM   1092 O  OE1 . GLN A 1 134 ? -4.011  -14.225 -0.845  0.80 33.81 ? 134 GLN A OE1 1 
ATOM   1093 N  NE2 . GLN A 1 134 ? -5.189  -12.454 -0.146  1.00 27.61 ? 134 GLN A NE2 1 
ATOM   1094 N  N   . ASP A 1 135 ? -8.339  -12.696 -4.778  1.00 25.98 ? 135 ASP A N   1 
ATOM   1095 C  CA  . ASP A 1 135 ? -8.238  -13.257 -6.131  1.00 25.87 ? 135 ASP A CA  1 
ATOM   1096 C  C   . ASP A 1 135 ? -7.336  -12.425 -7.045  1.00 25.19 ? 135 ASP A C   1 
ATOM   1097 O  O   . ASP A 1 135 ? -6.396  -12.964 -7.608  1.00 25.18 ? 135 ASP A O   1 
ATOM   1098 C  CB  . ASP A 1 135 ? -9.608  -13.563 -6.769  1.00 26.54 ? 135 ASP A CB  1 
ATOM   1099 C  CG  . ASP A 1 135 ? -10.513 -12.322 -6.943  0.70 28.32 ? 135 ASP A CG  1 
ATOM   1100 O  OD1 . ASP A 1 135 ? -10.139 -11.179 -6.588  0.70 29.49 ? 135 ASP A OD1 1 
ATOM   1101 O  OD2 . ASP A 1 135 ? -11.643 -12.516 -7.455  0.70 30.92 ? 135 ASP A OD2 1 
ATOM   1102 N  N   . VAL A 1 136 ? -7.593  -11.122 -7.163  1.00 24.33 ? 136 VAL A N   1 
ATOM   1103 C  CA  . VAL A 1 136 ? -6.776  -10.271 -8.052  1.00 23.50 ? 136 VAL A CA  1 
ATOM   1104 C  C   . VAL A 1 136 ? -5.361  -10.070 -7.496  1.00 22.81 ? 136 VAL A C   1 
ATOM   1105 O  O   . VAL A 1 136 ? -4.390  -9.929  -8.246  1.00 22.24 ? 136 VAL A O   1 
ATOM   1106 C  CB  . VAL A 1 136 ? -7.454  -8.900  -8.357  1.00 24.02 ? 136 VAL A CB  1 
ATOM   1107 C  CG1 . VAL A 1 136 ? -7.557  -8.006  -7.102  1.00 24.02 ? 136 VAL A CG1 1 
ATOM   1108 C  CG2 . VAL A 1 136 ? -6.706  -8.164  -9.489  1.00 24.90 ? 136 VAL A CG2 1 
ATOM   1109 N  N   . LEU A 1 137 ? -5.248  -10.051 -6.175  1.00 22.08 ? 137 LEU A N   1 
ATOM   1110 C  CA  . LEU A 1 137 ? -3.947  -9.913  -5.564  1.00 22.32 ? 137 LEU A CA  1 
ATOM   1111 C  C   . LEU A 1 137 ? -3.084  -11.106 -5.962  1.00 22.12 ? 137 LEU A C   1 
ATOM   1112 O  O   . LEU A 1 137 ? -1.934  -10.929 -6.347  1.00 22.14 ? 137 LEU A O   1 
ATOM   1113 C  CB  . LEU A 1 137 ? -4.064  -9.802  -4.036  1.00 22.02 ? 137 LEU A CB  1 
ATOM   1114 C  CG  . LEU A 1 137 ? -2.756  -9.733  -3.267  1.00 22.93 ? 137 LEU A CG  1 
ATOM   1115 C  CD1 . LEU A 1 137 ? -1.903  -8.564  -3.803  1.00 21.18 ? 137 LEU A CD1 1 
ATOM   1116 C  CD2 . LEU A 1 137 ? -3.066  -9.565  -1.784  1.00 24.35 ? 137 LEU A CD2 1 
ATOM   1117 N  N   . GLU A 1 138 ? -3.644  -12.309 -5.907  1.00 22.32 ? 138 GLU A N   1 
ATOM   1118 C  CA  . GLU A 1 138 ? -2.853  -13.500 -6.254  1.00 23.37 ? 138 GLU A CA  1 
ATOM   1119 C  C   . GLU A 1 138 ? -2.384  -13.497 -7.706  1.00 23.34 ? 138 GLU A C   1 
ATOM   1120 O  O   . GLU A 1 138 ? -1.230  -13.852 -7.993  1.00 23.46 ? 138 GLU A O   1 
ATOM   1121 C  CB  . GLU A 1 138 ? -3.592  -14.789 -5.897  1.00 23.87 ? 138 GLU A CB  1 
ATOM   1122 C  CG  . GLU A 1 138 ? -3.429  -15.106 -4.399  1.00 27.69 ? 138 GLU A CG  1 
ATOM   1123 C  CD  . GLU A 1 138 ? -4.081  -16.419 -3.992  0.80 30.65 ? 138 GLU A CD  1 
ATOM   1124 O  OE1 . GLU A 1 138 ? -4.360  -17.256 -4.879  0.65 32.86 ? 138 GLU A OE1 1 
ATOM   1125 O  OE2 . GLU A 1 138 ? -4.305  -16.608 -2.776  0.80 32.67 ? 138 GLU A OE2 1 
ATOM   1126 N  N   . VAL A 1 139 ? -3.274  -13.070 -8.602  1.00 23.86 ? 139 VAL A N   1 
ATOM   1127 C  CA  . VAL A 1 139 ? -2.959  -12.892 -10.024 1.00 23.72 ? 139 VAL A CA  1 
ATOM   1128 C  C   . VAL A 1 139 ? -1.825  -11.883 -10.241 1.00 23.32 ? 139 VAL A C   1 
ATOM   1129 O  O   . VAL A 1 139 ? -0.887  -12.149 -11.003 1.00 23.57 ? 139 VAL A O   1 
ATOM   1130 C  CB  . VAL A 1 139 ? -4.201  -12.409 -10.794 1.00 23.93 ? 139 VAL A CB  1 
ATOM   1131 C  CG1 . VAL A 1 139 ? -3.809  -11.855 -12.166 1.00 26.44 ? 139 VAL A CG1 1 
ATOM   1132 C  CG2 . VAL A 1 139 ? -5.231  -13.511 -10.928 1.00 25.03 ? 139 VAL A CG2 1 
ATOM   1133 N  N   . LEU A 1 140 ? -1.931  -10.718 -9.599  1.00 22.91 ? 140 LEU A N   1 
ATOM   1134 C  CA  . LEU A 1 140 ? -0.904  -9.678  -9.708  1.00 23.34 ? 140 LEU A CA  1 
ATOM   1135 C  C   . LEU A 1 140 ? 0.456   -10.090 -9.159  1.00 23.37 ? 140 LEU A C   1 
ATOM   1136 O  O   . LEU A 1 140 ? 1.484   -9.788  -9.767  1.00 23.57 ? 140 LEU A O   1 
ATOM   1137 C  CB  . LEU A 1 140 ? -1.361  -8.350  -9.075  1.00 23.07 ? 140 LEU A CB  1 
ATOM   1138 C  CG  . LEU A 1 140 ? -2.376  -7.556  -9.903  1.00 24.36 ? 140 LEU A CG  1 
ATOM   1139 C  CD1 . LEU A 1 140 ? -3.025  -6.467  -9.047  1.00 26.38 ? 140 LEU A CD1 1 
ATOM   1140 C  CD2 . LEU A 1 140 ? -1.721  -6.932  -11.149 1.00 23.80 ? 140 LEU A CD2 1 
ATOM   1141 N  N   . ALA A 1 141 ? 0.448   -10.807 -8.036  1.00 22.76 ? 141 ALA A N   1 
ATOM   1142 C  CA  . ALA A 1 141 ? 1.654   -11.075 -7.254  1.00 23.09 ? 141 ALA A CA  1 
ATOM   1143 C  C   . ALA A 1 141 ? 2.458   -12.311 -7.699  1.00 23.50 ? 141 ALA A C   1 
ATOM   1144 O  O   . ALA A 1 141 ? 3.684   -12.342 -7.577  1.00 22.80 ? 141 ALA A O   1 
ATOM   1145 C  CB  . ALA A 1 141 ? 1.261   -11.209 -5.755  1.00 22.78 ? 141 ALA A CB  1 
ATOM   1146 N  N   . LYS A 1 142 ? 1.742   -13.318 -8.202  1.00 24.15 ? 142 LYS A N   1 
ATOM   1147 C  CA  . LYS A 1 142 ? 2.266   -14.642 -8.512  1.00 25.55 ? 142 LYS A CA  1 
ATOM   1148 C  C   . LYS A 1 142 ? 3.513   -14.559 -9.375  1.00 25.00 ? 142 LYS A C   1 
ATOM   1149 O  O   . LYS A 1 142 ? 3.480   -13.911 -10.420 1.00 25.51 ? 142 LYS A O   1 
ATOM   1150 C  CB  . LYS A 1 142 ? 1.183   -15.411 -9.282  1.00 26.03 ? 142 LYS A CB  1 
ATOM   1151 C  CG  . LYS A 1 142 ? 1.488   -16.863 -9.554  1.00 29.59 ? 142 LYS A CG  1 
ATOM   1152 C  CD  . LYS A 1 142 ? 0.192   -17.589 -9.896  1.00 34.16 ? 142 LYS A CD  1 
ATOM   1153 C  CE  . LYS A 1 142 ? -0.522  -16.983 -11.118 1.00 35.13 ? 142 LYS A CE  1 
ATOM   1154 N  NZ  . LYS A 1 142 ? -1.989  -16.730 -10.954 1.00 33.76 ? 142 LYS A NZ  1 
ATOM   1155 N  N   . ASP A 1 143 ? 4.604   -15.175 -8.922  1.00 25.13 ? 143 ASP A N   1 
ATOM   1156 C  CA  . ASP A 1 143 ? 5.853   -15.272 -9.709  1.00 25.32 ? 143 ASP A CA  1 
ATOM   1157 C  C   . ASP A 1 143 ? 6.377   -13.924 -10.206 1.00 25.10 ? 143 ASP A C   1 
ATOM   1158 O  O   . ASP A 1 143 ? 6.848   -13.786 -11.348 1.00 24.61 ? 143 ASP A O   1 
ATOM   1159 C  CB  . ASP A 1 143 ? 5.646   -16.211 -10.883 1.00 26.04 ? 143 ASP A CB  1 
ATOM   1160 C  CG  . ASP A 1 143 ? 5.374   -17.634 -10.438 1.00 28.99 ? 143 ASP A CG  1 
ATOM   1161 O  OD1 . ASP A 1 143 ? 5.874   -18.037 -9.357  1.00 31.15 ? 143 ASP A OD1 1 
ATOM   1162 O  OD2 . ASP A 1 143 ? 4.664   -18.354 -11.172 1.00 32.98 ? 143 ASP A OD2 1 
HETATM 1163 N  N   . MSE A 1 144 ? 6.322   -12.933 -9.333  1.00 24.58 ? 144 MSE A N   1 
HETATM 1164 C  CA  . MSE A 1 144 ? 6.737   -11.593 -9.695  1.00 25.81 ? 144 MSE A CA  1 
HETATM 1165 C  C   . MSE A 1 144 ? 8.162   -11.543 -10.269 1.00 26.57 ? 144 MSE A C   1 
HETATM 1166 O  O   . MSE A 1 144 ? 9.096   -12.068 -9.663  1.00 26.80 ? 144 MSE A O   1 
HETATM 1167 C  CB  . MSE A 1 144 ? 6.588   -10.656 -8.497  1.00 25.95 ? 144 MSE A CB  1 
HETATM 1168 C  CG  . MSE A 1 144 ? 6.684   -9.201  -8.901  1.00 26.65 ? 144 MSE A CG  1 
HETATM 1169 SE SE  . MSE A 1 144 ? 5.204   -8.624  -10.030 0.40 31.87 ? 144 MSE A SE  1 
HETATM 1170 C  CE  . MSE A 1 144 ? 4.029   -7.891  -8.634  1.00 27.38 ? 144 MSE A CE  1 
ATOM   1171 N  N   . PRO A 1 145 ? 8.329   -10.945 -11.460 1.00 27.21 ? 145 PRO A N   1 
ATOM   1172 C  CA  . PRO A 1 145 ? 9.677   -10.809 -12.015 1.00 27.73 ? 145 PRO A CA  1 
ATOM   1173 C  C   . PRO A 1 145 ? 10.453  -9.715  -11.269 1.00 27.99 ? 145 PRO A C   1 
ATOM   1174 O  O   . PRO A 1 145 ? 9.852   -8.921  -10.530 1.00 27.81 ? 145 PRO A O   1 
ATOM   1175 C  CB  . PRO A 1 145 ? 9.415   -10.392 -13.465 1.00 27.82 ? 145 PRO A CB  1 
ATOM   1176 C  CG  . PRO A 1 145 ? 8.127   -9.660  -13.402 1.00 27.76 ? 145 PRO A CG  1 
ATOM   1177 C  CD  . PRO A 1 145 ? 7.307   -10.373 -12.351 1.00 27.82 ? 145 PRO A CD  1 
ATOM   1178 N  N   . ARG A 1 146 ? 11.768  -9.686  -11.459 1.00 27.60 ? 146 ARG A N   1 
ATOM   1179 C  CA  . ARG A 1 146 ? 12.631  -8.712  -10.791 1.00 28.23 ? 146 ARG A CA  1 
ATOM   1180 C  C   . ARG A 1 146 ? 12.378  -7.283  -11.271 1.00 27.63 ? 146 ARG A C   1 
ATOM   1181 O  O   . ARG A 1 146 ? 12.531  -6.334  -10.504 1.00 27.61 ? 146 ARG A O   1 
ATOM   1182 C  CB  . ARG A 1 146 ? 14.105  -9.101  -10.948 1.00 28.60 ? 146 ARG A CB  1 
ATOM   1183 C  CG  . ARG A 1 146 ? 14.441  -10.494 -10.357 1.00 31.50 ? 146 ARG A CG  1 
ATOM   1184 C  CD  . ARG A 1 146 ? 14.314  -10.513 -8.830  1.00 35.70 ? 146 ARG A CD  1 
ATOM   1185 N  NE  . ARG A 1 146 ? 15.289  -9.603  -8.231  1.00 39.23 ? 146 ARG A NE  1 
ATOM   1186 C  CZ  . ARG A 1 146 ? 16.535  -9.937  -7.903  0.70 40.08 ? 146 ARG A CZ  1 
ATOM   1187 N  NH1 . ARG A 1 146 ? 16.970  -11.181 -8.080  1.00 41.66 ? 146 ARG A NH1 1 
ATOM   1188 N  NH2 . ARG A 1 146 ? 17.344  -9.028  -7.373  1.00 40.77 ? 146 ARG A NH2 1 
ATOM   1189 N  N   . VAL A 1 147 ? 12.002  -7.144  -12.537 1.00 27.28 ? 147 VAL A N   1 
ATOM   1190 C  CA  . VAL A 1 147 ? 11.582  -5.849  -13.073 1.00 27.59 ? 147 VAL A CA  1 
ATOM   1191 C  C   . VAL A 1 147 ? 10.056  -5.899  -13.256 1.00 26.97 ? 147 VAL A C   1 
ATOM   1192 O  O   . VAL A 1 147 ? 9.539   -6.648  -14.094 1.00 26.18 ? 147 VAL A O   1 
ATOM   1193 C  CB  . VAL A 1 147 ? 12.327  -5.452  -14.387 1.00 27.87 ? 147 VAL A CB  1 
ATOM   1194 C  CG1 . VAL A 1 147 ? 11.959  -4.043  -14.808 1.00 28.69 ? 147 VAL A CG1 1 
ATOM   1195 C  CG2 . VAL A 1 147 ? 13.854  -5.560  -14.220 1.00 29.11 ? 147 VAL A CG2 1 
ATOM   1196 N  N   . ILE A 1 148 ? 9.359   -5.133  -12.422 1.00 26.22 ? 148 ILE A N   1 
ATOM   1197 C  CA  . ILE A 1 148 ? 7.905   -5.072  -12.417 1.00 26.14 ? 148 ILE A CA  1 
ATOM   1198 C  C   . ILE A 1 148 ? 7.464   -3.855  -13.222 1.00 26.65 ? 148 ILE A C   1 
ATOM   1199 O  O   . ILE A 1 148 ? 7.717   -2.709  -12.827 1.00 26.97 ? 148 ILE A O   1 
ATOM   1200 C  CB  . ILE A 1 148 ? 7.368   -4.951  -10.982 1.00 26.09 ? 148 ILE A CB  1 
ATOM   1201 C  CG1 . ILE A 1 148 ? 7.932   -6.080  -10.101 1.00 26.86 ? 148 ILE A CG1 1 
ATOM   1202 C  CG2 . ILE A 1 148 ? 5.851   -4.932  -10.975 1.00 24.62 ? 148 ILE A CG2 1 
ATOM   1203 C  CD1 . ILE A 1 148 ? 8.088   -5.689  -8.650  1.00 28.62 ? 148 ILE A CD1 1 
ATOM   1204 N  N   . LYS A 1 149 ? 6.801   -4.115  -14.346 1.00 26.30 ? 149 LYS A N   1 
ATOM   1205 C  CA  . LYS A 1 149 ? 6.310   -3.056  -15.232 1.00 26.09 ? 149 LYS A CA  1 
ATOM   1206 C  C   . LYS A 1 149 ? 4.792   -3.060  -15.198 1.00 24.98 ? 149 LYS A C   1 
ATOM   1207 O  O   . LYS A 1 149 ? 4.153   -4.038  -15.617 1.00 23.81 ? 149 LYS A O   1 
ATOM   1208 C  CB  . LYS A 1 149 ? 6.796   -3.285  -16.657 1.00 26.15 ? 149 LYS A CB  1 
ATOM   1209 C  CG  . LYS A 1 149 ? 8.291   -3.491  -16.763 1.00 29.47 ? 149 LYS A CG  1 
ATOM   1210 C  CD  . LYS A 1 149 ? 8.665   -3.816  -18.197 1.00 35.07 ? 149 LYS A CD  1 
ATOM   1211 C  CE  . LYS A 1 149 ? 10.102  -3.429  -18.503 1.00 38.22 ? 149 LYS A CE  1 
ATOM   1212 N  NZ  . LYS A 1 149 ? 11.035  -4.348  -17.808 1.00 40.92 ? 149 LYS A NZ  1 
ATOM   1213 N  N   . TRP A 1 150 ? 4.224   -1.989  -14.656 1.00 24.10 ? 150 TRP A N   1 
ATOM   1214 C  CA  . TRP A 1 150 ? 2.780   -1.852  -14.569 1.00 24.01 ? 150 TRP A CA  1 
ATOM   1215 C  C   . TRP A 1 150 ? 2.324   -0.586  -15.264 1.00 24.62 ? 150 TRP A C   1 
ATOM   1216 O  O   . TRP A 1 150 ? 2.893   0.493   -15.032 1.00 24.30 ? 150 TRP A O   1 
ATOM   1217 C  CB  . TRP A 1 150 ? 2.349   -1.708  -13.111 1.00 23.58 ? 150 TRP A CB  1 
ATOM   1218 C  CG  . TRP A 1 150 ? 2.242   -2.973  -12.309 1.00 23.00 ? 150 TRP A CG  1 
ATOM   1219 C  CD1 . TRP A 1 150 ? 2.565   -4.253  -12.685 1.00 23.17 ? 150 TRP A CD1 1 
ATOM   1220 C  CD2 . TRP A 1 150 ? 1.793   -3.048  -10.957 1.00 23.25 ? 150 TRP A CD2 1 
ATOM   1221 N  NE1 . TRP A 1 150 ? 2.312   -5.126  -11.631 1.00 22.52 ? 150 TRP A NE1 1 
ATOM   1222 C  CE2 . TRP A 1 150 ? 1.855   -4.403  -10.561 1.00 22.58 ? 150 TRP A CE2 1 
ATOM   1223 C  CE3 . TRP A 1 150 ? 1.335   -2.089  -10.037 1.00 21.29 ? 150 TRP A CE3 1 
ATOM   1224 C  CZ2 . TRP A 1 150 ? 1.468   -4.830  -9.280  1.00 22.78 ? 150 TRP A CZ2 1 
ATOM   1225 C  CZ3 . TRP A 1 150 ? 0.960   -2.510  -8.766  1.00 23.14 ? 150 TRP A CZ3 1 
ATOM   1226 C  CH2 . TRP A 1 150 ? 1.035   -3.870  -8.399  1.00 23.32 ? 150 TRP A CH2 1 
ATOM   1227 N  N   . ASP A 1 151 ? 1.264   -0.702  -16.063 1.00 24.92 ? 151 ASP A N   1 
ATOM   1228 C  CA  . ASP A 1 151 ? 0.473   0.475   -16.422 1.00 26.15 ? 151 ASP A CA  1 
ATOM   1229 C  C   . ASP A 1 151 ? -0.730  0.487   -15.502 1.00 26.07 ? 151 ASP A C   1 
ATOM   1230 O  O   . ASP A 1 151 ? -1.486  -0.486  -15.457 1.00 27.04 ? 151 ASP A O   1 
ATOM   1231 C  CB  . ASP A 1 151 ? -0.024  0.397   -17.858 1.00 26.46 ? 151 ASP A CB  1 
ATOM   1232 C  CG  . ASP A 1 151 ? 1.066   0.659   -18.887 1.00 29.42 ? 151 ASP A CG  1 
ATOM   1233 O  OD1 . ASP A 1 151 ? 2.256   0.831   -18.536 1.00 31.94 ? 151 ASP A OD1 1 
ATOM   1234 O  OD2 . ASP A 1 151 ? 0.703   0.712   -20.080 1.00 34.28 ? 151 ASP A OD2 1 
ATOM   1235 N  N   . VAL A 1 152 ? -0.917  1.586   -14.782 1.00 25.90 ? 152 VAL A N   1 
ATOM   1236 C  CA  . VAL A 1 152 ? -2.031  1.717   -13.848 1.00 25.14 ? 152 VAL A CA  1 
ATOM   1237 C  C   . VAL A 1 152 ? -2.946  2.869   -14.257 1.00 25.71 ? 152 VAL A C   1 
ATOM   1238 O  O   . VAL A 1 152 ? -2.483  4.002   -14.469 1.00 24.92 ? 152 VAL A O   1 
ATOM   1239 C  CB  . VAL A 1 152 ? -1.531  1.929   -12.398 1.00 25.27 ? 152 VAL A CB  1 
ATOM   1240 C  CG1 . VAL A 1 152 ? -2.700  2.253   -11.439 1.00 23.58 ? 152 VAL A CG1 1 
ATOM   1241 C  CG2 . VAL A 1 152 ? -0.767  0.685   -11.899 1.00 25.41 ? 152 VAL A CG2 1 
HETATM 1242 N  N   . MSE A 1 153 ? -4.235  2.565   -14.391 1.00 25.32 ? 153 MSE A N   1 
HETATM 1243 C  CA  . MSE A 1 153 ? -5.247  3.591   -14.575 1.00 25.38 ? 153 MSE A CA  1 
HETATM 1244 C  C   . MSE A 1 153 ? -6.166  3.576   -13.359 1.00 25.50 ? 153 MSE A C   1 
HETATM 1245 O  O   . MSE A 1 153 ? -6.626  2.506   -12.920 1.00 25.06 ? 153 MSE A O   1 
HETATM 1246 C  CB  . MSE A 1 153 ? -6.045  3.379   -15.858 1.00 25.69 ? 153 MSE A CB  1 
HETATM 1247 C  CG  . MSE A 1 153 ? -7.243  4.350   -16.004 1.00 27.89 ? 153 MSE A CG  1 
HETATM 1248 SE SE  . MSE A 1 153 ? -8.070  4.279   -17.751 0.45 30.55 ? 153 MSE A SE  1 
HETATM 1249 C  CE  . MSE A 1 153 ? -6.723  5.282   -18.702 1.00 32.26 ? 153 MSE A CE  1 
ATOM   1250 N  N   . ILE A 1 154 ? -6.411  4.757   -12.802 1.00 24.80 ? 154 ILE A N   1 
ATOM   1251 C  CA  . ILE A 1 154 ? -7.330  4.898   -11.666 1.00 24.70 ? 154 ILE A CA  1 
ATOM   1252 C  C   . ILE A 1 154 ? -8.523  5.737   -12.122 1.00 25.13 ? 154 ILE A C   1 
ATOM   1253 O  O   . ILE A 1 154 ? -8.374  6.912   -12.526 1.00 24.62 ? 154 ILE A O   1 
ATOM   1254 C  CB  . ILE A 1 154 ? -6.614  5.515   -10.431 1.00 24.46 ? 154 ILE A CB  1 
ATOM   1255 C  CG1 . ILE A 1 154 ? -5.376  4.667   -10.058 1.00 23.92 ? 154 ILE A CG1 1 
ATOM   1256 C  CG2 . ILE A 1 154 ? -7.585  5.659   -9.233  1.00 25.38 ? 154 ILE A CG2 1 
ATOM   1257 C  CD1 . ILE A 1 154 ? -4.553  5.210   -8.878  1.00 21.58 ? 154 ILE A CD1 1 
ATOM   1258 N  N   . SER A 1 155 ? -9.701  5.122   -12.081 1.00 24.91 ? 155 SER A N   1 
ATOM   1259 C  CA  . SER A 1 155 ? -10.920 5.763   -12.548 1.00 26.06 ? 155 SER A CA  1 
ATOM   1260 C  C   . SER A 1 155 ? -12.103 5.429   -11.637 1.00 26.36 ? 155 SER A C   1 
ATOM   1261 O  O   . SER A 1 155 ? -12.387 4.256   -11.372 1.00 26.06 ? 155 SER A O   1 
ATOM   1262 C  CB  . SER A 1 155 ? -11.198 5.330   -13.993 1.00 25.79 ? 155 SER A CB  1 
ATOM   1263 O  OG  . SER A 1 155 ? -12.373 5.946   -14.492 1.00 28.90 ? 155 SER A OG  1 
ATOM   1264 N  N   . GLU A 1 156 ? -12.781 6.466   -11.149 1.00 26.91 ? 156 GLU A N   1 
ATOM   1265 C  CA  . GLU A 1 156 ? -13.916 6.296   -10.237 1.00 27.91 ? 156 GLU A CA  1 
ATOM   1266 C  C   . GLU A 1 156 ? -13.590 5.368   -9.054  1.00 27.92 ? 156 GLU A C   1 
ATOM   1267 O  O   . GLU A 1 156 ? -14.409 4.523   -8.658  1.00 28.62 ? 156 GLU A O   1 
ATOM   1268 C  CB  . GLU A 1 156 ? -15.159 5.829   -11.016 1.00 28.19 ? 156 GLU A CB  1 
ATOM   1269 C  CG  . GLU A 1 156 ? -15.549 6.792   -12.150 1.00 30.99 ? 156 GLU A CG  1 
ATOM   1270 C  CD  . GLU A 1 156 ? -16.855 6.440   -12.856 0.80 34.65 ? 156 GLU A CD  1 
ATOM   1271 O  OE1 . GLU A 1 156 ? -17.508 5.443   -12.475 0.80 36.50 ? 156 GLU A OE1 1 
ATOM   1272 O  OE2 . GLU A 1 156 ? -17.234 7.179   -13.799 0.80 36.31 ? 156 GLU A OE2 1 
ATOM   1273 N  N   . GLY A 1 157 ? -12.382 5.511   -8.507  1.00 27.22 ? 157 GLY A N   1 
ATOM   1274 C  CA  . GLY A 1 157 ? -11.972 4.732   -7.341  1.00 27.00 ? 157 GLY A CA  1 
ATOM   1275 C  C   . GLY A 1 157 ? -11.470 3.324   -7.637  1.00 26.81 ? 157 GLY A C   1 
ATOM   1276 O  O   . GLY A 1 157 ? -10.953 2.650   -6.732  1.00 27.09 ? 157 GLY A O   1 
ATOM   1277 N  N   . THR A 1 158 ? -11.615 2.875   -8.888  1.00 26.25 ? 158 THR A N   1 
ATOM   1278 C  CA  . THR A 1 158 ? -11.153 1.538   -9.281  1.00 25.87 ? 158 THR A CA  1 
ATOM   1279 C  C   . THR A 1 158 ? -9.768  1.625   -9.876  1.00 25.84 ? 158 THR A C   1 
ATOM   1280 O  O   . THR A 1 158 ? -9.477  2.536   -10.643 1.00 25.38 ? 158 THR A O   1 
ATOM   1281 C  CB  . THR A 1 158 ? -12.090 0.861   -10.294 1.00 26.06 ? 158 THR A CB  1 
ATOM   1282 O  OG1 . THR A 1 158 ? -13.414 0.834   -9.762  1.00 27.09 ? 158 THR A OG1 1 
ATOM   1283 C  CG2 . THR A 1 158 ? -11.641 -0.581  -10.603 1.00 24.83 ? 158 THR A CG2 1 
ATOM   1284 N  N   . VAL A 1 159 ? -8.921  0.673   -9.493  1.00 25.75 ? 159 VAL A N   1 
ATOM   1285 C  CA  . VAL A 1 159 ? -7.556  0.596   -9.972  1.00 25.94 ? 159 VAL A CA  1 
ATOM   1286 C  C   . VAL A 1 159 ? -7.490  -0.496  -11.047 1.00 26.24 ? 159 VAL A C   1 
ATOM   1287 O  O   . VAL A 1 159 ? -7.883  -1.646  -10.810 1.00 26.74 ? 159 VAL A O   1 
ATOM   1288 C  CB  . VAL A 1 159 ? -6.575  0.340   -8.791  1.00 26.29 ? 159 VAL A CB  1 
ATOM   1289 C  CG1 . VAL A 1 159 ? -5.115  0.334   -9.250  1.00 26.35 ? 159 VAL A CG1 1 
ATOM   1290 C  CG2 . VAL A 1 159 ? -6.764  1.395   -7.701  1.00 26.58 ? 159 VAL A CG2 1 
ATOM   1291 N  N   . PHE A 1 160 ? -7.032  -0.130  -12.239 1.00 25.32 ? 160 PHE A N   1 
ATOM   1292 C  CA  . PHE A 1 160 ? -6.835  -1.091  -13.298 1.00 24.95 ? 160 PHE A CA  1 
ATOM   1293 C  C   . PHE A 1 160 ? -5.344  -1.210  -13.538 1.00 24.87 ? 160 PHE A C   1 
ATOM   1294 O  O   . PHE A 1 160 ? -4.696  -0.246  -13.965 1.00 23.95 ? 160 PHE A O   1 
ATOM   1295 C  CB  . PHE A 1 160 ? -7.527  -0.641  -14.597 1.00 25.40 ? 160 PHE A CB  1 
ATOM   1296 C  CG  . PHE A 1 160 ? -9.009  -0.438  -14.452 1.00 26.47 ? 160 PHE A CG  1 
ATOM   1297 C  CD1 . PHE A 1 160 ? -9.886  -1.495  -14.646 1.00 26.52 ? 160 PHE A CD1 1 
ATOM   1298 C  CD2 . PHE A 1 160 ? -9.519  0.811   -14.114 1.00 27.14 ? 160 PHE A CD2 1 
ATOM   1299 C  CE1 . PHE A 1 160 ? -11.275 -1.309  -14.516 1.00 27.76 ? 160 PHE A CE1 1 
ATOM   1300 C  CE2 . PHE A 1 160 ? -10.896 1.009   -13.980 1.00 29.72 ? 160 PHE A CE2 1 
ATOM   1301 C  CZ  . PHE A 1 160 ? -11.774 -0.060  -14.184 1.00 28.35 ? 160 PHE A CZ  1 
ATOM   1302 N  N   . VAL A 1 161 ? -4.807  -2.397  -13.275 1.00 24.18 ? 161 VAL A N   1 
ATOM   1303 C  CA  . VAL A 1 161 ? -3.383  -2.630  -13.460 1.00 24.39 ? 161 VAL A CA  1 
ATOM   1304 C  C   . VAL A 1 161 ? -3.167  -3.505  -14.690 1.00 24.13 ? 161 VAL A C   1 
ATOM   1305 O  O   . VAL A 1 161 ? -3.689  -4.624  -14.760 1.00 24.23 ? 161 VAL A O   1 
ATOM   1306 C  CB  . VAL A 1 161 ? -2.763  -3.323  -12.221 1.00 24.46 ? 161 VAL A CB  1 
ATOM   1307 C  CG1 . VAL A 1 161 ? -1.255  -3.573  -12.432 1.00 25.18 ? 161 VAL A CG1 1 
ATOM   1308 C  CG2 . VAL A 1 161 ? -3.033  -2.531  -10.948 1.00 25.79 ? 161 VAL A CG2 1 
ATOM   1309 N  N   . THR A 1 162 ? -2.385  -3.013  -15.653 1.00 23.60 ? 162 THR A N   1 
ATOM   1310 C  CA  . THR A 1 162 ? -1.998  -3.826  -16.794 1.00 23.09 ? 162 THR A CA  1 
ATOM   1311 C  C   . THR A 1 162 ? -0.561  -4.306  -16.598 1.00 23.14 ? 162 THR A C   1 
ATOM   1312 O  O   . THR A 1 162 ? 0.367   -3.501  -16.431 1.00 22.73 ? 162 THR A O   1 
ATOM   1313 C  CB  . THR A 1 162 ? -2.128  -3.055  -18.148 1.00 23.36 ? 162 THR A CB  1 
ATOM   1314 O  OG1 . THR A 1 162 ? -3.446  -2.509  -18.261 1.00 23.55 ? 162 THR A OG1 1 
ATOM   1315 C  CG2 . THR A 1 162 ? -1.880  -3.992  -19.338 1.00 22.96 ? 162 THR A CG2 1 
ATOM   1316 N  N   . ASP A 1 163 ? -0.381  -5.617  -16.606 1.00 22.87 ? 163 ASP A N   1 
ATOM   1317 C  CA  . ASP A 1 163 ? 0.961   -6.180  -16.557 1.00 23.70 ? 163 ASP A CA  1 
ATOM   1318 C  C   . ASP A 1 163 ? 1.168   -7.134  -17.737 1.00 24.33 ? 163 ASP A C   1 
ATOM   1319 O  O   . ASP A 1 163 ? 0.405   -7.094  -18.709 1.00 24.47 ? 163 ASP A O   1 
ATOM   1320 C  CB  . ASP A 1 163 ? 1.211   -6.865  -15.204 1.00 23.82 ? 163 ASP A CB  1 
ATOM   1321 C  CG  . ASP A 1 163 ? 0.335   -8.102  -14.984 1.00 23.75 ? 163 ASP A CG  1 
ATOM   1322 O  OD1 . ASP A 1 163 ? -0.298  -8.622  -15.945 1.00 21.73 ? 163 ASP A OD1 1 
ATOM   1323 O  OD2 . ASP A 1 163 ? 0.307   -8.565  -13.831 1.00 22.15 ? 163 ASP A OD2 1 
ATOM   1324 N  N   . ASP A 1 164 ? 2.166   -8.012  -17.632 1.00 24.89 ? 164 ASP A N   1 
ATOM   1325 C  CA  . ASP A 1 164 ? 2.503   -8.969  -18.685 1.00 25.42 ? 164 ASP A CA  1 
ATOM   1326 C  C   . ASP A 1 164 ? 1.401   -10.033 -18.962 1.00 25.17 ? 164 ASP A C   1 
ATOM   1327 O  O   . ASP A 1 164 ? 1.430   -10.728 -19.968 1.00 24.45 ? 164 ASP A O   1 
ATOM   1328 C  CB  . ASP A 1 164 ? 3.830   -9.652  -18.330 1.00 26.47 ? 164 ASP A CB  1 
ATOM   1329 C  CG  . ASP A 1 164 ? 3.743   -10.480 -17.034 1.00 27.97 ? 164 ASP A CG  1 
ATOM   1330 O  OD1 . ASP A 1 164 ? 3.210   -9.983  -16.035 1.00 29.93 ? 164 ASP A OD1 1 
ATOM   1331 O  OD2 . ASP A 1 164 ? 4.206   -11.632 -17.017 1.00 30.71 ? 164 ASP A OD2 1 
ATOM   1332 N  N   . ARG A 1 165 ? 0.433   -10.157 -18.068 1.00 25.04 ? 165 ARG A N   1 
ATOM   1333 C  CA  . ARG A 1 165 ? -0.624  -11.155 -18.231 1.00 25.78 ? 165 ARG A CA  1 
ATOM   1334 C  C   . ARG A 1 165 ? -2.000  -10.543 -18.519 1.00 26.41 ? 165 ARG A C   1 
ATOM   1335 O  O   . ARG A 1 165 ? -2.995  -11.265 -18.661 1.00 27.20 ? 165 ARG A O   1 
ATOM   1336 C  CB  . ARG A 1 165 ? -0.674  -12.077 -17.000 1.00 25.74 ? 165 ARG A CB  1 
ATOM   1337 C  CG  . ARG A 1 165 ? 0.672   -12.736 -16.734 1.00 25.80 ? 165 ARG A CG  1 
ATOM   1338 C  CD  . ARG A 1 165 ? 0.561   -14.008 -15.950 1.00 25.84 ? 165 ARG A CD  1 
ATOM   1339 N  NE  . ARG A 1 165 ? 0.133   -13.772 -14.569 1.00 27.09 ? 165 ARG A NE  1 
ATOM   1340 C  CZ  . ARG A 1 165 ? -0.137  -14.749 -13.713 1.00 26.94 ? 165 ARG A CZ  1 
ATOM   1341 N  NH1 . ARG A 1 165 ? -0.529  -14.450 -12.481 1.00 25.22 ? 165 ARG A NH1 1 
ATOM   1342 N  NH2 . ARG A 1 165 ? -0.036  -16.019 -14.105 1.00 21.93 ? 165 ARG A NH2 1 
ATOM   1343 N  N   . GLY A 1 166 ? -2.057  -9.220  -18.605 1.00 26.69 ? 166 GLY A N   1 
ATOM   1344 C  CA  . GLY A 1 166 ? -3.275  -8.534  -19.034 1.00 26.26 ? 166 GLY A CA  1 
ATOM   1345 C  C   . GLY A 1 166 ? -3.655  -7.417  -18.097 1.00 26.28 ? 166 GLY A C   1 
ATOM   1346 O  O   . GLY A 1 166 ? -2.835  -6.976  -17.287 1.00 25.47 ? 166 GLY A O   1 
ATOM   1347 N  N   . GLN A 1 167 ? -4.905  -6.970  -18.219 1.00 26.56 ? 167 GLN A N   1 
ATOM   1348 C  CA  . GLN A 1 167 ? -5.457  -5.892  -17.414 1.00 27.55 ? 167 GLN A CA  1 
ATOM   1349 C  C   . GLN A 1 167 ? -6.313  -6.450  -16.289 1.00 26.78 ? 167 GLN A C   1 
ATOM   1350 O  O   . GLN A 1 167 ? -7.286  -7.156  -16.533 1.00 27.77 ? 167 GLN A O   1 
ATOM   1351 C  CB  . GLN A 1 167 ? -6.292  -4.918  -18.261 1.00 27.90 ? 167 GLN A CB  1 
ATOM   1352 C  CG  . GLN A 1 167 ? -6.675  -3.682  -17.451 1.00 32.57 ? 167 GLN A CG  1 
ATOM   1353 C  CD  . GLN A 1 167 ? -7.296  -2.575  -18.274 1.00 37.69 ? 167 GLN A CD  1 
ATOM   1354 O  OE1 . GLN A 1 167 ? -6.626  -1.597  -18.613 1.00 40.71 ? 167 GLN A OE1 1 
ATOM   1355 N  NE2 . GLN A 1 167 ? -8.584  -2.706  -18.575 1.00 38.00 ? 167 GLN A NE2 1 
ATOM   1356 N  N   . HIS A 1 168 ? -5.969  -6.094  -15.059 1.00 26.05 ? 168 HIS A N   1 
ATOM   1357 C  CA  . HIS A 1 168 ? -6.624  -6.657  -13.884 1.00 25.54 ? 168 HIS A CA  1 
ATOM   1358 C  C   . HIS A 1 168 ? -7.302  -5.547  -13.106 1.00 25.67 ? 168 HIS A C   1 
ATOM   1359 O  O   . HIS A 1 168 ? -6.681  -4.517  -12.818 1.00 25.80 ? 168 HIS A O   1 
ATOM   1360 C  CB  . HIS A 1 168 ? -5.576  -7.351  -13.003 1.00 25.47 ? 168 HIS A CB  1 
ATOM   1361 C  CG  . HIS A 1 168 ? -4.679  -8.285  -13.762 1.00 25.00 ? 168 HIS A CG  1 
ATOM   1362 N  ND1 . HIS A 1 168 ? -3.370  -7.984  -14.062 1.00 26.29 ? 168 HIS A ND1 1 
ATOM   1363 C  CD2 . HIS A 1 168 ? -4.922  -9.492  -14.321 1.00 23.77 ? 168 HIS A CD2 1 
ATOM   1364 C  CE1 . HIS A 1 168 ? -2.832  -8.978  -14.748 1.00 22.99 ? 168 HIS A CE1 1 
ATOM   1365 N  NE2 . HIS A 1 168 ? -3.754  -9.907  -14.919 1.00 25.15 ? 168 HIS A NE2 1 
ATOM   1366 N  N   . GLU A 1 169 ? -8.565  -5.764  -12.758 1.00 25.64 ? 169 GLU A N   1 
ATOM   1367 C  CA  . GLU A 1 169 ? -9.362  -4.756  -12.073 1.00 25.87 ? 169 GLU A CA  1 
ATOM   1368 C  C   . GLU A 1 169 ? -9.278  -4.954  -10.561 1.00 25.37 ? 169 GLU A C   1 
ATOM   1369 O  O   . GLU A 1 169 ? -9.663  -6.000  -10.040 1.00 24.69 ? 169 GLU A O   1 
ATOM   1370 C  CB  . GLU A 1 169 ? -10.831 -4.794  -12.548 1.00 26.38 ? 169 GLU A CB  1 
ATOM   1371 C  CG  . GLU A 1 169 ? -11.756 -3.884  -11.729 1.00 27.96 ? 169 GLU A CG  1 
ATOM   1372 C  CD  . GLU A 1 169 ? -13.116 -3.598  -12.383 0.80 30.79 ? 169 GLU A CD  1 
ATOM   1373 O  OE1 . GLU A 1 169 ? -13.383 -4.076  -13.506 0.80 31.60 ? 169 GLU A OE1 1 
ATOM   1374 O  OE2 . GLU A 1 169 ? -13.923 -2.882  -11.755 0.80 32.15 ? 169 GLU A OE2 1 
ATOM   1375 N  N   . VAL A 1 170 ? -8.762  -3.943  -9.873  1.00 25.11 ? 170 VAL A N   1 
ATOM   1376 C  CA  . VAL A 1 170 ? -8.642  -3.970  -8.419  1.00 25.37 ? 170 VAL A CA  1 
ATOM   1377 C  C   . VAL A 1 170 ? -9.708  -3.075  -7.815  1.00 25.51 ? 170 VAL A C   1 
ATOM   1378 O  O   . VAL A 1 170 ? -9.630  -1.855  -7.910  1.00 25.89 ? 170 VAL A O   1 
ATOM   1379 C  CB  . VAL A 1 170 ? -7.235  -3.506  -7.958  1.00 25.39 ? 170 VAL A CB  1 
ATOM   1380 C  CG1 . VAL A 1 170 ? -7.139  -3.519  -6.429  1.00 25.43 ? 170 VAL A CG1 1 
ATOM   1381 C  CG2 . VAL A 1 170 ? -6.150  -4.383  -8.602  1.00 24.83 ? 170 VAL A CG2 1 
ATOM   1382 N  N   . GLN A 1 171 ? -10.698 -3.697  -7.188  1.00 25.68 ? 171 GLN A N   1 
ATOM   1383 C  CA  . GLN A 1 171 ? -11.773 -2.966  -6.544  1.00 27.05 ? 171 GLN A CA  1 
ATOM   1384 C  C   . GLN A 1 171 ? -11.597 -3.023  -5.027  1.00 26.79 ? 171 GLN A C   1 
ATOM   1385 O  O   . GLN A 1 171 ? -11.777 -4.071  -4.410  1.00 26.67 ? 171 GLN A O   1 
ATOM   1386 C  CB  . GLN A 1 171 ? -13.137 -3.527  -6.975  1.00 27.68 ? 171 GLN A CB  1 
ATOM   1387 C  CG  . GLN A 1 171 ? -14.308 -2.668  -6.515  1.00 31.31 ? 171 GLN A CG  1 
ATOM   1388 C  CD  . GLN A 1 171 ? -14.176 -1.217  -6.974  0.85 33.71 ? 171 GLN A CD  1 
ATOM   1389 O  OE1 . GLN A 1 171 ? -14.123 -0.939  -8.167  1.00 34.26 ? 171 GLN A OE1 1 
ATOM   1390 N  NE2 . GLN A 1 171 ? -14.112 -0.291  -6.017  1.00 36.30 ? 171 GLN A NE2 1 
ATOM   1391 N  N   . LEU A 1 172 ? -11.210 -1.899  -4.434  1.00 26.31 ? 172 LEU A N   1 
ATOM   1392 C  CA  . LEU A 1 172 ? -10.907 -1.888  -3.008  1.00 26.64 ? 172 LEU A CA  1 
ATOM   1393 C  C   . LEU A 1 172 ? -12.207 -1.873  -2.237  1.00 26.44 ? 172 LEU A C   1 
ATOM   1394 O  O   . LEU A 1 172 ? -13.157 -1.217  -2.640  1.00 26.08 ? 172 LEU A O   1 
ATOM   1395 C  CB  . LEU A 1 172 ? -10.075 -0.661  -2.651  1.00 26.59 ? 172 LEU A CB  1 
ATOM   1396 C  CG  . LEU A 1 172 ? -8.737  -0.512  -3.371  1.00 27.49 ? 172 LEU A CG  1 
ATOM   1397 C  CD1 . LEU A 1 172 ? -8.153  0.842   -3.006  1.00 28.32 ? 172 LEU A CD1 1 
ATOM   1398 C  CD2 . LEU A 1 172 ? -7.743  -1.675  -3.046  1.00 28.78 ? 172 LEU A CD2 1 
ATOM   1399 N  N   . GLN A 1 173 ? -12.258 -2.629  -1.148  1.00 26.66 ? 173 GLN A N   1 
ATOM   1400 C  CA  . GLN A 1 173 ? -13.399 -2.562  -0.238  1.00 27.08 ? 173 GLN A CA  1 
ATOM   1401 C  C   . GLN A 1 173 ? -13.045 -1.619  0.899   1.00 26.21 ? 173 GLN A C   1 
ATOM   1402 O  O   . GLN A 1 173 ? -12.154 -1.922  1.680   1.00 25.95 ? 173 GLN A O   1 
ATOM   1403 C  CB  . GLN A 1 173 ? -13.747 -3.944  0.327   1.00 27.58 ? 173 GLN A CB  1 
ATOM   1404 C  CG  . GLN A 1 173 ? -14.939 -3.890  1.330   1.00 30.36 ? 173 GLN A CG  1 
ATOM   1405 C  CD  . GLN A 1 173 ? -15.251 -5.231  1.990   0.80 33.96 ? 173 GLN A CD  1 
ATOM   1406 O  OE1 . GLN A 1 173 ? -14.379 -5.874  2.573   0.80 36.13 ? 173 GLN A OE1 1 
ATOM   1407 N  NE2 . GLN A 1 173 ? -16.508 -5.642  1.915   0.80 36.35 ? 173 GLN A NE2 1 
ATOM   1408 N  N   . TRP A 1 174 ? -13.742 -0.496  1.007   1.00 25.52 ? 174 TRP A N   1 
ATOM   1409 C  CA  . TRP A 1 174 ? -13.484 0.460   2.096   1.00 25.28 ? 174 TRP A CA  1 
ATOM   1410 C  C   . TRP A 1 174 ? -14.125 0.015   3.406   1.00 25.20 ? 174 TRP A C   1 
ATOM   1411 O  O   . TRP A 1 174 ? -15.346 -0.166  3.469   1.00 24.90 ? 174 TRP A O   1 
ATOM   1412 C  CB  . TRP A 1 174 ? -13.926 1.887   1.690   1.00 25.22 ? 174 TRP A CB  1 
ATOM   1413 C  CG  . TRP A 1 174 ? -12.962 2.429   0.701   1.00 25.39 ? 174 TRP A CG  1 
ATOM   1414 C  CD1 . TRP A 1 174 ? -13.057 2.358   -0.664  1.00 26.35 ? 174 TRP A CD1 1 
ATOM   1415 C  CD2 . TRP A 1 174 ? -11.704 3.045   0.988   1.00 25.46 ? 174 TRP A CD2 1 
ATOM   1416 N  NE1 . TRP A 1 174 ? -11.933 2.917   -1.243  1.00 26.31 ? 174 TRP A NE1 1 
ATOM   1417 C  CE2 . TRP A 1 174 ? -11.092 3.346   -0.249  1.00 25.75 ? 174 TRP A CE2 1 
ATOM   1418 C  CE3 . TRP A 1 174 ? -11.038 3.394   2.181   1.00 26.50 ? 174 TRP A CE3 1 
ATOM   1419 C  CZ2 . TRP A 1 174 ? -9.849  3.978   -0.335  1.00 25.99 ? 174 TRP A CZ2 1 
ATOM   1420 C  CZ3 . TRP A 1 174 ? -9.790  4.002   2.093   1.00 26.15 ? 174 TRP A CZ3 1 
ATOM   1421 C  CH2 . TRP A 1 174 ? -9.214  4.297   0.846   1.00 25.49 ? 174 TRP A CH2 1 
ATOM   1422 N  N   . LEU A 1 175 ? -13.306 -0.170  4.442   1.00 23.89 ? 175 LEU A N   1 
ATOM   1423 C  CA  . LEU A 1 175 ? -13.805 -0.509  5.775   1.00 24.31 ? 175 LEU A CA  1 
ATOM   1424 C  C   . LEU A 1 175 ? -14.073 0.751   6.621   1.00 24.57 ? 175 LEU A C   1 
ATOM   1425 O  O   . LEU A 1 175 ? -15.073 0.829   7.343   1.00 24.10 ? 175 LEU A O   1 
ATOM   1426 C  CB  . LEU A 1 175 ? -12.832 -1.444  6.516   1.00 24.24 ? 175 LEU A CB  1 
ATOM   1427 C  CG  . LEU A 1 175 ? -12.861 -2.922  6.108   1.00 26.45 ? 175 LEU A CG  1 
ATOM   1428 C  CD1 . LEU A 1 175 ? -12.320 -3.133  4.732   1.00 26.48 ? 175 LEU A CD1 1 
ATOM   1429 C  CD2 . LEU A 1 175 ? -12.111 -3.819  7.125   1.00 26.56 ? 175 LEU A CD2 1 
ATOM   1430 N  N   . THR A 1 176 ? -13.178 1.731   6.519   1.00 24.53 ? 176 THR A N   1 
ATOM   1431 C  CA  . THR A 1 176 ? -13.345 3.009   7.211   1.00 24.68 ? 176 THR A CA  1 
ATOM   1432 C  C   . THR A 1 176 ? -12.632 4.105   6.420   1.00 24.35 ? 176 THR A C   1 
ATOM   1433 O  O   . THR A 1 176 ? -11.628 3.840   5.752   1.00 23.87 ? 176 THR A O   1 
ATOM   1434 C  CB  . THR A 1 176 ? -12.821 2.949   8.679   1.00 25.42 ? 176 THR A CB  1 
ATOM   1435 O  OG1 . THR A 1 176 ? -13.290 4.096   9.403   1.00 26.72 ? 176 THR A OG1 1 
ATOM   1436 C  CG2 . THR A 1 176 ? -11.302 2.927   8.715   1.00 25.39 ? 176 THR A CG2 1 
ATOM   1437 N  N   . GLY A 1 177 ? -13.158 5.320   6.481   1.00 23.70 ? 177 GLY A N   1 
ATOM   1438 C  CA  . GLY A 1 177 ? -12.489 6.465   5.870   1.00 24.14 ? 177 GLY A CA  1 
ATOM   1439 C  C   . GLY A 1 177 ? -12.519 6.375   4.356   1.00 24.62 ? 177 GLY A C   1 
ATOM   1440 O  O   . GLY A 1 177 ? -13.454 5.804   3.782   1.00 23.97 ? 177 GLY A O   1 
ATOM   1441 N  N   . GLU A 1 178 ? -11.499 6.940   3.704   1.00 24.84 ? 178 GLU A N   1 
ATOM   1442 C  CA  . GLU A 1 178 ? -11.542 7.148   2.258   1.00 25.17 ? 178 GLU A CA  1 
ATOM   1443 C  C   . GLU A 1 178 ? -10.142 7.404   1.708   1.00 25.42 ? 178 GLU A C   1 
ATOM   1444 O  O   . GLU A 1 178 ? -9.175  7.589   2.466   1.00 24.68 ? 178 GLU A O   1 
ATOM   1445 C  CB  . GLU A 1 178 ? -12.441 8.352   1.916   1.00 26.15 ? 178 GLU A CB  1 
ATOM   1446 C  CG  . GLU A 1 178 ? -11.965 9.684   2.504   1.00 27.70 ? 178 GLU A CG  1 
ATOM   1447 C  CD  . GLU A 1 178 ? -12.840 10.881  2.135   0.80 33.29 ? 178 GLU A CD  1 
ATOM   1448 O  OE1 . GLU A 1 178 ? -12.456 12.015  2.497   0.80 35.81 ? 178 GLU A OE1 1 
ATOM   1449 O  OE2 . GLU A 1 178 ? -13.900 10.711  1.486   1.00 36.66 ? 178 GLU A OE2 1 
ATOM   1450 N  N   . ARG A 1 179 ? -10.030 7.431   0.388   1.00 25.11 ? 179 ARG A N   1 
ATOM   1451 C  CA  . ARG A 1 179 ? -8.724  7.652   -0.239  1.00 26.26 ? 179 ARG A CA  1 
ATOM   1452 C  C   . ARG A 1 179 ? -8.141  9.022   0.121   1.00 26.43 ? 179 ARG A C   1 
ATOM   1453 O  O   . ARG A 1 179 ? -6.923  9.150   0.314   1.00 26.06 ? 179 ARG A O   1 
ATOM   1454 C  CB  . ARG A 1 179 ? -8.818  7.488   -1.750  1.00 25.96 ? 179 ARG A CB  1 
ATOM   1455 C  CG  . ARG A 1 179 ? -7.562  7.860   -2.491  1.00 27.14 ? 179 ARG A CG  1 
ATOM   1456 C  CD  . ARG A 1 179 ? -7.803  7.771   -4.008  1.00 26.76 ? 179 ARG A CD  1 
ATOM   1457 N  NE  . ARG A 1 179 ? -6.532  7.713   -4.718  1.00 27.61 ? 179 ARG A NE  1 
ATOM   1458 C  CZ  . ARG A 1 179 ? -6.374  8.021   -6.008  1.00 30.03 ? 179 ARG A CZ  1 
ATOM   1459 N  NH1 . ARG A 1 179 ? -7.403  8.429   -6.748  1.00 28.09 ? 179 ARG A NH1 1 
ATOM   1460 N  NH2 . ARG A 1 179 ? -5.172  7.955   -6.548  1.00 30.03 ? 179 ARG A NH2 1 
ATOM   1461 N  N   . GLY A 1 180 ? -9.024  10.017  0.233   1.00 27.11 ? 180 GLY A N   1 
ATOM   1462 C  CA  . GLY A 1 180 ? -8.647  11.405  0.527   1.00 28.75 ? 180 GLY A CA  1 
ATOM   1463 C  C   . GLY A 1 180 ? -8.336  12.185  -0.735  0.80 29.62 ? 180 GLY A C   1 
ATOM   1464 O  O   . GLY A 1 180 ? -8.507  11.665  -1.847  0.90 30.55 ? 180 GLY A O   1 
ATOM   1465 O  OXT . GLY A 1 180 ? -7.902  13.340  -0.679  0.60 29.79 ? 180 GLY A OXT 1 
HETATM 1466 NA NA  . NA  B 2 .   ? 6.878   -8.624  -5.880  1.00 40.72 ? 181 NA  A NA  1 
HETATM 1467 O  O1  . SRT C 3 .   ? 0.326   -7.521  8.415   1.00 36.00 ? 201 SRT A O1  1 
HETATM 1468 O  O11 . SRT C 3 .   ? 0.963   -7.930  10.461  1.00 38.93 ? 201 SRT A O11 1 
HETATM 1469 C  C1  . SRT C 3 .   ? 1.150   -7.429  9.336   1.00 38.28 ? 201 SRT A C1  1 
HETATM 1470 C  C2  . SRT C 3 .   ? 2.401   -6.648  9.027   0.60 40.03 ? 201 SRT A C2  1 
HETATM 1471 O  O2  . SRT C 3 .   ? 3.645   -7.298  9.332   1.00 41.51 ? 201 SRT A O2  1 
HETATM 1472 C  C3  . SRT C 3 .   ? 2.263   -5.324  9.741   1.00 39.46 ? 201 SRT A C3  1 
HETATM 1473 O  O3  . SRT C 3 .   ? 1.417   -4.563  8.874   1.00 36.89 ? 201 SRT A O3  1 
HETATM 1474 C  C4  . SRT C 3 .   ? 3.603   -4.656  9.981   0.60 39.48 ? 201 SRT A C4  1 
HETATM 1475 O  O4  . SRT C 3 .   ? 4.498   -4.633  9.093   1.00 40.20 ? 201 SRT A O4  1 
HETATM 1476 O  O41 . SRT C 3 .   ? 3.775   -4.131  11.102  0.60 39.08 ? 201 SRT A O41 1 
HETATM 1477 O  O   . HOH D 4 .   ? -3.722  9.822   11.301  1.00 33.86 ? 202 HOH A O   1 
HETATM 1478 O  O   . HOH D 4 .   ? 4.370   -11.184 3.927   1.00 21.49 ? 203 HOH A O   1 
HETATM 1479 O  O   . HOH D 4 .   ? 7.592   8.906   -4.827  1.00 24.98 ? 204 HOH A O   1 
HETATM 1480 O  O   . HOH D 4 .   ? 6.067   -15.021 -1.859  1.00 23.02 ? 205 HOH A O   1 
HETATM 1481 O  O   . HOH D 4 .   ? -1.100  4.500   -17.396 1.00 26.48 ? 206 HOH A O   1 
HETATM 1482 O  O   . HOH D 4 .   ? -11.023 -6.488  -7.643  1.00 26.11 ? 207 HOH A O   1 
HETATM 1483 O  O   . HOH D 4 .   ? 0.639   -4.927  14.635  1.00 29.86 ? 208 HOH A O   1 
HETATM 1484 O  O   . HOH D 4 .   ? -6.142  -5.187  17.738  1.00 25.39 ? 209 HOH A O   1 
HETATM 1485 O  O   . HOH D 4 .   ? 1.973   -8.000  -11.806 1.00 21.32 ? 210 HOH A O   1 
HETATM 1486 O  O   . HOH D 4 .   ? -2.268  8.505   -7.818  1.00 25.12 ? 211 HOH A O   1 
HETATM 1487 O  O   . HOH D 4 .   ? 4.585   -4.634  5.701   1.00 28.88 ? 212 HOH A O   1 
HETATM 1488 O  O   . HOH D 4 .   ? -3.143  -13.186 1.856   1.00 31.21 ? 213 HOH A O   1 
HETATM 1489 O  O   . HOH D 4 .   ? -10.714 9.854   6.656   1.00 33.04 ? 214 HOH A O   1 
HETATM 1490 O  O   . HOH D 4 .   ? -10.291 7.558   11.942  1.00 32.82 ? 215 HOH A O   1 
HETATM 1491 O  O   . HOH D 4 .   ? 2.706   -2.710  7.011   1.00 24.59 ? 216 HOH A O   1 
HETATM 1492 O  O   . HOH D 4 .   ? -11.664 3.256   -4.153  1.00 29.28 ? 217 HOH A O   1 
HETATM 1493 O  O   . HOH D 4 .   ? -15.988 0.061   -0.701  1.00 31.85 ? 218 HOH A O   1 
HETATM 1494 O  O   . HOH D 4 .   ? -1.899  10.698  -5.881  1.00 29.06 ? 219 HOH A O   1 
HETATM 1495 O  O   . HOH D 4 .   ? -0.775  -4.759  20.988  1.00 30.81 ? 220 HOH A O   1 
HETATM 1496 O  O   . HOH D 4 .   ? -9.492  -8.552  -13.318 1.00 37.18 ? 221 HOH A O   1 
HETATM 1497 O  O   . HOH D 4 .   ? -13.010 -11.000 15.719  1.00 31.49 ? 222 HOH A O   1 
HETATM 1498 O  O   . HOH D 4 .   ? -4.375  -0.459  -16.841 1.00 34.17 ? 223 HOH A O   1 
HETATM 1499 O  O   . HOH D 4 .   ? 0.826   9.843   0.193   1.00 25.75 ? 224 HOH A O   1 
HETATM 1500 O  O   . HOH D 4 .   ? 11.086  4.663   -1.857  1.00 29.94 ? 225 HOH A O   1 
HETATM 1501 O  O   . HOH D 4 .   ? -8.832  -12.301 9.884   1.00 27.84 ? 226 HOH A O   1 
HETATM 1502 O  O   . HOH D 4 .   ? -11.355 -12.469 -3.733  1.00 39.65 ? 227 HOH A O   1 
HETATM 1503 O  O   . HOH D 4 .   ? 5.880   0.298   -16.801 1.00 33.52 ? 228 HOH A O   1 
HETATM 1504 O  O   . HOH D 4 .   ? 10.059  9.998   -5.894  1.00 43.86 ? 229 HOH A O   1 
HETATM 1505 O  O   . HOH D 4 .   ? -6.810  -10.323 0.293   1.00 29.57 ? 230 HOH A O   1 
HETATM 1506 O  O   . HOH D 4 .   ? -11.331 -11.280 -1.127  1.00 45.33 ? 231 HOH A O   1 
HETATM 1507 O  O   . HOH D 4 .   ? -7.471  -10.564 -13.582 1.00 38.67 ? 232 HOH A O   1 
HETATM 1508 O  O   . HOH D 4 .   ? -8.694  -8.657  2.033   1.00 36.12 ? 233 HOH A O   1 
HETATM 1509 O  O   . HOH D 4 .   ? -11.697 12.899  -13.638 1.00 37.90 ? 234 HOH A O   1 
HETATM 1510 O  O   . HOH D 4 .   ? -10.215 8.215   -6.387  1.00 32.95 ? 235 HOH A O   1 
HETATM 1511 O  O   . HOH D 4 .   ? 6.531   11.491  -15.633 1.00 42.64 ? 236 HOH A O   1 
HETATM 1512 O  O   . HOH D 4 .   ? -1.462  11.052  -1.895  1.00 33.45 ? 237 HOH A O   1 
HETATM 1513 O  O   . HOH D 4 .   ? 13.134  0.670   -11.536 1.00 40.97 ? 238 HOH A O   1 
HETATM 1514 O  O   . HOH D 4 .   ? -1.497  13.322  -5.951  1.00 35.68 ? 239 HOH A O   1 
HETATM 1515 O  O   . HOH D 4 .   ? 8.747   3.976   -15.507 1.00 36.83 ? 240 HOH A O   1 
HETATM 1516 O  O   . HOH D 4 .   ? 0.173   -17.192 -2.492  1.00 41.92 ? 241 HOH A O   1 
HETATM 1517 O  O   . HOH D 4 .   ? 7.149   -6.831  -15.239 1.00 37.09 ? 242 HOH A O   1 
HETATM 1518 O  O   . HOH D 4 .   ? -19.660 2.896   6.113   1.00 59.40 ? 243 HOH A O   1 
HETATM 1519 O  O   . HOH D 4 .   ? 12.576  1.333   -1.632  1.00 35.12 ? 244 HOH A O   1 
HETATM 1520 O  O   . HOH D 4 .   ? 11.285  8.058   -11.494 1.00 35.44 ? 245 HOH A O   1 
HETATM 1521 O  O   . HOH D 4 .   ? 3.957   14.724  -6.791  1.00 39.59 ? 246 HOH A O   1 
HETATM 1522 O  O   . HOH D 4 .   ? 11.780  5.620   3.701   1.00 32.02 ? 247 HOH A O   1 
HETATM 1523 O  O   . HOH D 4 .   ? -11.939 -13.817 6.497   1.00 43.57 ? 248 HOH A O   1 
HETATM 1524 O  O   . HOH D 4 .   ? 1.905   -15.697 0.380   1.00 35.49 ? 249 HOH A O   1 
HETATM 1525 O  O   . HOH D 4 .   ? -12.426 6.864   -1.492  1.00 30.40 ? 250 HOH A O   1 
HETATM 1526 O  O   . HOH D 4 .   ? -17.432 2.164   4.346   1.00 51.28 ? 251 HOH A O   1 
HETATM 1527 O  O   . HOH D 4 .   ? -2.292  7.917   -20.142 1.00 34.03 ? 252 HOH A O   1 
HETATM 1528 O  O   . HOH D 4 .   ? -15.699 6.200   7.629   1.00 41.57 ? 253 HOH A O   1 
HETATM 1529 O  O   . HOH D 4 .   ? 11.638  -15.104 6.943   1.00 35.31 ? 254 HOH A O   1 
HETATM 1530 O  O   . HOH D 4 .   ? 11.374  -14.739 0.932   1.00 35.84 ? 255 HOH A O   1 
HETATM 1531 O  O   . HOH D 4 .   ? -2.664  1.642   22.145  1.00 37.76 ? 256 HOH A O   1 
HETATM 1532 O  O   . HOH D 4 .   ? 4.034   -2.195  16.455  1.00 39.80 ? 257 HOH A O   1 
HETATM 1533 O  O   . HOH D 4 .   ? 4.794   3.608   14.706  1.00 45.72 ? 258 HOH A O   1 
HETATM 1534 O  O   . HOH D 4 .   ? -11.791 -11.129 4.350   1.00 42.73 ? 259 HOH A O   1 
HETATM 1535 O  O   . HOH D 4 .   ? -10.582 4.445   19.294  1.00 36.66 ? 260 HOH A O   1 
HETATM 1536 O  O   . HOH D 4 .   ? 9.302   -13.010 -7.119  1.00 43.39 ? 261 HOH A O   1 
HETATM 1537 O  O   . HOH D 4 .   ? 9.336   12.157  11.898  1.00 45.53 ? 262 HOH A O   1 
HETATM 1538 O  O   . HOH D 4 .   ? 12.791  -11.713 -13.242 1.00 43.98 ? 263 HOH A O   1 
HETATM 1539 O  O   . HOH D 4 .   ? -4.908  11.066  0.216   1.00 27.31 ? 264 HOH A O   1 
HETATM 1540 O  O   . HOH D 4 .   ? 6.321   -3.484  11.457  1.00 27.48 ? 265 HOH A O   1 
HETATM 1541 O  O   . HOH D 4 .   ? -14.163 2.235   13.378  1.00 38.72 ? 266 HOH A O   1 
HETATM 1542 O  O   . HOH D 4 .   ? -10.345 0.155   -6.144  1.00 34.75 ? 267 HOH A O   1 
HETATM 1543 O  O   . HOH D 4 .   ? 3.274   -0.706  18.536  1.00 41.05 ? 268 HOH A O   1 
HETATM 1544 O  O   . HOH D 4 .   ? 1.556   -2.363  19.260  1.00 47.38 ? 269 HOH A O   1 
HETATM 1545 O  O   . HOH D 4 .   ? 5.429   -2.017  8.608   1.00 33.43 ? 270 HOH A O   1 
HETATM 1546 O  O   . HOH D 4 .   ? -12.525 8.214   -15.126 1.00 40.16 ? 271 HOH A O   1 
HETATM 1547 O  O   . HOH D 4 .   ? -16.391 2.101   11.820  1.00 40.94 ? 272 HOH A O   1 
HETATM 1548 O  O   . HOH D 4 .   ? -11.133 5.163   12.759  1.00 46.57 ? 273 HOH A O   1 
HETATM 1549 O  O   . HOH D 4 .   ? -6.784  -8.930  -20.002 1.00 46.24 ? 274 HOH A O   1 
HETATM 1550 O  O   . HOH D 4 .   ? -8.462  -4.664  19.223  1.00 35.66 ? 275 HOH A O   1 
HETATM 1551 O  O   . HOH D 4 .   ? -11.731 7.675   9.120   1.00 40.62 ? 276 HOH A O   1 
HETATM 1552 O  O   . HOH D 4 .   ? 9.160   -10.889 9.786   1.00 45.13 ? 277 HOH A O   1 
HETATM 1553 O  O   . HOH D 4 .   ? -4.338  -2.031  -20.800 1.00 46.75 ? 278 HOH A O   1 
HETATM 1554 O  O   . HOH D 4 .   ? -8.180  5.262   20.874  1.00 40.81 ? 279 HOH A O   1 
HETATM 1555 O  O   . HOH D 4 .   ? 14.190  -14.041 7.849   1.00 48.17 ? 280 HOH A O   1 
HETATM 1556 O  O   . HOH D 4 .   ? 1.267   7.730   22.738  1.00 54.60 ? 281 HOH A O   1 
HETATM 1557 O  O   . HOH D 4 .   ? 6.877   4.061   16.145  1.00 49.04 ? 282 HOH A O   1 
HETATM 1558 O  O   . HOH D 4 .   ? 2.947   -17.681 -13.330 1.00 38.11 ? 283 HOH A O   1 
HETATM 1559 O  O   . HOH D 4 .   ? -16.853 0.529   19.026  1.00 40.04 ? 284 HOH A O   1 
HETATM 1560 O  O   . HOH D 4 .   ? 12.748  -9.010  -14.936 1.00 37.89 ? 285 HOH A O   1 
HETATM 1561 O  O   . HOH D 4 .   ? 10.654  -6.008  2.222   1.00 38.46 ? 286 HOH A O   1 
HETATM 1562 O  O   . HOH D 4 .   ? -16.725 4.163   9.402   1.00 40.75 ? 287 HOH A O   1 
HETATM 1563 O  O   . HOH D 4 .   ? -8.377  11.725  -4.300  1.00 40.67 ? 288 HOH A O   1 
HETATM 1564 O  O   . HOH D 4 .   ? 8.978   -2.300  -21.477 1.00 62.50 ? 289 HOH A O   1 
HETATM 1565 O  O   . HOH D 4 .   ? -14.591 9.291   5.405   1.00 51.12 ? 290 HOH A O   1 
HETATM 1566 O  O   . HOH D 4 .   ? -4.213  14.762  -2.341  1.00 54.85 ? 291 HOH A O   1 
HETATM 1567 O  O   . HOH D 4 .   ? -2.064  18.135  -2.267  1.00 50.88 ? 292 HOH A O   1 
HETATM 1568 O  O   . HOH D 4 .   ? 1.621   -4.271  17.385  1.00 43.76 ? 293 HOH A O   1 
HETATM 1569 O  O   . HOH D 4 .   ? 6.575   -4.562  3.782   1.00 39.14 ? 294 HOH A O   1 
HETATM 1570 O  O   . HOH D 4 .   ? 14.629  2.413   -10.096 1.00 42.22 ? 295 HOH A O   1 
HETATM 1571 O  O   . HOH D 4 .   ? 4.523   16.121  0.289   1.00 47.94 ? 296 HOH A O   1 
HETATM 1572 O  O   . HOH D 4 .   ? -11.815 10.597  -0.916  1.00 44.25 ? 297 HOH A O   1 
HETATM 1573 O  O   . HOH D 4 .   ? -16.941 14.013  5.513   1.00 51.99 ? 298 HOH A O   1 
HETATM 1574 O  O   . HOH D 4 .   ? -2.553  11.058  0.609   1.00 41.79 ? 299 HOH A O   1 
HETATM 1575 O  O   . HOH D 4 .   ? 7.389   -1.705  9.993   1.00 23.02 ? 300 HOH A O   1 
HETATM 1576 O  O   . HOH D 4 .   ? 4.384   -4.505  15.471  1.00 45.39 ? 301 HOH A O   1 
HETATM 1577 O  O   . HOH D 4 .   ? -6.436  7.433   2.788   1.00 25.54 ? 302 HOH A O   1 
HETATM 1578 O  O   . HOH D 4 .   ? -11.471 6.017   -3.939  1.00 36.44 ? 303 HOH A O   1 
HETATM 1579 O  O   . HOH D 4 .   ? -0.132  -7.011  -21.456 1.00 53.92 ? 304 HOH A O   1 
HETATM 1580 O  O   . HOH D 4 .   ? -15.037 5.448   1.561   1.00 47.43 ? 305 HOH A O   1 
HETATM 1581 O  O   . HOH D 4 .   ? -10.380 12.528  3.666   1.00 51.05 ? 306 HOH A O   1 
HETATM 1582 O  O   . HOH D 4 .   ? 4.122   -0.829  -18.495 1.00 35.57 ? 307 HOH A O   1 
HETATM 1583 O  O   . HOH D 4 .   ? 0.806   14.716  -12.891 1.00 37.84 ? 308 HOH A O   1 
HETATM 1584 O  O   . HOH D 4 .   ? 2.487   -2.997  -18.690 1.00 39.71 ? 309 HOH A O   1 
HETATM 1585 O  O   . HOH D 4 .   ? -4.059  -10.900 11.957  1.00 30.91 ? 310 HOH A O   1 
HETATM 1586 O  O   . HOH D 4 .   ? -12.330 -5.168  19.780  1.00 34.99 ? 311 HOH A O   1 
HETATM 1587 O  O   . HOH D 4 .   ? 14.206  0.114   -13.758 1.00 41.73 ? 312 HOH A O   1 
# 
